data_6ITE
#
_entry.id   6ITE
#
_cell.length_a   135.427
_cell.length_b   82.781
_cell.length_c   148.921
_cell.angle_alpha   90.00
_cell.angle_beta   102.05
_cell.angle_gamma   90.00
#
_symmetry.space_group_name_H-M   'C 1 2 1'
#
loop_
_entity.id
_entity.type
_entity.pdbx_description
1 polymer 'Glyceraldehyde-3-phosphate dehydrogenase'
2 non-polymer NICOTINAMIDE-ADENINE-DINUCLEOTIDE
3 non-polymer 'SULFATE ION'
4 water water
#
_entity_poly.entity_id   1
_entity_poly.type   'polypeptide(L)'
_entity_poly.pdbx_seq_one_letter_code
;HHHHHHMVVKVGINGFGRIGRLAFRRIQNIEGVEVTRINDLTDPNMLAHLLKYDTTQGRFDGTVEVKEGGFEVNGNFIKV
SAERDPENIDWATDGVEIVLEATGFFAKKEAAEKHLHANGAKKVVITAPGGNDVKTVVFNTNHDILDGTETVISGASCTT
NCLAPMAKALHDAFGIQKGLMTTIHAYTGDQMILDGPHRGGDLRRARAGAANIVPNSTGAAKAIGLVIPELNGKLDGAAQ
RVPVPTGSVTELVVTLDKNVSVDEINSAMKAASNDSFGYTEDPIVSSDIVGVSYGSLFDATQTKVMEVDGSQLVKVVSWY
DNEMSYTAQLVRTLEYFAKIAK
;
_entity_poly.pdbx_strand_id   P,Q,R,O
#
loop_
_chem_comp.id
_chem_comp.type
_chem_comp.name
_chem_comp.formula
NAD non-polymer NICOTINAMIDE-ADENINE-DINUCLEOTIDE 'C21 H27 N7 O14 P2'
SO4 non-polymer 'SULFATE ION' 'O4 S -2'
#
# COMPACT_ATOMS: atom_id res chain seq x y z
N HIS A 4 39.48 11.19 21.23
CA HIS A 4 39.39 10.90 22.66
C HIS A 4 39.08 12.17 23.46
N HIS A 5 37.87 12.24 24.02
CA HIS A 5 37.45 13.38 24.82
C HIS A 5 36.24 12.98 25.65
N HIS A 6 35.99 13.78 26.71
CA HIS A 6 34.87 13.57 27.61
C HIS A 6 33.99 14.81 27.70
N MET A 7 33.95 15.62 26.64
CA MET A 7 33.15 16.84 26.64
C MET A 7 31.76 16.52 26.10
N VAL A 8 30.95 15.87 26.95
CA VAL A 8 29.65 15.37 26.53
C VAL A 8 28.63 15.63 27.64
N VAL A 9 27.39 15.90 27.23
CA VAL A 9 26.22 15.90 28.10
C VAL A 9 25.50 14.58 27.87
N LYS A 10 25.17 13.88 28.97
CA LYS A 10 24.55 12.57 28.86
C LYS A 10 23.03 12.70 28.78
N VAL A 11 22.44 11.97 27.83
CA VAL A 11 21.01 12.04 27.51
C VAL A 11 20.40 10.68 27.74
N GLY A 12 19.12 10.67 28.14
CA GLY A 12 18.33 9.45 28.18
C GLY A 12 17.17 9.60 27.20
N ILE A 13 16.71 8.46 26.69
CA ILE A 13 15.56 8.44 25.78
C ILE A 13 14.47 7.65 26.46
N ASN A 14 13.30 8.29 26.64
CA ASN A 14 12.10 7.59 27.09
C ASN A 14 11.20 7.38 25.88
N GLY A 15 11.00 6.10 25.53
CA GLY A 15 10.28 5.78 24.30
C GLY A 15 11.23 5.64 23.13
N PHE A 16 11.71 4.41 22.91
CA PHE A 16 12.67 4.12 21.84
C PHE A 16 11.89 3.75 20.57
N GLY A 17 11.04 4.67 20.16
CA GLY A 17 10.13 4.49 19.04
C GLY A 17 10.72 5.05 17.75
N ARG A 18 9.83 5.44 16.83
CA ARG A 18 10.32 6.04 15.59
C ARG A 18 11.17 7.28 15.87
N ILE A 19 10.63 8.24 16.63
CA ILE A 19 11.41 9.45 16.91
C ILE A 19 12.57 9.15 17.86
N GLY A 20 12.35 8.30 18.87
CA GLY A 20 13.43 8.01 19.80
C GLY A 20 14.61 7.33 19.13
N ARG A 21 14.34 6.35 18.26
CA ARG A 21 15.44 5.63 17.61
C ARG A 21 16.14 6.51 16.59
N LEU A 22 15.39 7.30 15.81
CA LEU A 22 16.06 8.17 14.85
C LEU A 22 16.86 9.26 15.56
N ALA A 23 16.35 9.77 16.69
CA ALA A 23 17.15 10.70 17.49
C ALA A 23 18.45 10.06 17.94
N PHE A 24 18.38 8.81 18.42
CA PHE A 24 19.59 8.08 18.77
C PHE A 24 20.54 8.02 17.57
N ARG A 25 20.02 7.70 16.38
CA ARG A 25 20.86 7.64 15.19
C ARG A 25 21.57 8.97 14.92
N ARG A 26 20.84 10.08 15.00
CA ARG A 26 21.45 11.37 14.71
C ARG A 26 22.44 11.78 15.80
N ILE A 27 22.17 11.43 17.05
CA ILE A 27 23.09 11.76 18.13
C ILE A 27 24.43 11.06 17.95
N GLN A 28 24.45 9.95 17.22
CA GLN A 28 25.72 9.28 16.97
C GLN A 28 26.71 10.18 16.23
N ASN A 29 26.21 11.18 15.51
CA ASN A 29 27.07 12.11 14.77
C ASN A 29 27.20 13.47 15.44
N ILE A 30 26.83 13.57 16.71
CA ILE A 30 26.93 14.79 17.51
C ILE A 30 28.01 14.56 18.56
N GLU A 31 29.03 15.44 18.61
CA GLU A 31 30.11 15.22 19.57
C GLU A 31 29.69 15.52 21.00
N GLY A 32 28.81 16.49 21.21
CA GLY A 32 28.59 16.99 22.56
C GLY A 32 27.50 16.32 23.37
N VAL A 33 26.80 15.34 22.79
CA VAL A 33 25.75 14.63 23.50
C VAL A 33 25.95 13.13 23.29
N GLU A 34 25.62 12.36 24.32
CA GLU A 34 25.80 10.92 24.32
C GLU A 34 24.63 10.28 25.05
N VAL A 35 24.02 9.26 24.45
CA VAL A 35 22.90 8.56 25.08
C VAL A 35 23.45 7.45 25.95
N THR A 36 23.09 7.46 27.25
CA THR A 36 23.57 6.46 28.18
C THR A 36 22.46 5.54 28.69
N ARG A 37 21.19 5.87 28.45
CA ARG A 37 20.11 5.09 29.04
C ARG A 37 18.90 5.20 28.14
N ILE A 38 18.26 4.07 27.88
CA ILE A 38 17.01 4.00 27.14
C ILE A 38 15.98 3.34 28.04
N ASN A 39 14.76 3.90 28.05
CA ASN A 39 13.66 3.27 28.77
C ASN A 39 12.49 3.08 27.81
N ASP A 40 11.93 1.87 27.80
CA ASP A 40 10.78 1.58 26.95
C ASP A 40 9.93 0.57 27.70
N LEU A 41 9.28 -0.35 26.98
CA LEU A 41 8.39 -1.33 27.61
C LEU A 41 8.73 -2.75 27.18
N THR A 42 9.96 -3.01 26.75
CA THR A 42 10.26 -4.29 26.11
C THR A 42 11.69 -4.71 26.50
N ASP A 43 12.18 -5.77 25.85
CA ASP A 43 13.49 -6.25 26.27
C ASP A 43 14.56 -5.75 25.32
N PRO A 44 15.84 -5.84 25.72
CA PRO A 44 16.91 -5.27 24.89
C PRO A 44 17.00 -5.86 23.50
N ASN A 45 16.66 -7.13 23.29
N ASN A 45 16.71 -7.16 23.35
CA ASN A 45 16.81 -7.66 21.94
CA ASN A 45 16.69 -7.80 22.03
C ASN A 45 15.81 -7.03 20.99
C ASN A 45 15.83 -7.02 21.05
N MET A 46 14.59 -6.73 21.46
CA MET A 46 13.63 -6.04 20.61
C MET A 46 14.15 -4.66 20.22
N LEU A 47 14.70 -3.92 21.19
CA LEU A 47 15.17 -2.56 20.90
C LEU A 47 16.40 -2.59 20.02
N ALA A 48 17.35 -3.48 20.30
CA ALA A 48 18.55 -3.59 19.47
C ALA A 48 18.18 -3.93 18.04
N HIS A 49 17.23 -4.85 17.87
CA HIS A 49 16.82 -5.26 16.53
C HIS A 49 16.18 -4.10 15.79
N LEU A 50 15.30 -3.34 16.46
CA LEU A 50 14.64 -2.22 15.82
C LEU A 50 15.61 -1.09 15.51
N LEU A 51 16.68 -0.96 16.29
CA LEU A 51 17.70 0.03 15.94
C LEU A 51 18.45 -0.41 14.69
N LYS A 52 18.76 -1.70 14.59
CA LYS A 52 19.59 -2.22 13.49
C LYS A 52 18.86 -2.12 12.15
N TYR A 53 17.60 -2.53 12.12
CA TYR A 53 16.83 -2.67 10.89
C TYR A 53 15.64 -1.73 10.92
N ASP A 54 15.46 -0.97 9.84
CA ASP A 54 14.50 0.14 9.83
C ASP A 54 13.86 0.20 8.46
N THR A 55 12.54 -0.04 8.41
CA THR A 55 11.83 -0.15 7.14
C THR A 55 12.04 1.07 6.26
N THR A 56 11.82 2.27 6.81
CA THR A 56 11.84 3.47 6.00
C THR A 56 13.17 4.20 6.03
N GLN A 57 13.98 4.01 7.07
CA GLN A 57 15.19 4.81 7.23
C GLN A 57 16.47 3.99 7.05
N GLY A 58 16.37 2.72 6.71
CA GLY A 58 17.52 1.93 6.31
C GLY A 58 18.32 1.37 7.48
N ARG A 59 19.34 0.60 7.13
CA ARG A 59 20.17 -0.08 8.12
C ARG A 59 20.93 0.90 9.00
N PHE A 60 21.08 0.54 10.28
CA PHE A 60 21.88 1.36 11.19
C PHE A 60 23.34 1.42 10.74
N ASP A 61 23.93 2.61 10.84
CA ASP A 61 25.34 2.81 10.47
C ASP A 61 26.22 2.52 11.69
N GLY A 62 26.45 1.23 11.91
CA GLY A 62 27.29 0.80 13.02
C GLY A 62 26.92 -0.61 13.43
N THR A 63 27.59 -1.06 14.47
CA THR A 63 27.37 -2.39 15.04
C THR A 63 26.44 -2.29 16.25
N VAL A 64 25.51 -3.23 16.35
CA VAL A 64 24.61 -3.33 17.50
C VAL A 64 24.66 -4.76 18.02
N GLU A 65 24.91 -4.91 19.32
CA GLU A 65 25.03 -6.25 19.92
C GLU A 65 24.29 -6.26 21.26
N VAL A 66 23.34 -7.17 21.41
CA VAL A 66 22.61 -7.28 22.66
C VAL A 66 23.53 -7.77 23.76
N LYS A 67 23.35 -7.23 24.95
CA LYS A 67 24.08 -7.64 26.15
C LYS A 67 23.07 -7.79 27.28
N GLU A 68 23.55 -8.25 28.44
CA GLU A 68 22.65 -8.33 29.59
C GLU A 68 22.26 -6.91 30.01
N GLY A 69 20.96 -6.66 30.08
CA GLY A 69 20.45 -5.38 30.55
C GLY A 69 20.59 -4.21 29.60
N GLY A 70 20.92 -4.46 28.34
CA GLY A 70 21.05 -3.37 27.38
C GLY A 70 21.69 -3.89 26.10
N PHE A 71 22.32 -2.98 25.36
CA PHE A 71 23.03 -3.40 24.17
C PHE A 71 24.20 -2.46 23.91
N GLU A 72 25.17 -2.96 23.16
CA GLU A 72 26.36 -2.21 22.81
C GLU A 72 26.20 -1.66 21.40
N VAL A 73 26.47 -0.36 21.26
CA VAL A 73 26.53 0.28 19.96
C VAL A 73 28.00 0.62 19.71
N ASN A 74 28.57 0.01 18.67
CA ASN A 74 30.01 0.09 18.42
C ASN A 74 30.80 -0.16 19.70
N GLY A 75 30.39 -1.18 20.45
CA GLY A 75 31.08 -1.60 21.65
C GLY A 75 30.77 -0.80 22.90
N ASN A 76 29.95 0.25 22.81
CA ASN A 76 29.63 1.10 23.95
C ASN A 76 28.27 0.69 24.52
N PHE A 77 28.24 0.33 25.80
CA PHE A 77 27.03 -0.20 26.42
C PHE A 77 26.02 0.92 26.69
N ILE A 78 24.78 0.68 26.26
CA ILE A 78 23.62 1.50 26.57
C ILE A 78 22.70 0.67 27.46
N LYS A 79 22.40 1.18 28.65
CA LYS A 79 21.49 0.49 29.55
C LYS A 79 20.05 0.61 29.04
N VAL A 80 19.31 -0.49 29.10
CA VAL A 80 17.89 -0.51 28.75
C VAL A 80 17.08 -0.88 29.98
N SER A 81 16.05 -0.09 30.28
CA SER A 81 15.08 -0.45 31.30
C SER A 81 13.68 -0.45 30.69
N ALA A 82 12.72 -0.95 31.47
CA ALA A 82 11.34 -1.11 31.00
C ALA A 82 10.34 -0.68 32.07
N GLU A 83 10.46 0.58 32.51
CA GLU A 83 9.60 1.13 33.56
C GLU A 83 8.48 1.95 32.95
N ARG A 84 7.24 1.56 33.21
CA ARG A 84 6.11 2.30 32.66
C ARG A 84 6.00 3.70 33.25
N ASP A 85 6.48 3.91 34.48
CA ASP A 85 6.27 5.18 35.16
C ASP A 85 7.60 5.91 35.31
N PRO A 86 7.70 7.16 34.82
CA PRO A 86 8.98 7.89 34.92
C PRO A 86 9.52 7.99 36.33
N GLU A 87 8.65 8.00 37.35
CA GLU A 87 9.09 8.08 38.74
C GLU A 87 10.02 6.93 39.11
N ASN A 88 9.95 5.81 38.39
CA ASN A 88 10.74 4.62 38.68
C ASN A 88 11.97 4.49 37.80
N ILE A 89 12.23 5.44 36.90
CA ILE A 89 13.43 5.42 36.06
C ILE A 89 14.54 6.14 36.80
N ASP A 90 15.60 5.42 37.17
CA ASP A 90 16.72 6.03 37.89
C ASP A 90 17.72 6.61 36.88
N TRP A 91 17.26 7.66 36.18
CA TRP A 91 18.11 8.33 35.18
C TRP A 91 19.47 8.74 35.76
N ALA A 92 19.48 9.17 37.02
CA ALA A 92 20.71 9.72 37.60
C ALA A 92 21.81 8.67 37.68
N THR A 93 21.44 7.40 37.81
CA THR A 93 22.43 6.32 37.85
C THR A 93 23.32 6.33 36.62
N ASP A 94 22.75 6.70 35.47
CA ASP A 94 23.50 6.73 34.23
C ASP A 94 23.91 8.14 33.85
N GLY A 95 23.97 9.05 34.84
CA GLY A 95 24.46 10.40 34.61
C GLY A 95 23.59 11.24 33.70
N VAL A 96 22.33 10.85 33.52
CA VAL A 96 21.48 11.50 32.53
C VAL A 96 21.08 12.88 33.02
N GLU A 97 21.40 13.90 32.23
CA GLU A 97 20.98 15.26 32.52
C GLU A 97 19.68 15.63 31.80
N ILE A 98 19.54 15.27 30.53
CA ILE A 98 18.38 15.64 29.72
C ILE A 98 17.72 14.35 29.21
N VAL A 99 16.40 14.27 29.34
CA VAL A 99 15.61 13.16 28.80
C VAL A 99 14.87 13.62 27.56
N LEU A 100 14.98 12.85 26.48
CA LEU A 100 14.08 13.01 25.33
C LEU A 100 12.82 12.23 25.64
N GLU A 101 11.72 12.93 25.86
CA GLU A 101 10.45 12.29 26.24
C GLU A 101 9.69 12.01 24.95
N ALA A 102 9.80 10.78 24.45
CA ALA A 102 9.35 10.41 23.12
C ALA A 102 8.35 9.25 23.13
N THR A 103 7.61 9.06 24.24
CA THR A 103 6.65 7.96 24.30
C THR A 103 5.29 8.34 23.71
N GLY A 104 4.97 9.62 23.67
CA GLY A 104 3.62 10.07 23.38
C GLY A 104 2.69 10.08 24.56
N PHE A 105 3.15 9.67 25.75
CA PHE A 105 2.25 9.53 26.89
C PHE A 105 2.53 10.51 28.01
N PHE A 106 3.55 11.36 27.89
CA PHE A 106 3.90 12.33 28.92
C PHE A 106 4.13 13.72 28.32
N ALA A 107 3.32 14.09 27.32
CA ALA A 107 3.57 15.30 26.54
C ALA A 107 2.83 16.51 27.10
N LYS A 108 3.01 16.75 28.39
CA LYS A 108 2.54 17.95 29.06
C LYS A 108 3.48 18.22 30.21
N LYS A 109 3.44 19.44 30.73
CA LYS A 109 4.48 19.90 31.64
C LYS A 109 4.52 19.03 32.90
N GLU A 110 3.38 18.82 33.56
CA GLU A 110 3.40 18.07 34.80
C GLU A 110 3.75 16.62 34.58
N ALA A 111 3.36 16.05 33.42
CA ALA A 111 3.73 14.67 33.12
C ALA A 111 5.22 14.54 32.87
N ALA A 112 5.78 15.43 32.04
CA ALA A 112 7.21 15.40 31.76
C ALA A 112 8.05 15.63 33.02
N GLU A 113 7.56 16.46 33.94
CA GLU A 113 8.29 16.71 35.17
C GLU A 113 8.44 15.46 36.04
N LYS A 114 7.69 14.40 35.76
CA LYS A 114 7.88 13.16 36.52
C LYS A 114 9.27 12.58 36.35
N HIS A 115 9.98 12.93 35.27
CA HIS A 115 11.36 12.50 35.07
C HIS A 115 12.32 13.20 36.02
N LEU A 116 11.90 14.28 36.66
CA LEU A 116 12.79 15.15 37.42
C LEU A 116 12.78 14.84 38.91
N HIS A 117 12.50 13.58 39.27
CA HIS A 117 12.49 13.17 40.66
C HIS A 117 13.92 13.11 41.20
N ALA A 118 14.06 12.78 42.50
CA ALA A 118 15.33 12.91 43.19
C ALA A 118 16.41 11.95 42.70
N ASN A 119 16.04 10.87 42.01
CA ASN A 119 17.03 10.02 41.35
C ASN A 119 16.93 10.10 39.84
N GLY A 120 16.38 11.20 39.33
CA GLY A 120 16.09 11.29 37.91
C GLY A 120 16.97 12.26 37.16
N ALA A 121 16.40 12.86 36.10
CA ALA A 121 17.12 13.75 35.21
C ALA A 121 16.97 15.19 35.68
N LYS A 122 17.59 16.11 34.94
CA LYS A 122 17.51 17.53 35.28
C LYS A 122 16.58 18.31 34.37
N LYS A 123 16.44 17.88 33.12
CA LYS A 123 15.62 18.57 32.13
C LYS A 123 14.99 17.56 31.19
N VAL A 124 13.88 17.96 30.58
CA VAL A 124 13.15 17.13 29.62
C VAL A 124 12.88 17.92 28.35
N VAL A 125 13.11 17.29 27.20
CA VAL A 125 12.65 17.79 25.91
C VAL A 125 11.54 16.86 25.44
N ILE A 126 10.31 17.40 25.34
CA ILE A 126 9.18 16.63 24.82
C ILE A 126 9.25 16.61 23.30
N THR A 127 9.21 15.42 22.71
CA THR A 127 9.31 15.31 21.25
C THR A 127 7.94 15.47 20.58
N ALA A 128 7.18 16.48 21.03
CA ALA A 128 5.80 16.68 20.60
C ALA A 128 5.33 18.01 21.17
N PRO A 129 4.20 18.55 20.68
CA PRO A 129 3.59 19.70 21.38
C PRO A 129 3.38 19.35 22.84
N GLY A 130 3.67 20.30 23.72
CA GLY A 130 3.67 20.03 25.14
C GLY A 130 2.75 20.92 25.95
N GLY A 131 1.78 21.56 25.29
CA GLY A 131 0.91 22.50 25.95
C GLY A 131 1.40 23.92 25.85
N ASN A 132 0.53 24.83 26.31
CA ASN A 132 0.76 26.26 26.14
C ASN A 132 1.74 26.86 27.14
N ASP A 133 2.13 26.10 28.17
CA ASP A 133 2.96 26.65 29.25
C ASP A 133 4.38 26.10 29.24
N VAL A 134 4.83 25.50 28.14
CA VAL A 134 6.23 25.13 27.98
C VAL A 134 6.77 25.81 26.73
N LYS A 135 8.01 26.24 26.79
CA LYS A 135 8.64 26.83 25.61
C LYS A 135 8.71 25.80 24.50
N THR A 136 8.29 26.20 23.32
CA THR A 136 8.11 25.33 22.17
C THR A 136 9.02 25.85 21.06
N VAL A 137 9.96 25.03 20.62
CA VAL A 137 11.10 25.50 19.82
C VAL A 137 11.12 24.79 18.48
N VAL A 138 11.10 25.58 17.41
CA VAL A 138 11.47 25.14 16.07
C VAL A 138 12.87 25.66 15.80
N PHE A 139 13.85 24.76 15.73
CA PHE A 139 15.21 25.23 15.56
C PHE A 139 15.36 26.08 14.31
N ASN A 140 16.13 27.15 14.43
CA ASN A 140 16.39 28.15 13.40
C ASN A 140 15.17 29.02 13.09
N THR A 141 14.07 28.86 13.81
CA THR A 141 12.99 29.84 13.79
C THR A 141 12.82 30.57 15.11
N ASN A 142 12.86 29.87 16.25
CA ASN A 142 12.77 30.58 17.52
C ASN A 142 13.59 29.94 18.64
N HIS A 143 14.69 29.24 18.32
CA HIS A 143 15.45 28.69 19.44
C HIS A 143 16.14 29.77 20.27
N ASP A 144 16.11 31.02 19.82
CA ASP A 144 16.62 32.13 20.62
C ASP A 144 15.82 32.36 21.89
N ILE A 145 14.64 31.75 22.04
CA ILE A 145 13.89 32.00 23.27
C ILE A 145 14.46 31.21 24.44
N LEU A 146 15.30 30.21 24.20
CA LEU A 146 15.87 29.42 25.27
C LEU A 146 16.98 30.17 25.99
N ASP A 147 17.03 30.05 27.31
CA ASP A 147 18.18 30.53 28.06
C ASP A 147 18.94 29.41 28.77
N GLY A 148 18.43 28.18 28.76
CA GLY A 148 19.09 27.07 29.40
C GLY A 148 18.66 26.80 30.83
N THR A 149 17.83 27.65 31.42
CA THR A 149 17.32 27.38 32.76
C THR A 149 16.04 26.57 32.74
N GLU A 150 15.47 26.32 31.57
CA GLU A 150 14.21 25.61 31.46
C GLU A 150 14.38 24.17 31.92
N THR A 151 13.36 23.64 32.62
CA THR A 151 13.36 22.23 33.00
C THR A 151 12.55 21.36 32.06
N VAL A 152 11.54 21.92 31.38
CA VAL A 152 10.79 21.19 30.36
C VAL A 152 10.62 22.12 29.16
N ILE A 153 11.00 21.64 27.97
CA ILE A 153 10.71 22.32 26.73
C ILE A 153 10.09 21.34 25.75
N SER A 154 9.53 21.88 24.67
CA SER A 154 8.90 21.08 23.63
C SER A 154 9.60 21.33 22.30
N GLY A 155 9.80 20.27 21.53
CA GLY A 155 10.30 20.36 20.18
C GLY A 155 9.23 20.59 19.12
N ALA A 156 7.99 20.85 19.55
CA ALA A 156 6.83 21.02 18.68
C ALA A 156 6.52 19.72 17.92
N SER A 157 5.65 19.80 16.93
CA SER A 157 5.36 18.63 16.11
C SER A 157 6.15 18.74 14.81
N CYS A 158 6.11 17.63 14.05
CA CYS A 158 6.63 17.60 12.70
C CYS A 158 6.02 18.72 11.85
N THR A 159 4.69 18.79 11.88
CA THR A 159 3.97 19.75 11.07
C THR A 159 4.36 21.18 11.45
N THR A 160 4.51 21.45 12.75
CA THR A 160 4.94 22.79 13.15
C THR A 160 6.33 23.13 12.59
N ASN A 161 7.25 22.17 12.63
CA ASN A 161 8.60 22.43 12.12
C ASN A 161 8.60 22.64 10.61
N CYS A 162 7.64 22.04 9.90
CA CYS A 162 7.47 22.33 8.48
C CYS A 162 6.84 23.70 8.28
N LEU A 163 5.71 23.96 8.96
CA LEU A 163 4.96 25.18 8.73
C LEU A 163 5.75 26.43 9.13
N ALA A 164 6.45 26.38 10.26
CA ALA A 164 6.92 27.61 10.88
C ALA A 164 7.87 28.43 10.00
N PRO A 165 8.95 27.87 9.44
CA PRO A 165 9.83 28.74 8.62
C PRO A 165 9.14 29.28 7.39
N MET A 166 8.23 28.49 6.79
CA MET A 166 7.49 28.98 5.63
C MET A 166 6.55 30.11 5.99
N ALA A 167 5.76 29.94 7.07
CA ALA A 167 4.85 31.00 7.48
C ALA A 167 5.61 32.26 7.91
N LYS A 168 6.75 32.09 8.62
CA LYS A 168 7.49 33.26 9.07
C LYS A 168 8.09 34.03 7.91
N ALA A 169 8.69 33.32 6.95
CA ALA A 169 9.25 33.99 5.79
C ALA A 169 8.17 34.74 5.01
N LEU A 170 7.00 34.13 4.86
CA LEU A 170 5.90 34.78 4.15
C LEU A 170 5.37 35.98 4.94
N HIS A 171 5.20 35.83 6.24
CA HIS A 171 4.66 36.92 7.04
C HIS A 171 5.62 38.10 7.11
N ASP A 172 6.91 37.83 7.33
CA ASP A 172 7.88 38.93 7.37
C ASP A 172 7.90 39.71 6.06
N ALA A 173 7.70 39.03 4.94
CA ALA A 173 7.85 39.68 3.64
C ALA A 173 6.57 40.39 3.21
N PHE A 174 5.41 39.80 3.47
CA PHE A 174 4.15 40.32 2.92
C PHE A 174 3.03 40.49 3.94
N GLY A 175 3.13 39.91 5.13
CA GLY A 175 2.12 40.10 6.16
C GLY A 175 0.92 39.18 6.03
N ILE A 176 0.93 38.07 6.75
CA ILE A 176 -0.20 37.14 6.72
C ILE A 176 -1.36 37.72 7.52
N GLN A 177 -2.53 37.77 6.90
CA GLN A 177 -3.72 38.25 7.58
C GLN A 177 -4.48 37.10 8.25
N LYS A 178 -4.64 35.99 7.53
CA LYS A 178 -5.36 34.82 8.01
C LYS A 178 -4.99 33.67 7.08
N GLY A 179 -5.15 32.45 7.57
CA GLY A 179 -4.72 31.30 6.79
C GLY A 179 -5.36 30.01 7.24
N LEU A 180 -5.50 29.08 6.29
CA LEU A 180 -5.91 27.70 6.56
C LEU A 180 -4.85 26.76 5.99
N MET A 181 -4.56 25.70 6.74
CA MET A 181 -3.50 24.77 6.43
C MET A 181 -4.09 23.37 6.23
N THR A 182 -3.61 22.64 5.24
CA THR A 182 -3.88 21.21 5.12
C THR A 182 -2.54 20.48 4.99
N THR A 183 -2.29 19.53 5.88
CA THR A 183 -1.13 18.69 5.70
C THR A 183 -1.58 17.31 5.23
N ILE A 184 -1.03 16.88 4.09
CA ILE A 184 -1.22 15.52 3.61
C ILE A 184 -0.04 14.72 4.17
N HIS A 185 -0.33 13.83 5.11
CA HIS A 185 0.63 13.34 6.08
C HIS A 185 0.68 11.82 6.05
N ALA A 186 1.88 11.26 6.13
CA ALA A 186 2.04 9.81 6.25
C ALA A 186 1.26 9.29 7.44
N TYR A 187 0.87 8.02 7.37
CA TYR A 187 0.28 7.43 8.57
C TYR A 187 1.36 7.27 9.63
N THR A 188 0.93 7.23 10.89
CA THR A 188 1.87 7.05 12.00
C THR A 188 1.41 5.91 12.90
N GLY A 189 2.22 5.63 13.92
CA GLY A 189 1.98 4.51 14.82
C GLY A 189 0.75 4.67 15.69
N ASP A 190 0.17 5.88 15.75
CA ASP A 190 -1.04 6.09 16.52
C ASP A 190 -2.31 5.78 15.74
N GLN A 191 -2.19 5.47 14.46
CA GLN A 191 -3.31 4.93 13.71
C GLN A 191 -3.31 3.42 13.77
N MET A 192 -4.49 2.82 13.61
CA MET A 192 -4.60 1.37 13.65
C MET A 192 -4.17 0.75 12.33
N ILE A 193 -3.47 -0.40 12.41
CA ILE A 193 -3.09 -1.09 11.17
C ILE A 193 -4.33 -1.61 10.44
N LEU A 194 -5.35 -2.04 11.18
CA LEU A 194 -6.62 -2.42 10.59
C LEU A 194 -7.72 -1.85 11.46
N ASP A 195 -8.93 -1.70 10.89
CA ASP A 195 -10.06 -1.12 11.61
C ASP A 195 -10.20 -1.75 13.00
N GLY A 196 -10.11 -0.94 14.04
CA GLY A 196 -10.23 -1.45 15.40
C GLY A 196 -10.31 -0.34 16.42
N PRO A 197 -10.70 -0.66 17.66
CA PRO A 197 -10.86 0.39 18.67
C PRO A 197 -9.57 1.19 18.86
N HIS A 198 -9.70 2.50 18.72
CA HIS A 198 -8.59 3.42 18.94
C HIS A 198 -8.58 3.85 20.40
N ARG A 199 -7.45 3.64 21.09
CA ARG A 199 -7.41 3.88 22.53
C ARG A 199 -7.67 5.34 22.87
N GLY A 200 -7.33 6.26 21.97
CA GLY A 200 -7.58 7.68 22.17
C GLY A 200 -8.96 8.17 21.83
N GLY A 201 -9.84 7.28 21.37
CA GLY A 201 -11.21 7.64 21.08
C GLY A 201 -11.43 8.30 19.74
N ASP A 202 -10.44 8.29 18.86
CA ASP A 202 -10.52 8.95 17.56
C ASP A 202 -11.11 7.96 16.54
N LEU A 203 -12.34 8.24 16.07
CA LEU A 203 -13.05 7.31 15.18
C LEU A 203 -12.40 7.22 13.81
N ARG A 204 -11.52 8.17 13.47
CA ARG A 204 -10.81 8.11 12.19
C ARG A 204 -9.44 7.45 12.33
N ARG A 205 -8.72 7.71 13.43
CA ARG A 205 -7.51 6.96 13.69
C ARG A 205 -7.78 5.48 13.95
N ALA A 206 -9.05 5.15 14.23
CA ALA A 206 -9.46 3.75 14.39
C ALA A 206 -9.38 2.97 13.08
N ARG A 207 -9.27 3.64 11.95
CA ARG A 207 -9.40 3.00 10.65
C ARG A 207 -8.04 2.57 10.11
N ALA A 208 -8.05 1.52 9.28
CA ALA A 208 -6.85 0.99 8.64
C ALA A 208 -6.03 2.10 8.01
N GLY A 209 -4.86 2.41 8.62
CA GLY A 209 -4.16 3.61 8.21
C GLY A 209 -3.46 3.51 6.87
N ALA A 210 -3.11 2.30 6.45
CA ALA A 210 -2.44 2.12 5.16
C ALA A 210 -3.41 1.78 4.04
N ALA A 211 -4.70 1.96 4.27
CA ALA A 211 -5.70 1.59 3.26
C ALA A 211 -6.77 2.67 3.08
N ASN A 212 -6.53 3.89 3.59
CA ASN A 212 -7.54 4.94 3.63
C ASN A 212 -6.90 6.31 3.56
N ILE A 213 -7.63 7.24 2.95
CA ILE A 213 -7.44 8.66 3.21
C ILE A 213 -8.23 8.98 4.47
N VAL A 214 -7.54 9.47 5.51
CA VAL A 214 -8.08 9.62 6.85
C VAL A 214 -7.99 11.08 7.29
N PRO A 215 -9.10 11.82 7.31
CA PRO A 215 -9.05 13.18 7.86
C PRO A 215 -8.70 13.16 9.34
N ASN A 216 -8.03 14.21 9.80
CA ASN A 216 -7.73 14.25 11.22
C ASN A 216 -7.44 15.68 11.65
N SER A 217 -7.70 15.96 12.92
CA SER A 217 -7.37 17.28 13.43
C SER A 217 -5.86 17.40 13.63
N THR A 218 -5.38 18.65 13.64
CA THR A 218 -4.03 18.93 14.08
C THR A 218 -4.00 20.33 14.64
N GLY A 219 -3.24 20.52 15.73
CA GLY A 219 -3.19 21.81 16.36
C GLY A 219 -2.10 22.73 15.86
N ALA A 220 -1.34 22.32 14.83
CA ALA A 220 -0.12 23.03 14.47
C ALA A 220 -0.43 24.47 14.07
N ALA A 221 -1.43 24.66 13.21
CA ALA A 221 -1.72 26.02 12.73
C ALA A 221 -2.28 26.88 13.85
N LYS A 222 -3.23 26.34 14.61
CA LYS A 222 -3.85 27.10 15.70
C LYS A 222 -2.85 27.45 16.78
N ALA A 223 -1.85 26.61 17.02
CA ALA A 223 -0.89 26.82 18.09
C ALA A 223 0.40 27.48 17.63
N ILE A 224 0.44 27.98 16.39
CA ILE A 224 1.67 28.55 15.83
C ILE A 224 2.18 29.75 16.64
N GLY A 225 1.30 30.42 17.38
CA GLY A 225 1.72 31.57 18.17
C GLY A 225 2.77 31.24 19.23
N LEU A 226 2.92 29.96 19.59
CA LEU A 226 3.99 29.59 20.51
C LEU A 226 5.35 29.74 19.86
N VAL A 227 5.40 29.63 18.53
CA VAL A 227 6.64 29.75 17.78
C VAL A 227 6.75 31.10 17.09
N ILE A 228 5.65 31.57 16.50
CA ILE A 228 5.61 32.88 15.85
C ILE A 228 4.50 33.68 16.50
N PRO A 229 4.78 34.47 17.55
CA PRO A 229 3.70 35.15 18.28
C PRO A 229 2.82 36.01 17.40
N GLU A 230 3.39 36.64 16.37
CA GLU A 230 2.60 37.51 15.49
C GLU A 230 1.46 36.78 14.81
N LEU A 231 1.53 35.46 14.69
CA LEU A 231 0.54 34.68 13.98
C LEU A 231 -0.45 33.99 14.91
N ASN A 232 -0.37 34.28 16.21
CA ASN A 232 -1.39 33.81 17.15
C ASN A 232 -2.77 34.26 16.71
N GLY A 233 -3.72 33.33 16.71
CA GLY A 233 -5.08 33.66 16.33
C GLY A 233 -5.30 34.00 14.88
N LYS A 234 -4.40 33.58 13.99
CA LYS A 234 -4.54 33.88 12.57
C LYS A 234 -4.64 32.65 11.67
N LEU A 235 -4.27 31.46 12.16
CA LEU A 235 -4.24 30.26 11.33
C LEU A 235 -5.04 29.14 12.00
N ASP A 236 -5.57 28.26 11.15
CA ASP A 236 -6.14 27.00 11.58
C ASP A 236 -5.89 26.00 10.47
N GLY A 237 -6.26 24.74 10.70
CA GLY A 237 -6.02 23.76 9.68
C GLY A 237 -6.39 22.36 10.14
N ALA A 238 -5.99 21.39 9.33
CA ALA A 238 -6.36 20.00 9.55
C ALA A 238 -5.42 19.12 8.72
N ALA A 239 -5.58 17.80 8.84
CA ALA A 239 -4.73 16.83 8.17
C ALA A 239 -5.55 15.86 7.34
N GLN A 240 -4.90 15.29 6.33
CA GLN A 240 -5.36 14.08 5.64
C GLN A 240 -4.22 13.07 5.74
N ARG A 241 -4.43 12.03 6.54
CA ARG A 241 -3.46 10.95 6.66
C ARG A 241 -3.65 9.99 5.49
N VAL A 242 -2.56 9.62 4.81
CA VAL A 242 -2.66 8.83 3.59
C VAL A 242 -1.65 7.70 3.63
N PRO A 243 -1.79 6.69 2.75
CA PRO A 243 -0.97 5.46 2.87
C PRO A 243 0.46 5.55 2.31
N VAL A 244 1.29 6.39 2.92
CA VAL A 244 2.74 6.24 2.82
C VAL A 244 3.29 6.09 4.24
N PRO A 245 4.32 5.26 4.45
CA PRO A 245 4.76 4.98 5.83
C PRO A 245 5.60 6.08 6.45
N THR A 246 6.14 7.00 5.64
CA THR A 246 6.67 8.25 6.16
C THR A 246 6.78 9.22 4.98
N GLY A 247 6.84 10.51 5.31
CA GLY A 247 6.89 11.55 4.29
C GLY A 247 5.57 12.30 4.18
N SER A 248 5.63 13.63 4.21
CA SER A 248 4.43 14.45 4.35
C SER A 248 4.61 15.78 3.61
N VAL A 249 3.52 16.53 3.48
CA VAL A 249 3.56 17.82 2.82
C VAL A 249 2.51 18.74 3.45
N THR A 250 2.86 20.03 3.58
CA THR A 250 1.99 21.02 4.22
C THR A 250 1.61 22.08 3.19
N GLU A 251 0.31 22.25 2.97
CA GLU A 251 -0.22 23.34 2.14
C GLU A 251 -0.79 24.43 3.04
N LEU A 252 -0.48 25.69 2.71
CA LEU A 252 -0.99 26.84 3.45
C LEU A 252 -1.63 27.81 2.47
N VAL A 253 -2.89 28.19 2.71
CA VAL A 253 -3.59 29.20 1.92
C VAL A 253 -3.86 30.41 2.80
N VAL A 254 -3.49 31.61 2.33
CA VAL A 254 -3.59 32.82 3.13
C VAL A 254 -4.10 33.98 2.29
N THR A 255 -4.52 35.03 2.98
CA THR A 255 -4.56 36.37 2.40
C THR A 255 -3.43 37.18 3.05
N LEU A 256 -2.93 38.16 2.29
CA LEU A 256 -1.75 38.93 2.70
C LEU A 256 -2.06 40.41 2.67
N ASP A 257 -1.22 41.19 3.37
CA ASP A 257 -1.32 42.64 3.33
C ASP A 257 -0.92 43.21 1.98
N LYS A 258 -0.06 42.51 1.25
CA LYS A 258 0.47 42.96 -0.01
C LYS A 258 0.06 41.99 -1.12
N ASN A 259 -0.21 42.55 -2.30
CA ASN A 259 -0.40 41.73 -3.48
C ASN A 259 0.96 41.26 -3.98
N VAL A 260 1.02 40.01 -4.45
CA VAL A 260 2.29 39.37 -4.78
C VAL A 260 2.14 38.57 -6.06
N SER A 261 3.27 38.22 -6.65
CA SER A 261 3.37 37.26 -7.73
C SER A 261 3.94 35.95 -7.20
N VAL A 262 3.77 34.88 -8.00
CA VAL A 262 4.37 33.59 -7.66
C VAL A 262 5.89 33.72 -7.56
N ASP A 263 6.51 34.47 -8.48
CA ASP A 263 7.96 34.65 -8.44
C ASP A 263 8.39 35.41 -7.20
N GLU A 264 7.63 36.44 -6.82
CA GLU A 264 7.89 37.18 -5.59
C GLU A 264 7.90 36.24 -4.38
N ILE A 265 6.87 35.39 -4.29
CA ILE A 265 6.77 34.46 -3.17
C ILE A 265 7.95 33.52 -3.15
N ASN A 266 8.27 32.91 -4.28
CA ASN A 266 9.34 31.92 -4.33
C ASN A 266 10.67 32.55 -3.96
N SER A 267 10.91 33.78 -4.40
CA SER A 267 12.16 34.47 -4.06
C SER A 267 12.25 34.73 -2.56
N ALA A 268 11.13 35.09 -1.93
CA ALA A 268 11.14 35.34 -0.50
C ALA A 268 11.46 34.06 0.26
N MET A 269 10.97 32.92 -0.21
CA MET A 269 11.28 31.65 0.43
C MET A 269 12.76 31.29 0.25
N LYS A 270 13.28 31.44 -0.97
CA LYS A 270 14.68 31.09 -1.22
C LYS A 270 15.61 31.95 -0.38
N ALA A 271 15.32 33.25 -0.25
CA ALA A 271 16.16 34.12 0.54
C ALA A 271 16.18 33.75 2.02
N ALA A 272 15.16 33.03 2.49
CA ALA A 272 15.07 32.60 3.88
C ALA A 272 15.63 31.19 4.10
N SER A 273 16.11 30.55 3.05
CA SER A 273 16.55 29.17 3.16
C SER A 273 17.83 29.06 4.00
N ASN A 274 17.95 27.95 4.70
CA ASN A 274 19.11 27.67 5.56
C ASN A 274 19.16 26.17 5.81
N ASP A 275 19.90 25.75 6.85
CA ASP A 275 20.02 24.32 7.14
C ASP A 275 18.69 23.70 7.52
N SER A 276 17.77 24.49 8.09
CA SER A 276 16.47 23.95 8.48
C SER A 276 15.39 24.12 7.42
N PHE A 277 15.44 25.19 6.65
CA PHE A 277 14.41 25.51 5.66
C PHE A 277 15.03 25.42 4.27
N GLY A 278 14.75 24.31 3.56
CA GLY A 278 15.29 24.13 2.23
C GLY A 278 14.41 24.75 1.15
N TYR A 279 14.95 24.77 -0.07
CA TYR A 279 14.26 25.34 -1.22
C TYR A 279 14.47 24.43 -2.43
N THR A 280 13.40 24.07 -3.14
CA THR A 280 13.58 23.31 -4.36
C THR A 280 12.63 23.80 -5.44
N GLU A 281 13.08 23.64 -6.70
CA GLU A 281 12.27 23.89 -7.88
C GLU A 281 12.07 22.62 -8.70
N ASP A 282 12.52 21.47 -8.19
CA ASP A 282 12.33 20.19 -8.88
C ASP A 282 10.99 19.59 -8.49
N PRO A 283 10.27 18.99 -9.45
CA PRO A 283 8.94 18.37 -9.17
C PRO A 283 9.06 17.01 -8.50
N ILE A 284 9.43 17.06 -7.22
CA ILE A 284 9.64 15.86 -6.41
C ILE A 284 8.31 15.29 -5.92
N VAL A 285 8.38 14.09 -5.34
CA VAL A 285 7.26 13.46 -4.68
C VAL A 285 7.73 13.02 -3.30
N SER A 286 6.81 12.45 -2.51
CA SER A 286 7.09 12.31 -1.07
C SER A 286 8.29 11.39 -0.80
N SER A 287 8.51 10.36 -1.61
CA SER A 287 9.64 9.48 -1.32
C SER A 287 10.97 10.22 -1.42
N ASP A 288 11.01 11.32 -2.17
CA ASP A 288 12.25 12.07 -2.34
C ASP A 288 12.67 12.84 -1.09
N ILE A 289 11.79 12.99 -0.10
CA ILE A 289 12.22 13.67 1.12
C ILE A 289 12.39 12.74 2.29
N VAL A 290 12.20 11.42 2.09
CA VAL A 290 12.46 10.50 3.19
C VAL A 290 13.93 10.56 3.55
N GLY A 291 14.24 10.74 4.84
CA GLY A 291 15.61 10.81 5.29
C GLY A 291 16.27 12.17 5.23
N VAL A 292 15.59 13.18 4.70
CA VAL A 292 16.21 14.50 4.54
C VAL A 292 16.36 15.17 5.90
N SER A 293 17.33 16.09 6.02
CA SER A 293 17.60 16.73 7.30
C SER A 293 17.09 18.16 7.39
N TYR A 294 16.49 18.69 6.32
CA TYR A 294 15.72 19.92 6.44
C TYR A 294 14.52 19.66 7.35
N GLY A 295 14.17 20.65 8.17
CA GLY A 295 12.90 20.57 8.87
C GLY A 295 11.72 20.85 7.98
N SER A 296 11.97 21.51 6.85
CA SER A 296 10.95 22.00 5.94
C SER A 296 11.63 22.22 4.60
N LEU A 297 11.01 21.74 3.51
CA LEU A 297 11.58 21.92 2.17
C LEU A 297 10.53 22.59 1.29
N PHE A 298 10.66 23.91 1.12
CA PHE A 298 9.72 24.64 0.28
C PHE A 298 9.79 24.18 -1.17
N ASP A 299 8.61 24.03 -1.79
CA ASP A 299 8.49 23.52 -3.16
C ASP A 299 7.92 24.61 -4.05
N ALA A 300 8.79 25.28 -4.79
CA ALA A 300 8.37 26.40 -5.62
C ALA A 300 7.41 25.98 -6.73
N THR A 301 7.35 24.69 -7.07
CA THR A 301 6.48 24.27 -8.17
C THR A 301 5.00 24.28 -7.80
N GLN A 302 4.67 24.31 -6.51
CA GLN A 302 3.29 24.24 -6.06
C GLN A 302 2.74 25.59 -5.63
N THR A 303 3.52 26.66 -5.73
CA THR A 303 3.05 27.98 -5.36
C THR A 303 1.94 28.43 -6.29
N LYS A 304 0.88 29.03 -5.74
CA LYS A 304 -0.23 29.50 -6.55
C LYS A 304 -0.76 30.81 -6.00
N VAL A 305 -1.25 31.67 -6.89
CA VAL A 305 -1.94 32.90 -6.54
C VAL A 305 -3.23 32.98 -7.34
N MET A 306 -4.35 33.13 -6.65
CA MET A 306 -5.67 33.29 -7.28
C MET A 306 -6.17 34.69 -6.96
N GLU A 307 -6.31 35.53 -7.98
CA GLU A 307 -6.69 36.93 -7.80
C GLU A 307 -8.03 37.21 -8.46
N VAL A 308 -8.93 37.86 -7.72
CA VAL A 308 -10.21 38.35 -8.23
C VAL A 308 -10.44 39.72 -7.62
N ASP A 309 -10.77 40.71 -8.46
CA ASP A 309 -11.08 42.06 -7.99
C ASP A 309 -9.94 42.64 -7.16
N GLY A 310 -8.70 42.38 -7.59
CA GLY A 310 -7.56 42.90 -6.87
C GLY A 310 -7.29 42.31 -5.50
N SER A 311 -7.97 41.23 -5.12
CA SER A 311 -7.68 40.51 -3.89
C SER A 311 -7.20 39.11 -4.23
N GLN A 312 -6.26 38.59 -3.43
CA GLN A 312 -5.57 37.36 -3.75
C GLN A 312 -5.70 36.32 -2.65
N LEU A 313 -5.85 35.06 -3.06
CA LEU A 313 -5.54 33.90 -2.23
C LEU A 313 -4.16 33.40 -2.64
N VAL A 314 -3.31 33.11 -1.66
CA VAL A 314 -1.93 32.70 -1.92
C VAL A 314 -1.72 31.32 -1.30
N LYS A 315 -1.14 30.41 -2.06
CA LYS A 315 -0.88 29.05 -1.61
C LYS A 315 0.62 28.78 -1.64
N VAL A 316 1.16 28.31 -0.52
CA VAL A 316 2.56 27.91 -0.41
C VAL A 316 2.63 26.52 0.20
N VAL A 317 3.56 25.71 -0.30
CA VAL A 317 3.62 24.30 0.01
C VAL A 317 5.06 23.92 0.35
N SER A 318 5.22 23.11 1.39
CA SER A 318 6.53 22.66 1.85
C SER A 318 6.46 21.18 2.25
N TRP A 319 7.48 20.42 1.83
CA TRP A 319 7.64 19.01 2.16
C TRP A 319 8.30 18.83 3.52
N TYR A 320 8.06 17.66 4.13
CA TYR A 320 8.85 17.27 5.32
C TYR A 320 8.77 15.77 5.52
N ASP A 321 9.90 15.18 5.88
CA ASP A 321 9.84 13.80 6.39
C ASP A 321 9.44 13.91 7.85
N ASN A 322 8.17 13.62 8.15
CA ASN A 322 7.70 13.73 9.52
C ASN A 322 8.59 12.94 10.48
N GLU A 323 9.31 11.94 9.99
CA GLU A 323 10.32 11.26 10.81
C GLU A 323 11.64 12.03 10.83
N MET A 324 12.44 11.96 9.75
CA MET A 324 13.81 12.48 9.86
C MET A 324 13.85 14.01 9.87
N SER A 325 12.92 14.68 9.19
CA SER A 325 12.94 16.15 9.21
C SER A 325 12.71 16.65 10.62
N TYR A 326 11.71 16.09 11.29
CA TYR A 326 11.44 16.47 12.68
C TYR A 326 12.61 16.10 13.57
N THR A 327 13.15 14.89 13.39
CA THR A 327 14.22 14.42 14.24
C THR A 327 15.48 15.27 14.09
N ALA A 328 15.79 15.70 12.85
CA ALA A 328 16.94 16.57 12.66
C ALA A 328 16.76 17.88 13.43
N GLN A 329 15.55 18.44 13.38
CA GLN A 329 15.23 19.66 14.14
C GLN A 329 15.31 19.41 15.63
N LEU A 330 14.74 18.29 16.08
CA LEU A 330 14.75 17.94 17.49
C LEU A 330 16.18 17.84 18.02
N VAL A 331 17.07 17.19 17.27
CA VAL A 331 18.43 17.00 17.76
C VAL A 331 19.25 18.28 17.64
N ARG A 332 18.96 19.13 16.64
CA ARG A 332 19.57 20.46 16.64
C ARG A 332 19.22 21.22 17.90
N THR A 333 17.95 21.17 18.30
CA THR A 333 17.51 21.84 19.52
C THR A 333 18.14 21.21 20.76
N LEU A 334 18.14 19.88 20.83
CA LEU A 334 18.78 19.18 21.96
C LEU A 334 20.25 19.54 22.08
N GLU A 335 20.97 19.54 20.96
CA GLU A 335 22.39 19.88 20.99
C GLU A 335 22.61 21.30 21.49
N TYR A 336 21.78 22.24 21.03
CA TYR A 336 21.91 23.63 21.47
C TYR A 336 21.54 23.77 22.93
N PHE A 337 20.45 23.18 23.36
CA PHE A 337 20.02 23.22 24.74
C PHE A 337 21.05 22.63 25.69
N ALA A 338 21.69 21.56 25.27
CA ALA A 338 22.72 20.92 26.04
C ALA A 338 23.91 21.84 26.29
N LYS A 339 24.26 22.63 25.29
CA LYS A 339 25.36 23.57 25.40
C LYS A 339 25.12 24.63 26.45
N ILE A 340 23.89 25.08 26.57
CA ILE A 340 23.54 26.17 27.43
C ILE A 340 22.85 25.80 28.73
N ALA A 341 22.60 24.53 28.95
CA ALA A 341 21.88 24.07 30.14
C ALA A 341 22.59 24.36 31.45
N LYS A 342 21.80 24.75 32.43
CA LYS A 342 22.24 25.32 33.69
C LYS A 342 23.62 24.92 34.15
N MET B 7 -36.18 -22.43 20.35
CA MET B 7 -35.66 -21.33 21.17
C MET B 7 -34.44 -20.69 20.51
N VAL B 8 -34.34 -19.39 20.59
CA VAL B 8 -33.13 -18.72 20.16
C VAL B 8 -32.06 -18.89 21.23
N VAL B 9 -30.83 -19.16 20.80
CA VAL B 9 -29.70 -19.25 21.70
C VAL B 9 -29.04 -17.87 21.76
N LYS B 10 -28.91 -17.32 22.96
CA LYS B 10 -28.32 -15.99 23.12
C LYS B 10 -26.81 -16.11 23.21
N VAL B 11 -26.12 -15.29 22.42
CA VAL B 11 -24.67 -15.32 22.28
C VAL B 11 -24.10 -13.99 22.72
N GLY B 12 -22.92 -14.05 23.33
CA GLY B 12 -22.14 -12.86 23.63
C GLY B 12 -20.85 -12.87 22.85
N ILE B 13 -20.35 -11.67 22.52
CA ILE B 13 -19.08 -11.55 21.82
C ILE B 13 -18.11 -10.85 22.77
N ASN B 14 -16.99 -11.52 23.05
CA ASN B 14 -15.88 -10.90 23.76
C ASN B 14 -14.82 -10.55 22.74
N GLY B 15 -14.60 -9.24 22.53
CA GLY B 15 -13.68 -8.79 21.51
C GLY B 15 -14.42 -8.49 20.22
N PHE B 16 -14.92 -7.26 20.10
CA PHE B 16 -15.69 -6.82 18.92
C PHE B 16 -14.74 -6.31 17.84
N GLY B 17 -13.80 -7.17 17.47
CA GLY B 17 -12.72 -6.85 16.54
C GLY B 17 -13.07 -7.22 15.12
N ARG B 18 -12.06 -7.51 14.31
CA ARG B 18 -12.36 -7.95 12.93
C ARG B 18 -13.23 -9.19 12.94
N ILE B 19 -12.84 -10.23 13.69
CA ILE B 19 -13.62 -11.46 13.67
C ILE B 19 -14.92 -11.28 14.45
N GLY B 20 -14.85 -10.60 15.60
CA GLY B 20 -16.07 -10.38 16.37
C GLY B 20 -17.13 -9.61 15.59
N ARG B 21 -16.73 -8.53 14.92
CA ARG B 21 -17.70 -7.73 14.20
C ARG B 21 -18.22 -8.45 12.97
N LEU B 22 -17.35 -9.15 12.23
CA LEU B 22 -17.87 -9.87 11.07
C LEU B 22 -18.73 -11.05 11.49
N ALA B 23 -18.41 -11.70 12.62
CA ALA B 23 -19.29 -12.74 13.12
C ALA B 23 -20.65 -12.16 13.48
N PHE B 24 -20.66 -10.99 14.13
CA PHE B 24 -21.93 -10.31 14.41
C PHE B 24 -22.72 -10.11 13.12
N ARG B 25 -22.05 -9.66 12.07
CA ARG B 25 -22.73 -9.42 10.79
C ARG B 25 -23.37 -10.69 10.25
N ARG B 26 -22.64 -11.81 10.27
CA ARG B 26 -23.20 -13.05 9.73
C ARG B 26 -24.32 -13.59 10.61
N ILE B 27 -24.25 -13.37 11.93
CA ILE B 27 -25.29 -13.86 12.83
C ILE B 27 -26.62 -13.17 12.54
N GLN B 28 -26.60 -11.95 12.00
CA GLN B 28 -27.84 -11.28 11.61
C GLN B 28 -28.68 -12.11 10.65
N ASN B 29 -28.06 -13.03 9.91
CA ASN B 29 -28.75 -13.85 8.93
C ASN B 29 -28.95 -15.29 9.41
N ILE B 30 -28.69 -15.56 10.68
CA ILE B 30 -28.88 -16.87 11.30
C ILE B 30 -30.13 -16.79 12.18
N GLU B 31 -31.04 -17.73 12.02
CA GLU B 31 -32.25 -17.68 12.83
C GLU B 31 -32.04 -18.24 14.23
N GLY B 32 -31.18 -19.25 14.39
CA GLY B 32 -31.12 -19.92 15.69
C GLY B 32 -30.29 -19.24 16.75
N VAL B 33 -29.70 -18.08 16.46
CA VAL B 33 -28.71 -17.46 17.32
C VAL B 33 -28.89 -15.94 17.25
N GLU B 34 -28.76 -15.27 18.41
CA GLU B 34 -28.79 -13.81 18.43
C GLU B 34 -27.82 -13.29 19.49
N VAL B 35 -27.18 -12.17 19.18
CA VAL B 35 -26.21 -11.54 20.08
C VAL B 35 -26.94 -10.57 21.00
N THR B 36 -26.80 -10.78 22.31
CA THR B 36 -27.43 -9.89 23.27
C THR B 36 -26.44 -9.06 24.08
N ARG B 37 -25.13 -9.30 23.94
CA ARG B 37 -24.14 -8.61 24.76
C ARG B 37 -22.80 -8.61 24.04
N ILE B 38 -22.15 -7.45 24.03
CA ILE B 38 -20.81 -7.27 23.48
C ILE B 38 -19.93 -6.76 24.60
N ASN B 39 -18.74 -7.35 24.74
CA ASN B 39 -17.76 -6.84 25.70
C ASN B 39 -16.47 -6.54 24.95
N ASP B 40 -15.92 -5.36 25.21
CA ASP B 40 -14.65 -4.95 24.59
C ASP B 40 -13.96 -4.04 25.59
N LEU B 41 -13.21 -3.04 25.10
CA LEU B 41 -12.47 -2.15 25.99
C LEU B 41 -12.76 -0.68 25.72
N THR B 42 -13.89 -0.37 25.10
CA THR B 42 -14.13 0.99 24.62
C THR B 42 -15.60 1.32 24.81
N ASP B 43 -16.03 2.47 24.31
CA ASP B 43 -17.39 2.91 24.53
C ASP B 43 -18.28 2.53 23.35
N PRO B 44 -19.61 2.61 23.53
CA PRO B 44 -20.52 2.15 22.47
C PRO B 44 -20.38 2.90 21.15
N ASN B 45 -20.06 4.20 21.19
N ASN B 45 -20.05 4.19 21.17
CA ASN B 45 -19.94 4.96 19.94
CA ASN B 45 -19.99 4.91 19.89
C ASN B 45 -18.83 4.40 19.08
C ASN B 45 -18.80 4.47 19.05
N MET B 46 -17.70 4.04 19.69
CA MET B 46 -16.59 3.47 18.93
C MET B 46 -17.00 2.13 18.30
N LEU B 47 -17.65 1.26 19.08
CA LEU B 47 -18.04 -0.04 18.52
C LEU B 47 -19.12 0.12 17.46
N ALA B 48 -20.09 1.00 17.71
CA ALA B 48 -21.15 1.21 16.72
C ALA B 48 -20.58 1.75 15.42
N HIS B 49 -19.61 2.66 15.51
CA HIS B 49 -18.98 3.21 14.32
C HIS B 49 -18.22 2.13 13.54
N LEU B 50 -17.47 1.28 14.24
CA LEU B 50 -16.72 0.23 13.56
C LEU B 50 -17.64 -0.81 12.93
N LEU B 51 -18.82 -1.03 13.51
CA LEU B 51 -19.77 -1.93 12.87
C LEU B 51 -20.33 -1.31 11.59
N LYS B 52 -20.67 -0.02 11.64
CA LYS B 52 -21.29 0.65 10.50
C LYS B 52 -20.35 0.71 9.29
N TYR B 53 -19.09 1.07 9.51
CA TYR B 53 -18.14 1.36 8.45
C TYR B 53 -16.97 0.40 8.53
N ASP B 54 -16.62 -0.22 7.41
CA ASP B 54 -15.67 -1.32 7.40
C ASP B 54 -14.80 -1.20 6.16
N THR B 55 -13.50 -0.96 6.37
CA THR B 55 -12.60 -0.67 5.26
C THR B 55 -12.63 -1.77 4.20
N THR B 56 -12.51 -3.04 4.62
CA THR B 56 -12.41 -4.12 3.65
C THR B 56 -13.72 -4.85 3.39
N GLN B 57 -14.70 -4.79 4.29
CA GLN B 57 -15.91 -5.60 4.12
C GLN B 57 -17.15 -4.77 3.84
N GLY B 58 -17.03 -3.45 3.76
CA GLY B 58 -18.13 -2.61 3.32
C GLY B 58 -19.08 -2.19 4.43
N ARG B 59 -20.01 -1.32 4.05
CA ARG B 59 -20.97 -0.77 5.00
C ARG B 59 -21.88 -1.86 5.56
N PHE B 60 -22.21 -1.74 6.84
CA PHE B 60 -23.13 -2.67 7.48
C PHE B 60 -24.52 -2.56 6.87
N ASP B 61 -25.16 -3.72 6.67
CA ASP B 61 -26.47 -3.82 6.04
C ASP B 61 -27.53 -3.73 7.13
N GLY B 62 -27.85 -2.51 7.52
CA GLY B 62 -28.81 -2.28 8.58
C GLY B 62 -28.60 -0.92 9.21
N THR B 63 -29.48 -0.62 10.17
CA THR B 63 -29.40 0.64 10.89
C THR B 63 -28.76 0.43 12.26
N VAL B 64 -27.85 1.33 12.62
CA VAL B 64 -27.10 1.27 13.86
C VAL B 64 -27.21 2.63 14.53
N GLU B 65 -27.71 2.65 15.76
CA GLU B 65 -27.90 3.89 16.51
C GLU B 65 -27.35 3.70 17.92
N VAL B 66 -26.43 4.57 18.32
CA VAL B 66 -25.87 4.49 19.66
C VAL B 66 -26.93 4.89 20.68
N LYS B 67 -26.97 4.16 21.79
CA LYS B 67 -27.82 4.47 22.92
C LYS B 67 -26.96 4.51 24.18
N GLU B 68 -27.59 4.83 25.31
CA GLU B 68 -26.88 4.70 26.58
C GLU B 68 -26.58 3.23 26.85
N GLY B 69 -25.32 2.93 27.13
CA GLY B 69 -24.92 1.58 27.49
C GLY B 69 -24.89 0.56 26.37
N GLY B 70 -25.03 0.98 25.12
CA GLY B 70 -24.96 0.05 24.00
C GLY B 70 -25.39 0.72 22.71
N PHE B 71 -25.85 -0.09 21.77
CA PHE B 71 -26.39 0.48 20.53
C PHE B 71 -27.50 -0.42 20.00
N GLU B 72 -28.37 0.18 19.20
CA GLU B 72 -29.48 -0.53 18.58
C GLU B 72 -29.12 -0.90 17.16
N VAL B 73 -29.35 -2.15 16.80
CA VAL B 73 -29.21 -2.62 15.43
C VAL B 73 -30.63 -2.92 14.94
N ASN B 74 -31.11 -2.10 14.01
CA ASN B 74 -32.51 -2.15 13.55
C ASN B 74 -33.48 -2.04 14.73
N GLY B 75 -33.14 -1.16 15.68
CA GLY B 75 -33.98 -0.92 16.83
C GLY B 75 -33.83 -1.92 17.96
N ASN B 76 -33.05 -2.98 17.77
CA ASN B 76 -32.82 -3.98 18.82
C ASN B 76 -31.58 -3.60 19.62
N PHE B 77 -31.77 -3.32 20.90
CA PHE B 77 -30.67 -2.88 21.75
C PHE B 77 -29.73 -4.04 22.05
N ILE B 78 -28.43 -3.76 21.96
CA ILE B 78 -27.38 -4.70 22.32
C ILE B 78 -26.50 -4.02 23.37
N LYS B 79 -26.42 -4.64 24.56
CA LYS B 79 -25.64 -4.07 25.63
C LYS B 79 -24.16 -4.16 25.32
N VAL B 80 -23.42 -3.10 25.66
CA VAL B 80 -21.98 -3.04 25.53
C VAL B 80 -21.39 -2.84 26.91
N SER B 81 -20.41 -3.67 27.27
CA SER B 81 -19.62 -3.46 28.47
C SER B 81 -18.15 -3.37 28.07
N ALA B 82 -17.32 -2.98 29.04
CA ALA B 82 -15.90 -2.78 28.81
C ALA B 82 -15.08 -3.37 29.97
N GLU B 83 -15.22 -4.67 30.19
CA GLU B 83 -14.53 -5.36 31.28
C GLU B 83 -13.31 -6.09 30.74
N ARG B 84 -12.13 -5.71 31.22
CA ARG B 84 -10.89 -6.34 30.79
C ARG B 84 -10.79 -7.81 31.22
N ASP B 85 -11.48 -8.19 32.30
CA ASP B 85 -11.35 -9.51 32.90
C ASP B 85 -12.64 -10.30 32.67
N PRO B 86 -12.62 -11.41 31.92
CA PRO B 86 -13.86 -12.19 31.72
C PRO B 86 -14.57 -12.56 32.99
N GLU B 87 -13.84 -12.75 34.09
CA GLU B 87 -14.48 -13.05 35.36
C GLU B 87 -15.44 -11.95 35.80
N ASN B 88 -15.30 -10.73 35.27
CA ASN B 88 -16.15 -9.61 35.64
C ASN B 88 -17.27 -9.35 34.63
N ILE B 89 -17.41 -10.15 33.59
CA ILE B 89 -18.50 -9.97 32.62
C ILE B 89 -19.70 -10.78 33.11
N ASP B 90 -20.77 -10.08 33.46
CA ASP B 90 -21.98 -10.75 33.96
C ASP B 90 -22.85 -11.18 32.78
N TRP B 91 -22.31 -12.12 32.00
CA TRP B 91 -23.03 -12.63 30.82
C TRP B 91 -24.45 -13.06 31.16
N ALA B 92 -24.63 -13.67 32.33
CA ALA B 92 -25.93 -14.24 32.68
C ALA B 92 -27.02 -13.16 32.75
N THR B 93 -26.63 -11.91 33.03
CA THR B 93 -27.61 -10.84 33.11
C THR B 93 -28.36 -10.68 31.79
N ASP B 94 -27.70 -10.96 30.68
CA ASP B 94 -28.31 -10.82 29.35
C ASP B 94 -28.63 -12.18 28.74
N GLY B 95 -28.73 -13.21 29.57
CA GLY B 95 -29.12 -14.54 29.11
C GLY B 95 -28.14 -15.22 28.19
N VAL B 96 -26.90 -14.75 28.11
CA VAL B 96 -25.93 -15.30 27.18
C VAL B 96 -25.57 -16.73 27.60
N GLU B 97 -25.73 -17.68 26.68
CA GLU B 97 -25.26 -19.04 26.97
C GLU B 97 -23.93 -19.37 26.32
N ILE B 98 -23.64 -18.83 25.13
CA ILE B 98 -22.41 -19.14 24.42
C ILE B 98 -21.68 -17.84 24.13
N VAL B 99 -20.39 -17.81 24.46
CA VAL B 99 -19.55 -16.65 24.24
C VAL B 99 -18.62 -16.94 23.07
N LEU B 100 -18.57 -16.01 22.11
CA LEU B 100 -17.53 -15.99 21.10
C LEU B 100 -16.33 -15.26 21.69
N GLU B 101 -15.25 -16.00 21.96
CA GLU B 101 -14.06 -15.44 22.58
C GLU B 101 -13.12 -15.02 21.44
N ALA B 102 -13.16 -13.73 21.11
CA ALA B 102 -12.51 -13.21 19.91
C ALA B 102 -11.54 -12.08 20.23
N THR B 103 -11.01 -12.03 21.46
CA THR B 103 -10.05 -10.97 21.81
C THR B 103 -8.63 -11.28 21.37
N GLY B 104 -8.30 -12.56 21.19
CA GLY B 104 -6.91 -12.95 21.02
C GLY B 104 -6.13 -13.09 22.32
N PHE B 105 -6.76 -12.85 23.47
CA PHE B 105 -6.06 -12.86 24.75
C PHE B 105 -6.50 -13.97 25.69
N PHE B 106 -7.49 -14.77 25.32
CA PHE B 106 -7.95 -15.86 26.19
C PHE B 106 -8.10 -17.15 25.38
N ALA B 107 -7.15 -17.41 24.49
CA ALA B 107 -7.28 -18.53 23.54
C ALA B 107 -6.63 -19.80 24.07
N LYS B 108 -7.00 -20.17 25.30
CA LYS B 108 -6.62 -21.43 25.93
C LYS B 108 -7.78 -21.89 26.80
N LYS B 109 -7.78 -23.19 27.12
CA LYS B 109 -8.90 -23.78 27.84
C LYS B 109 -9.16 -23.05 29.16
N GLU B 110 -8.14 -22.92 30.00
CA GLU B 110 -8.36 -22.32 31.32
C GLU B 110 -8.71 -20.84 31.22
N ALA B 111 -8.17 -20.14 30.22
CA ALA B 111 -8.48 -18.72 30.06
C ALA B 111 -9.92 -18.53 29.60
N ALA B 112 -10.35 -19.33 28.62
CA ALA B 112 -11.73 -19.24 28.15
C ALA B 112 -12.72 -19.63 29.25
N GLU B 113 -12.33 -20.55 30.14
CA GLU B 113 -13.19 -20.95 31.24
C GLU B 113 -13.49 -19.81 32.20
N LYS B 114 -12.72 -18.72 32.13
CA LYS B 114 -12.99 -17.55 32.97
C LYS B 114 -14.39 -16.98 32.71
N HIS B 115 -14.91 -17.21 31.50
CA HIS B 115 -16.27 -16.77 31.17
C HIS B 115 -17.34 -17.55 31.91
N LEU B 116 -17.00 -18.71 32.48
CA LEU B 116 -18.00 -19.64 32.99
C LEU B 116 -18.17 -19.53 34.51
N HIS B 117 -18.02 -18.32 35.04
CA HIS B 117 -18.19 -18.07 36.47
C HIS B 117 -19.68 -18.11 36.82
N ALA B 118 -19.99 -17.82 38.08
CA ALA B 118 -21.35 -17.97 38.59
C ALA B 118 -22.36 -17.12 37.84
N ASN B 119 -21.97 -15.93 37.39
CA ASN B 119 -22.86 -15.04 36.65
C ASN B 119 -22.45 -14.91 35.18
N GLY B 120 -21.74 -15.88 34.66
CA GLY B 120 -21.23 -15.85 33.31
C GLY B 120 -22.04 -16.69 32.37
N ALA B 121 -21.37 -17.21 31.35
CA ALA B 121 -22.00 -17.98 30.30
C ALA B 121 -21.90 -19.47 30.61
N LYS B 122 -22.29 -20.31 29.66
CA LYS B 122 -22.25 -21.75 29.82
C LYS B 122 -21.21 -22.42 28.93
N LYS B 123 -20.91 -21.84 27.78
CA LYS B 123 -19.98 -22.42 26.82
C LYS B 123 -19.22 -21.30 26.12
N VAL B 124 -18.06 -21.65 25.57
CA VAL B 124 -17.20 -20.70 24.87
C VAL B 124 -16.71 -21.33 23.57
N VAL B 125 -16.76 -20.53 22.50
CA VAL B 125 -16.14 -20.85 21.22
C VAL B 125 -14.98 -19.88 21.02
N ILE B 126 -13.74 -20.40 21.07
CA ILE B 126 -12.55 -19.58 20.84
C ILE B 126 -12.37 -19.37 19.34
N THR B 127 -12.22 -18.12 18.91
CA THR B 127 -12.08 -17.83 17.48
C THR B 127 -10.63 -17.94 17.03
N ALA B 128 -9.94 -19.01 17.45
CA ALA B 128 -8.51 -19.16 17.22
C ALA B 128 -8.13 -20.57 17.65
N PRO B 129 -6.94 -21.06 17.28
CA PRO B 129 -6.42 -22.26 17.93
C PRO B 129 -6.46 -22.09 19.44
N GLY B 130 -6.87 -23.14 20.14
CA GLY B 130 -7.09 -23.02 21.57
C GLY B 130 -6.31 -24.02 22.40
N GLY B 131 -5.26 -24.61 21.81
CA GLY B 131 -4.50 -25.64 22.47
C GLY B 131 -5.00 -27.03 22.12
N ASN B 132 -4.19 -28.03 22.45
CA ASN B 132 -4.51 -29.37 21.99
C ASN B 132 -5.46 -30.11 22.92
N ASP B 133 -5.95 -29.47 23.98
CA ASP B 133 -6.92 -30.08 24.89
C ASP B 133 -8.32 -29.50 24.73
N VAL B 134 -8.59 -28.77 23.65
CA VAL B 134 -9.95 -28.36 23.30
C VAL B 134 -10.27 -28.86 21.91
N LYS B 135 -11.50 -29.35 21.73
CA LYS B 135 -11.92 -29.80 20.41
C LYS B 135 -11.84 -28.64 19.44
N THR B 136 -11.29 -28.91 18.26
CA THR B 136 -10.96 -27.89 17.27
C THR B 136 -11.68 -28.28 15.99
N VAL B 137 -12.55 -27.39 15.51
CA VAL B 137 -13.54 -27.74 14.50
C VAL B 137 -13.37 -26.84 13.29
N VAL B 138 -13.20 -27.48 12.13
CA VAL B 138 -13.33 -26.88 10.81
C VAL B 138 -14.67 -27.35 10.26
N PHE B 139 -15.62 -26.43 10.10
CA PHE B 139 -16.95 -26.88 9.69
C PHE B 139 -16.88 -27.58 8.34
N ASN B 140 -17.67 -28.64 8.20
CA ASN B 140 -17.73 -29.50 7.03
C ASN B 140 -16.46 -30.30 6.81
N THR B 141 -15.48 -30.25 7.71
CA THR B 141 -14.42 -31.22 7.73
C THR B 141 -14.50 -32.15 8.94
N ASN B 142 -14.72 -31.60 10.14
CA ASN B 142 -14.84 -32.47 11.31
C ASN B 142 -15.84 -31.97 12.35
N HIS B 143 -16.89 -31.23 11.96
CA HIS B 143 -17.81 -30.79 13.01
C HIS B 143 -18.63 -31.95 13.58
N ASP B 144 -18.55 -33.13 12.98
CA ASP B 144 -19.16 -34.32 13.57
C ASP B 144 -18.63 -34.66 14.95
N ILE B 145 -17.46 -34.14 15.34
CA ILE B 145 -16.89 -34.52 16.63
C ILE B 145 -17.66 -33.88 17.78
N LEU B 146 -18.44 -32.85 17.52
CA LEU B 146 -19.18 -32.16 18.56
C LEU B 146 -20.40 -32.98 18.96
N ASP B 147 -20.71 -32.99 20.26
CA ASP B 147 -21.99 -33.52 20.71
C ASP B 147 -22.79 -32.51 21.51
N GLY B 148 -22.28 -31.31 21.75
CA GLY B 148 -23.01 -30.30 22.47
C GLY B 148 -22.76 -30.25 23.96
N THR B 149 -22.10 -31.25 24.53
CA THR B 149 -21.78 -31.20 25.95
C THR B 149 -20.51 -30.43 26.23
N GLU B 150 -19.77 -30.04 25.20
CA GLU B 150 -18.51 -29.34 25.38
C GLU B 150 -18.73 -27.98 26.03
N THR B 151 -17.80 -27.58 26.89
CA THR B 151 -17.85 -26.25 27.48
C THR B 151 -16.96 -25.25 26.77
N VAL B 152 -15.86 -25.69 26.17
CA VAL B 152 -14.95 -24.83 25.40
C VAL B 152 -14.56 -25.58 24.15
N ILE B 153 -14.75 -24.95 22.98
CA ILE B 153 -14.27 -25.49 21.72
C ILE B 153 -13.54 -24.37 20.98
N SER B 154 -12.82 -24.76 19.93
CA SER B 154 -12.05 -23.84 19.10
C SER B 154 -12.52 -23.94 17.66
N GLY B 155 -12.63 -22.77 16.99
CA GLY B 155 -12.89 -22.71 15.56
C GLY B 155 -11.66 -22.78 14.70
N ALA B 156 -10.50 -23.09 15.30
CA ALA B 156 -9.20 -23.16 14.64
C ALA B 156 -8.77 -21.80 14.12
N SER B 157 -7.78 -21.77 13.23
CA SER B 157 -7.31 -20.53 12.60
C SER B 157 -7.93 -20.40 11.21
N CYS B 158 -7.75 -19.20 10.63
CA CYS B 158 -8.08 -19.01 9.22
C CYS B 158 -7.33 -19.99 8.33
N THR B 159 -6.03 -20.13 8.56
CA THR B 159 -5.21 -21.02 7.73
C THR B 159 -5.64 -22.47 7.89
N THR B 160 -6.02 -22.89 9.10
CA THR B 160 -6.46 -24.27 9.27
C THR B 160 -7.74 -24.53 8.47
N ASN B 161 -8.67 -23.56 8.46
CA ASN B 161 -9.90 -23.76 7.71
C ASN B 161 -9.65 -23.76 6.21
N CYS B 162 -8.59 -23.08 5.76
CA CYS B 162 -8.22 -23.17 4.36
C CYS B 162 -7.55 -24.50 4.06
N LEU B 163 -6.58 -24.88 4.88
CA LEU B 163 -5.76 -26.06 4.62
C LEU B 163 -6.54 -27.36 4.76
N ALA B 164 -7.44 -27.43 5.76
CA ALA B 164 -7.99 -28.74 6.14
C ALA B 164 -8.78 -29.43 5.04
N PRO B 165 -9.77 -28.80 4.38
CA PRO B 165 -10.48 -29.55 3.32
C PRO B 165 -9.57 -29.95 2.17
N MET B 166 -8.61 -29.09 1.82
CA MET B 166 -7.69 -29.42 0.74
C MET B 166 -6.84 -30.63 1.10
N ALA B 167 -6.20 -30.58 2.28
CA ALA B 167 -5.37 -31.70 2.71
C ALA B 167 -6.19 -32.97 2.86
N LYS B 168 -7.40 -32.88 3.41
CA LYS B 168 -8.20 -34.09 3.61
C LYS B 168 -8.61 -34.72 2.29
N ALA B 169 -9.03 -33.91 1.32
CA ALA B 169 -9.41 -34.46 0.02
C ALA B 169 -8.22 -35.12 -0.65
N LEU B 170 -7.05 -34.46 -0.62
CA LEU B 170 -5.85 -35.02 -1.23
C LEU B 170 -5.42 -36.29 -0.50
N HIS B 171 -5.47 -36.29 0.82
CA HIS B 171 -5.06 -37.47 1.58
C HIS B 171 -6.01 -38.64 1.35
N ASP B 172 -7.32 -38.37 1.35
CA ASP B 172 -8.30 -39.44 1.13
C ASP B 172 -8.11 -40.07 -0.24
N ALA B 173 -7.73 -39.28 -1.24
CA ALA B 173 -7.65 -39.78 -2.60
C ALA B 173 -6.31 -40.46 -2.90
N PHE B 174 -5.21 -39.92 -2.37
CA PHE B 174 -3.88 -40.37 -2.78
C PHE B 174 -2.93 -40.69 -1.64
N GLY B 175 -3.21 -40.30 -0.40
CA GLY B 175 -2.33 -40.60 0.70
C GLY B 175 -1.18 -39.64 0.85
N ILE B 176 -1.34 -38.61 1.69
CA ILE B 176 -0.25 -37.70 1.98
C ILE B 176 0.79 -38.40 2.86
N GLN B 177 2.04 -38.37 2.43
CA GLN B 177 3.13 -38.94 3.22
C GLN B 177 3.74 -37.91 4.15
N LYS B 178 3.98 -36.71 3.62
CA LYS B 178 4.60 -35.61 4.35
C LYS B 178 4.37 -34.36 3.52
N GLY B 179 4.41 -33.20 4.18
CA GLY B 179 4.15 -31.97 3.45
C GLY B 179 4.73 -30.75 4.13
N LEU B 180 4.93 -29.70 3.33
CA LEU B 180 5.30 -28.38 3.80
C LEU B 180 4.33 -27.34 3.23
N MET B 181 3.93 -26.40 4.07
CA MET B 181 2.93 -25.39 3.73
C MET B 181 3.55 -24.00 3.81
N THR B 182 3.24 -23.15 2.84
CA THR B 182 3.48 -21.72 2.96
C THR B 182 2.17 -21.01 2.71
N THR B 183 1.75 -20.18 3.66
CA THR B 183 0.62 -19.29 3.41
C THR B 183 1.14 -17.88 3.18
N ILE B 184 0.71 -17.28 2.07
CA ILE B 184 0.97 -15.87 1.76
C ILE B 184 -0.28 -15.13 2.22
N HIS B 185 -0.14 -14.36 3.30
CA HIS B 185 -1.24 -14.02 4.17
C HIS B 185 -1.30 -12.51 4.35
N ALA B 186 -2.52 -11.96 4.30
CA ALA B 186 -2.72 -10.54 4.58
C ALA B 186 -2.13 -10.18 5.93
N TYR B 187 -1.73 -8.92 6.09
CA TYR B 187 -1.34 -8.50 7.44
C TYR B 187 -2.57 -8.45 8.34
N THR B 188 -2.36 -8.58 9.64
CA THR B 188 -3.45 -8.57 10.61
C THR B 188 -3.15 -7.55 11.70
N GLY B 189 -4.13 -7.39 12.60
CA GLY B 189 -4.02 -6.42 13.67
C GLY B 189 -2.92 -6.70 14.67
N ASP B 190 -2.34 -7.90 14.66
CA ASP B 190 -1.26 -8.23 15.58
C ASP B 190 0.10 -7.77 15.06
N GLN B 191 0.17 -7.32 13.81
CA GLN B 191 1.40 -6.70 13.31
C GLN B 191 1.37 -5.21 13.58
N MET B 192 2.55 -4.61 13.68
CA MET B 192 2.66 -3.18 13.93
C MET B 192 2.43 -2.38 12.65
N ILE B 193 1.75 -1.24 12.76
CA ILE B 193 1.50 -0.44 11.56
C ILE B 193 2.81 0.18 11.06
N LEU B 194 3.74 0.47 11.98
CA LEU B 194 5.08 0.91 11.64
C LEU B 194 6.03 0.24 12.63
N ASP B 195 7.31 0.13 12.24
CA ASP B 195 8.32 -0.52 13.07
C ASP B 195 8.20 -0.08 14.53
N GLY B 196 8.00 -1.03 15.44
CA GLY B 196 7.94 -0.69 16.85
C GLY B 196 7.86 -1.92 17.72
N PRO B 197 8.00 -1.76 19.04
CA PRO B 197 8.03 -2.93 19.92
C PRO B 197 6.74 -3.75 19.81
N HIS B 198 6.91 -5.04 19.53
CA HIS B 198 5.78 -5.96 19.45
C HIS B 198 5.58 -6.58 20.83
N ARG B 199 4.36 -6.45 21.37
CA ARG B 199 4.14 -6.87 22.75
C ARG B 199 4.29 -8.38 22.92
N GLY B 200 4.12 -9.15 21.84
CA GLY B 200 4.36 -10.57 21.93
C GLY B 200 5.79 -11.01 21.74
N GLY B 201 6.72 -10.08 21.55
CA GLY B 201 8.13 -10.39 21.39
C GLY B 201 8.56 -10.87 20.03
N ASP B 202 7.71 -10.75 19.02
CA ASP B 202 7.99 -11.23 17.66
C ASP B 202 8.74 -10.13 16.90
N LEU B 203 10.03 -10.36 16.59
CA LEU B 203 10.85 -9.35 15.93
C LEU B 203 10.42 -9.08 14.50
N ARG B 204 9.63 -9.97 13.92
CA ARG B 204 9.13 -9.76 12.56
C ARG B 204 7.75 -9.10 12.56
N ARG B 205 6.86 -9.49 13.50
CA ARG B 205 5.61 -8.75 13.62
C ARG B 205 5.84 -7.33 14.15
N ALA B 206 7.03 -7.05 14.67
CA ALA B 206 7.39 -5.70 15.05
C ALA B 206 7.53 -4.76 13.87
N ARG B 207 7.62 -5.28 12.64
CA ARG B 207 7.91 -4.44 11.49
C ARG B 207 6.62 -3.94 10.81
N ALA B 208 6.74 -2.82 10.12
CA ALA B 208 5.63 -2.18 9.41
C ALA B 208 4.93 -3.19 8.53
N GLY B 209 3.69 -3.56 8.87
CA GLY B 209 3.06 -4.69 8.22
C GLY B 209 2.56 -4.42 6.81
N ALA B 210 2.29 -3.16 6.47
CA ALA B 210 1.81 -2.81 5.14
C ALA B 210 2.94 -2.33 4.24
N ALA B 211 4.19 -2.55 4.63
CA ALA B 211 5.32 -2.08 3.82
C ALA B 211 6.41 -3.13 3.68
N ASN B 212 6.10 -4.40 4.00
CA ASN B 212 7.10 -5.46 4.06
C ASN B 212 6.48 -6.80 3.71
N ILE B 213 7.30 -7.67 3.11
CA ILE B 213 7.10 -9.11 3.18
C ILE B 213 7.70 -9.58 4.49
N VAL B 214 6.88 -10.21 5.34
CA VAL B 214 7.24 -10.54 6.72
C VAL B 214 7.11 -12.03 6.97
N PRO B 215 8.21 -12.78 7.07
CA PRO B 215 8.09 -14.20 7.42
C PRO B 215 7.51 -14.34 8.82
N ASN B 216 6.79 -15.44 9.05
CA ASN B 216 6.27 -15.65 10.40
C ASN B 216 5.97 -17.12 10.60
N SER B 217 6.04 -17.57 11.85
CA SER B 217 5.64 -18.95 12.09
C SER B 217 4.12 -19.07 12.09
N THR B 218 3.64 -20.28 11.86
CA THR B 218 2.23 -20.60 12.02
C THR B 218 2.13 -22.06 12.39
N GLY B 219 1.22 -22.38 13.29
CA GLY B 219 1.09 -23.75 13.72
C GLY B 219 0.08 -24.57 12.96
N ALA B 220 -0.51 -23.98 11.90
CA ALA B 220 -1.64 -24.64 11.24
C ALA B 220 -1.26 -26.03 10.73
N ALA B 221 -0.10 -26.14 10.08
CA ALA B 221 0.27 -27.44 9.52
C ALA B 221 0.67 -28.43 10.61
N LYS B 222 1.46 -27.98 11.59
CA LYS B 222 1.92 -28.93 12.61
C LYS B 222 0.78 -29.39 13.49
N ALA B 223 -0.26 -28.57 13.67
CA ALA B 223 -1.38 -28.89 14.53
C ALA B 223 -2.57 -29.51 13.79
N ILE B 224 -2.39 -29.84 12.51
CA ILE B 224 -3.52 -30.31 11.71
C ILE B 224 -4.15 -31.57 12.29
N GLY B 225 -3.41 -32.32 13.11
CA GLY B 225 -3.94 -33.55 13.69
C GLY B 225 -5.17 -33.33 14.55
N LEU B 226 -5.37 -32.12 15.08
CA LEU B 226 -6.60 -31.84 15.83
C LEU B 226 -7.82 -31.94 14.95
N VAL B 227 -7.66 -31.70 13.65
CA VAL B 227 -8.77 -31.74 12.69
C VAL B 227 -8.75 -33.00 11.84
N ILE B 228 -7.57 -33.40 11.37
CA ILE B 228 -7.39 -34.61 10.58
C ILE B 228 -6.39 -35.49 11.32
N PRO B 229 -6.84 -36.35 12.23
CA PRO B 229 -5.89 -37.10 13.08
C PRO B 229 -4.83 -37.89 12.31
N GLU B 230 -5.18 -38.42 11.13
CA GLU B 230 -4.21 -39.21 10.37
C GLU B 230 -3.05 -38.38 9.84
N LEU B 231 -3.16 -37.05 9.84
CA LEU B 231 -2.08 -36.19 9.38
C LEU B 231 -1.27 -35.61 10.54
N ASN B 232 -1.53 -36.05 11.77
CA ASN B 232 -0.68 -35.65 12.88
C ASN B 232 0.75 -36.09 12.60
N GLY B 233 1.70 -35.18 12.80
CA GLY B 233 3.11 -35.48 12.60
C GLY B 233 3.55 -35.58 11.16
N LYS B 234 2.72 -35.13 10.20
CA LYS B 234 3.07 -35.25 8.79
C LYS B 234 3.36 -33.92 8.11
N LEU B 235 2.90 -32.79 8.66
CA LEU B 235 3.03 -31.50 8.00
C LEU B 235 3.71 -30.48 8.88
N ASP B 236 4.35 -29.51 8.25
CA ASP B 236 4.84 -28.30 8.90
C ASP B 236 4.73 -27.18 7.89
N GLY B 237 5.04 -25.97 8.33
CA GLY B 237 4.90 -24.84 7.42
C GLY B 237 5.17 -23.53 8.09
N ALA B 238 4.97 -22.46 7.32
CA ALA B 238 5.27 -21.11 7.77
C ALA B 238 4.41 -20.15 6.95
N ALA B 239 4.56 -18.85 7.25
CA ALA B 239 3.80 -17.81 6.60
C ALA B 239 4.74 -16.75 6.02
N GLN B 240 4.25 -16.06 4.99
CA GLN B 240 4.77 -14.78 4.56
C GLN B 240 3.61 -13.79 4.62
N ARG B 241 3.69 -12.85 5.56
CA ARG B 241 2.69 -11.80 5.69
C ARG B 241 3.02 -10.69 4.70
N VAL B 242 2.03 -10.23 3.92
CA VAL B 242 2.31 -9.27 2.85
C VAL B 242 1.27 -8.15 2.85
N PRO B 243 1.57 -7.02 2.15
CA PRO B 243 0.72 -5.80 2.29
C PRO B 243 -0.60 -5.81 1.52
N VAL B 244 -1.49 -6.72 1.88
CA VAL B 244 -2.92 -6.54 1.55
C VAL B 244 -3.66 -6.58 2.88
N PRO B 245 -4.71 -5.76 3.07
CA PRO B 245 -5.36 -5.68 4.39
C PRO B 245 -6.27 -6.85 4.73
N THR B 246 -6.65 -7.67 3.74
CA THR B 246 -7.27 -8.97 3.97
C THR B 246 -7.20 -9.76 2.68
N GLY B 247 -7.26 -11.08 2.82
CA GLY B 247 -7.16 -11.98 1.69
C GLY B 247 -5.83 -12.72 1.71
N SER B 248 -5.89 -14.05 1.60
CA SER B 248 -4.72 -14.89 1.81
C SER B 248 -4.77 -16.09 0.87
N VAL B 249 -3.66 -16.83 0.80
CA VAL B 249 -3.58 -18.03 -0.04
C VAL B 249 -2.63 -19.03 0.61
N THR B 250 -2.99 -20.31 0.53
CA THR B 250 -2.22 -21.39 1.16
C THR B 250 -1.67 -22.31 0.07
N GLU B 251 -0.35 -22.51 0.05
CA GLU B 251 0.30 -23.47 -0.82
C GLU B 251 0.78 -24.66 0.02
N LEU B 252 0.57 -25.86 -0.51
CA LEU B 252 0.96 -27.10 0.18
C LEU B 252 1.72 -27.96 -0.81
N VAL B 253 2.94 -28.36 -0.45
CA VAL B 253 3.76 -29.26 -1.25
C VAL B 253 3.90 -30.57 -0.49
N VAL B 254 3.53 -31.69 -1.12
CA VAL B 254 3.54 -32.99 -0.47
C VAL B 254 4.23 -34.02 -1.36
N THR B 255 4.57 -35.16 -0.76
CA THR B 255 4.70 -36.42 -1.48
C THR B 255 3.52 -37.30 -1.12
N LEU B 256 3.13 -38.17 -2.07
CA LEU B 256 1.91 -38.98 -1.96
C LEU B 256 2.25 -40.45 -2.13
N ASP B 257 1.32 -41.31 -1.68
CA ASP B 257 1.45 -42.74 -1.90
C ASP B 257 1.25 -43.14 -3.35
N LYS B 258 0.61 -42.29 -4.14
CA LYS B 258 0.28 -42.57 -5.53
C LYS B 258 0.88 -41.51 -6.43
N ASN B 259 1.32 -41.92 -7.62
CA ASN B 259 1.66 -40.95 -8.66
C ASN B 259 0.37 -40.43 -9.29
N VAL B 260 0.32 -39.12 -9.51
CA VAL B 260 -0.90 -38.45 -9.97
C VAL B 260 -0.57 -37.47 -11.09
N SER B 261 -1.63 -37.05 -11.79
CA SER B 261 -1.56 -35.97 -12.75
C SER B 261 -2.24 -34.74 -12.18
N VAL B 262 -1.92 -33.59 -12.77
CA VAL B 262 -2.58 -32.34 -12.38
C VAL B 262 -4.10 -32.47 -12.54
N ASP B 263 -4.55 -33.05 -13.67
CA ASP B 263 -5.98 -33.23 -13.88
C ASP B 263 -6.61 -34.13 -12.82
N GLU B 264 -5.91 -35.19 -12.41
CA GLU B 264 -6.45 -36.08 -11.38
C GLU B 264 -6.56 -35.37 -10.05
N ILE B 265 -5.59 -34.53 -9.72
CA ILE B 265 -5.64 -33.75 -8.49
C ILE B 265 -6.84 -32.81 -8.53
N ASN B 266 -6.95 -32.03 -9.61
CA ASN B 266 -8.03 -31.04 -9.70
C ASN B 266 -9.39 -31.72 -9.62
N SER B 267 -9.51 -32.88 -10.25
CA SER B 267 -10.78 -33.60 -10.20
C SER B 267 -11.12 -34.06 -8.79
N ALA B 268 -10.10 -34.51 -8.04
CA ALA B 268 -10.36 -34.94 -6.66
C ALA B 268 -10.80 -33.77 -5.79
N MET B 269 -10.25 -32.58 -6.03
CA MET B 269 -10.67 -31.41 -5.25
C MET B 269 -12.10 -31.02 -5.61
N LYS B 270 -12.42 -30.98 -6.91
CA LYS B 270 -13.76 -30.63 -7.33
C LYS B 270 -14.80 -31.59 -6.77
N ALA B 271 -14.47 -32.88 -6.74
CA ALA B 271 -15.39 -33.88 -6.20
C ALA B 271 -15.69 -33.63 -4.73
N ALA B 272 -14.75 -33.05 -3.99
CA ALA B 272 -14.91 -32.76 -2.57
C ALA B 272 -15.51 -31.38 -2.30
N SER B 273 -15.86 -30.63 -3.34
CA SER B 273 -16.33 -29.26 -3.14
C SER B 273 -17.72 -29.24 -2.51
N ASN B 274 -17.97 -28.20 -1.71
CA ASN B 274 -19.25 -28.02 -1.02
C ASN B 274 -19.32 -26.57 -0.57
N ASP B 275 -20.19 -26.28 0.42
CA ASP B 275 -20.39 -24.89 0.83
C ASP B 275 -19.18 -24.32 1.54
N SER B 276 -18.33 -25.18 2.12
CA SER B 276 -17.11 -24.74 2.78
C SER B 276 -15.90 -24.75 1.86
N PHE B 277 -15.82 -25.72 0.96
CA PHE B 277 -14.65 -25.93 0.10
C PHE B 277 -15.08 -25.65 -1.34
N GLY B 278 -14.67 -24.49 -1.88
CA GLY B 278 -15.01 -24.12 -3.23
C GLY B 278 -13.97 -24.58 -4.23
N TYR B 279 -14.33 -24.48 -5.51
CA TYR B 279 -13.45 -24.87 -6.60
C TYR B 279 -13.51 -23.82 -7.70
N THR B 280 -12.36 -23.36 -8.15
CA THR B 280 -12.34 -22.46 -9.30
C THR B 280 -11.22 -22.81 -10.28
N GLU B 281 -11.48 -22.55 -11.55
CA GLU B 281 -10.47 -22.62 -12.61
C GLU B 281 -10.19 -21.24 -13.20
N ASP B 282 -10.71 -20.17 -12.60
CA ASP B 282 -10.46 -18.82 -13.10
C ASP B 282 -9.18 -18.28 -12.46
N PRO B 283 -8.36 -17.54 -13.21
CA PRO B 283 -7.08 -17.02 -12.66
C PRO B 283 -7.29 -15.75 -11.85
N ILE B 284 -7.83 -15.95 -10.64
CA ILE B 284 -8.22 -14.85 -9.77
C ILE B 284 -7.01 -14.35 -8.99
N VAL B 285 -7.18 -13.24 -8.27
CA VAL B 285 -6.18 -12.67 -7.38
C VAL B 285 -6.84 -12.42 -6.03
N SER B 286 -6.07 -11.95 -5.05
CA SER B 286 -6.56 -12.01 -3.67
C SER B 286 -7.80 -11.14 -3.46
N SER B 287 -7.91 -10.00 -4.15
CA SER B 287 -9.08 -9.16 -3.94
C SER B 287 -10.36 -9.87 -4.33
N ASP B 288 -10.28 -10.87 -5.20
CA ASP B 288 -11.47 -11.59 -5.64
C ASP B 288 -12.05 -12.49 -4.58
N ILE B 289 -11.30 -12.83 -3.53
CA ILE B 289 -11.88 -13.65 -2.48
C ILE B 289 -12.27 -12.85 -1.25
N VAL B 290 -12.08 -11.53 -1.26
CA VAL B 290 -12.51 -10.74 -0.12
C VAL B 290 -14.02 -10.84 0.01
N GLY B 291 -14.49 -11.21 1.20
CA GLY B 291 -15.91 -11.31 1.48
C GLY B 291 -16.56 -12.63 1.14
N VAL B 292 -15.83 -13.59 0.56
CA VAL B 292 -16.48 -14.85 0.18
C VAL B 292 -16.79 -15.69 1.41
N SER B 293 -17.73 -16.62 1.24
CA SER B 293 -18.20 -17.43 2.36
C SER B 293 -17.65 -18.85 2.34
N TYR B 294 -16.89 -19.24 1.31
CA TYR B 294 -16.13 -20.48 1.40
C TYR B 294 -15.09 -20.34 2.49
N GLY B 295 -14.85 -21.42 3.24
CA GLY B 295 -13.70 -21.44 4.12
C GLY B 295 -12.39 -21.60 3.38
N SER B 296 -12.44 -22.09 2.15
CA SER B 296 -11.28 -22.48 1.35
C SER B 296 -11.74 -22.55 -0.09
N LEU B 297 -11.00 -21.91 -0.99
CA LEU B 297 -11.35 -21.92 -2.41
C LEU B 297 -10.18 -22.50 -3.20
N PHE B 298 -10.29 -23.78 -3.56
CA PHE B 298 -9.22 -24.43 -4.30
C PHE B 298 -9.05 -23.80 -5.68
N ASP B 299 -7.79 -23.53 -6.05
CA ASP B 299 -7.47 -22.88 -7.33
C ASP B 299 -6.76 -23.88 -8.23
N ALA B 300 -7.51 -24.45 -9.18
CA ALA B 300 -6.94 -25.45 -10.08
C ALA B 300 -5.84 -24.88 -10.98
N THR B 301 -5.80 -23.55 -11.18
CA THR B 301 -4.79 -22.97 -12.07
C THR B 301 -3.38 -23.03 -11.50
N GLN B 302 -3.23 -23.30 -10.20
CA GLN B 302 -1.94 -23.26 -9.54
C GLN B 302 -1.40 -24.64 -9.21
N THR B 303 -2.11 -25.71 -9.58
CA THR B 303 -1.67 -27.06 -9.28
C THR B 303 -0.43 -27.42 -10.09
N LYS B 304 0.54 -28.06 -9.45
CA LYS B 304 1.77 -28.46 -10.12
C LYS B 304 2.20 -29.84 -9.63
N VAL B 305 2.82 -30.58 -10.54
CA VAL B 305 3.44 -31.86 -10.23
C VAL B 305 4.83 -31.84 -10.83
N MET B 306 5.85 -32.07 -10.00
CA MET B 306 7.24 -32.15 -10.43
C MET B 306 7.69 -33.59 -10.22
N GLU B 307 8.01 -34.28 -11.31
CA GLU B 307 8.33 -35.70 -11.27
C GLU B 307 9.76 -35.94 -11.72
N VAL B 308 10.52 -36.67 -10.91
CA VAL B 308 11.89 -37.06 -11.23
C VAL B 308 12.06 -38.52 -10.80
N ASP B 309 12.51 -39.36 -11.72
CA ASP B 309 12.80 -40.77 -11.45
C ASP B 309 11.60 -41.49 -10.83
N GLY B 310 10.41 -41.18 -11.34
CA GLY B 310 9.22 -41.83 -10.85
C GLY B 310 8.72 -41.39 -9.49
N SER B 311 9.31 -40.34 -8.92
CA SER B 311 8.83 -39.76 -7.66
C SER B 311 8.38 -38.33 -7.92
N GLN B 312 7.32 -37.92 -7.23
CA GLN B 312 6.68 -36.64 -7.50
C GLN B 312 6.64 -35.76 -6.27
N LEU B 313 6.88 -34.46 -6.48
CA LEU B 313 6.43 -33.41 -5.59
C LEU B 313 5.12 -32.87 -6.14
N VAL B 314 4.13 -32.70 -5.27
CA VAL B 314 2.80 -32.27 -5.66
C VAL B 314 2.49 -30.97 -4.94
N LYS B 315 1.99 -29.98 -5.68
CA LYS B 315 1.65 -28.68 -5.11
C LYS B 315 0.17 -28.40 -5.34
N VAL B 316 -0.54 -28.07 -4.26
CA VAL B 316 -1.94 -27.67 -4.33
C VAL B 316 -2.10 -26.36 -3.58
N VAL B 317 -2.99 -25.50 -4.08
CA VAL B 317 -3.11 -24.12 -3.61
C VAL B 317 -4.58 -23.78 -3.42
N SER B 318 -4.90 -23.11 -2.31
CA SER B 318 -6.28 -22.70 -2.03
C SER B 318 -6.30 -21.30 -1.45
N TRP B 319 -7.28 -20.50 -1.87
CA TRP B 319 -7.49 -19.14 -1.41
C TRP B 319 -8.35 -19.11 -0.16
N TYR B 320 -8.21 -18.02 0.61
CA TYR B 320 -9.16 -17.76 1.69
C TYR B 320 -9.13 -16.29 2.07
N ASP B 321 -10.30 -15.74 2.35
CA ASP B 321 -10.37 -14.45 3.03
C ASP B 321 -10.18 -14.74 4.50
N ASN B 322 -8.98 -14.48 5.03
CA ASN B 322 -8.73 -14.80 6.43
C ASN B 322 -9.77 -14.14 7.34
N GLU B 323 -10.43 -13.06 6.89
CA GLU B 323 -11.56 -12.50 7.62
C GLU B 323 -12.86 -13.25 7.33
N MET B 324 -13.47 -13.02 6.16
CA MET B 324 -14.83 -13.55 5.98
C MET B 324 -14.85 -15.07 5.78
N SER B 325 -13.84 -15.67 5.15
CA SER B 325 -13.85 -17.12 5.00
C SER B 325 -13.82 -17.81 6.36
N TYR B 326 -12.93 -17.34 7.24
CA TYR B 326 -12.88 -17.89 8.59
C TYR B 326 -14.17 -17.62 9.33
N THR B 327 -14.70 -16.40 9.21
CA THR B 327 -15.89 -16.01 9.96
C THR B 327 -17.11 -16.83 9.51
N ALA B 328 -17.23 -17.10 8.21
CA ALA B 328 -18.33 -17.94 7.74
C ALA B 328 -18.24 -19.33 8.35
N GLN B 329 -17.02 -19.89 8.41
CA GLN B 329 -16.81 -21.19 9.05
C GLN B 329 -17.14 -21.13 10.54
N LEU B 330 -16.66 -20.08 11.22
CA LEU B 330 -16.90 -19.92 12.65
C LEU B 330 -18.39 -19.87 12.96
N VAL B 331 -19.16 -19.12 12.16
CA VAL B 331 -20.58 -18.99 12.45
C VAL B 331 -21.36 -20.24 12.05
N ARG B 332 -20.91 -20.97 11.01
CA ARG B 332 -21.51 -22.29 10.74
C ARG B 332 -21.33 -23.20 11.94
N THR B 333 -20.12 -23.23 12.51
CA THR B 333 -19.87 -24.05 13.67
C THR B 333 -20.67 -23.57 14.87
N LEU B 334 -20.73 -22.25 15.07
CA LEU B 334 -21.51 -21.70 16.18
C LEU B 334 -22.99 -22.04 16.03
N GLU B 335 -23.52 -21.93 14.82
CA GLU B 335 -24.93 -22.25 14.61
C GLU B 335 -25.22 -23.71 14.93
N TYR B 336 -24.33 -24.60 14.51
CA TYR B 336 -24.50 -26.02 14.76
C TYR B 336 -24.35 -26.36 16.24
N PHE B 337 -23.29 -25.82 16.86
CA PHE B 337 -23.05 -25.99 18.28
C PHE B 337 -24.23 -25.52 19.11
N ALA B 338 -24.79 -24.36 18.75
CA ALA B 338 -25.91 -23.81 19.52
C ALA B 338 -27.13 -24.71 19.45
N LYS B 339 -27.37 -25.31 18.28
CA LYS B 339 -28.54 -26.16 18.12
C LYS B 339 -28.47 -27.38 19.03
N ILE B 340 -27.27 -27.93 19.24
CA ILE B 340 -27.11 -29.17 19.98
C ILE B 340 -26.56 -28.94 21.38
N ALA B 341 -26.40 -27.68 21.81
CA ALA B 341 -25.81 -27.40 23.10
C ALA B 341 -26.65 -27.98 24.24
N LYS B 342 -25.96 -28.58 25.21
CA LYS B 342 -26.63 -29.14 26.39
C LYS B 342 -25.63 -29.36 27.52
N MET C 7 41.72 1.44 -22.35
CA MET C 7 41.64 0.61 -21.15
C MET C 7 40.29 0.74 -20.46
N VAL C 8 39.38 1.50 -21.07
CA VAL C 8 38.05 1.73 -20.54
C VAL C 8 37.05 1.33 -21.63
N VAL C 9 36.26 0.28 -21.36
CA VAL C 9 35.28 -0.20 -22.32
C VAL C 9 34.04 0.67 -22.25
N LYS C 10 33.57 1.15 -23.40
CA LYS C 10 32.42 2.02 -23.48
C LYS C 10 31.13 1.21 -23.60
N VAL C 11 30.13 1.61 -22.83
CA VAL C 11 28.88 0.85 -22.70
C VAL C 11 27.72 1.75 -23.10
N GLY C 12 26.72 1.16 -23.74
CA GLY C 12 25.47 1.83 -24.01
C GLY C 12 24.34 1.11 -23.31
N ILE C 13 23.32 1.87 -22.92
CA ILE C 13 22.15 1.32 -22.24
C ILE C 13 20.95 1.52 -23.15
N ASN C 14 20.28 0.42 -23.50
CA ASN C 14 19.01 0.47 -24.20
C ASN C 14 17.92 0.15 -23.19
N GLY C 15 17.09 1.14 -22.88
CA GLY C 15 16.10 0.97 -21.85
C GLY C 15 16.59 1.52 -20.55
N PHE C 16 16.38 2.82 -20.34
CA PHE C 16 16.80 3.50 -19.11
C PHE C 16 15.72 3.38 -18.04
N GLY C 17 15.32 2.14 -17.76
CA GLY C 17 14.28 1.84 -16.79
C GLY C 17 14.85 1.54 -15.42
N ARG C 18 14.14 0.70 -14.66
CA ARG C 18 14.61 0.37 -13.31
C ARG C 18 16.01 -0.25 -13.38
N ILE C 19 16.15 -1.33 -14.15
CA ILE C 19 17.44 -2.01 -14.24
C ILE C 19 18.45 -1.15 -14.99
N GLY C 20 18.01 -0.48 -16.06
CA GLY C 20 18.93 0.40 -16.80
C GLY C 20 19.49 1.52 -15.93
N ARG C 21 18.63 2.17 -15.12
CA ARG C 21 19.11 3.30 -14.33
C ARG C 21 19.96 2.84 -13.16
N LEU C 22 19.58 1.74 -12.51
CA LEU C 22 20.40 1.24 -11.42
C LEU C 22 21.73 0.71 -11.92
N ALA C 23 21.75 0.10 -13.11
CA ALA C 23 23.02 -0.31 -13.72
C ALA C 23 23.91 0.91 -13.94
N PHE C 24 23.34 1.99 -14.50
CA PHE C 24 24.10 3.22 -14.66
C PHE C 24 24.65 3.70 -13.32
N ARG C 25 23.84 3.61 -12.26
CA ARG C 25 24.29 4.03 -10.95
C ARG C 25 25.47 3.20 -10.46
N ARG C 26 25.43 1.87 -10.65
CA ARG C 26 26.51 1.03 -10.17
C ARG C 26 27.77 1.20 -11.01
N ILE C 27 27.61 1.46 -12.31
CA ILE C 27 28.77 1.67 -13.17
C ILE C 27 29.52 2.93 -12.76
N GLN C 28 28.84 3.89 -12.15
CA GLN C 28 29.50 5.09 -11.66
C GLN C 28 30.68 4.76 -10.75
N ASN C 29 30.64 3.63 -10.07
CA ASN C 29 31.64 3.28 -9.06
C ASN C 29 32.62 2.21 -9.52
N ILE C 30 32.71 1.94 -10.82
CA ILE C 30 33.73 1.03 -11.32
C ILE C 30 34.52 1.68 -12.43
N GLU C 31 35.75 1.21 -12.61
CA GLU C 31 36.76 1.85 -13.44
C GLU C 31 36.71 1.40 -14.89
N GLY C 32 36.50 0.11 -15.14
CA GLY C 32 36.74 -0.45 -16.46
C GLY C 32 35.73 -0.06 -17.52
N VAL C 33 34.53 0.35 -17.12
CA VAL C 33 33.47 0.66 -18.07
C VAL C 33 32.92 2.05 -17.78
N GLU C 34 32.38 2.66 -18.83
CA GLU C 34 31.68 3.92 -18.69
C GLU C 34 30.55 3.97 -19.70
N VAL C 35 29.41 4.49 -19.29
CA VAL C 35 28.26 4.64 -20.18
C VAL C 35 28.48 5.90 -21.01
N THR C 36 28.37 5.77 -22.33
CA THR C 36 28.51 6.93 -23.21
C THR C 36 27.29 7.19 -24.07
N ARG C 37 26.24 6.38 -23.95
CA ARG C 37 25.04 6.57 -24.77
C ARG C 37 23.87 5.88 -24.10
N ILE C 38 22.72 6.58 -24.06
CA ILE C 38 21.48 6.05 -23.51
C ILE C 38 20.43 6.14 -24.61
N ASN C 39 19.69 5.05 -24.82
CA ASN C 39 18.56 5.06 -25.73
C ASN C 39 17.30 4.61 -24.99
N ASP C 40 16.21 5.33 -25.23
CA ASP C 40 14.92 5.01 -24.64
C ASP C 40 13.84 5.51 -25.59
N LEU C 41 12.75 6.05 -25.06
CA LEU C 41 11.65 6.52 -25.89
C LEU C 41 11.15 7.90 -25.49
N THR C 42 11.98 8.69 -24.81
CA THR C 42 11.47 9.90 -24.16
C THR C 42 12.51 11.00 -24.24
N ASP C 43 12.16 12.16 -23.69
CA ASP C 43 13.01 13.34 -23.72
C ASP C 43 14.12 13.23 -22.67
N PRO C 44 15.23 13.95 -22.87
CA PRO C 44 16.32 13.90 -21.89
C PRO C 44 15.93 14.36 -20.51
N ASN C 45 15.02 15.33 -20.38
CA ASN C 45 14.65 15.78 -19.04
C ASN C 45 13.94 14.68 -18.27
N MET C 46 13.13 13.86 -18.95
CA MET C 46 12.47 12.75 -18.26
C MET C 46 13.50 11.77 -17.71
N LEU C 47 14.47 11.37 -18.54
CA LEU C 47 15.49 10.44 -18.08
C LEU C 47 16.37 11.04 -17.00
N ALA C 48 16.75 12.32 -17.15
CA ALA C 48 17.55 12.97 -16.12
C ALA C 48 16.80 13.01 -14.79
N HIS C 49 15.51 13.33 -14.83
CA HIS C 49 14.72 13.40 -13.60
C HIS C 49 14.63 12.05 -12.93
N LEU C 50 14.38 10.99 -13.71
CA LEU C 50 14.24 9.66 -13.16
C LEU C 50 15.57 9.15 -12.58
N LEU C 51 16.71 9.56 -13.16
CA LEU C 51 17.98 9.17 -12.57
C LEU C 51 18.21 9.87 -11.24
N LYS C 52 17.88 11.17 -11.17
CA LYS C 52 18.12 11.95 -9.96
C LYS C 52 17.28 11.48 -8.78
N TYR C 53 16.00 11.20 -9.01
CA TYR C 53 15.06 10.87 -7.95
C TYR C 53 14.52 9.47 -8.17
N ASP C 54 14.56 8.65 -7.11
CA ASP C 54 14.27 7.23 -7.23
C ASP C 54 13.50 6.78 -5.99
N THR C 55 12.26 6.33 -6.20
CA THR C 55 11.34 6.07 -5.09
C THR C 55 11.91 5.04 -4.12
N THR C 56 12.42 3.93 -4.62
CA THR C 56 12.88 2.84 -3.78
C THR C 56 14.38 2.83 -3.54
N GLN C 57 15.19 3.46 -4.40
CA GLN C 57 16.64 3.38 -4.27
C GLN C 57 17.29 4.71 -3.89
N GLY C 58 16.52 5.77 -3.67
CA GLY C 58 17.04 7.00 -3.11
C GLY C 58 17.66 7.94 -4.11
N ARG C 59 18.02 9.12 -3.62
CA ARG C 59 18.62 10.16 -4.45
C ARG C 59 19.91 9.69 -5.10
N PHE C 60 20.12 10.09 -6.35
CA PHE C 60 21.36 9.78 -7.04
C PHE C 60 22.56 10.41 -6.33
N ASP C 61 23.67 9.68 -6.30
CA ASP C 61 24.89 10.15 -5.64
C ASP C 61 25.71 10.96 -6.65
N GLY C 62 25.38 12.24 -6.74
CA GLY C 62 26.06 13.14 -7.66
C GLY C 62 25.07 14.15 -8.22
N THR C 63 25.52 14.88 -9.24
CA THR C 63 24.71 15.91 -9.87
C THR C 63 24.25 15.46 -11.25
N VAL C 64 23.04 15.86 -11.61
CA VAL C 64 22.45 15.53 -12.92
C VAL C 64 21.83 16.80 -13.48
N GLU C 65 22.29 17.21 -14.66
CA GLU C 65 21.83 18.46 -15.28
C GLU C 65 21.43 18.18 -16.72
N VAL C 66 20.20 18.53 -17.08
CA VAL C 66 19.71 18.31 -18.43
C VAL C 66 20.46 19.22 -19.40
N LYS C 67 20.82 18.67 -20.56
CA LYS C 67 21.51 19.42 -21.61
C LYS C 67 20.79 19.17 -22.93
N GLU C 68 21.32 19.76 -24.00
CA GLU C 68 20.77 19.56 -25.32
C GLU C 68 21.18 18.18 -25.83
N GLY C 69 20.19 17.34 -26.11
CA GLY C 69 20.47 16.01 -26.62
C GLY C 69 20.99 15.01 -25.61
N GLY C 70 20.91 15.32 -24.32
CA GLY C 70 21.39 14.39 -23.30
C GLY C 70 21.36 15.04 -21.93
N PHE C 71 22.21 14.54 -21.04
CA PHE C 71 22.38 15.18 -19.74
C PHE C 71 23.80 14.95 -19.23
N GLU C 72 24.19 15.79 -18.26
CA GLU C 72 25.50 15.72 -17.64
C GLU C 72 25.41 15.02 -16.29
N VAL C 73 26.29 14.05 -16.07
CA VAL C 73 26.42 13.39 -14.78
C VAL C 73 27.77 13.80 -14.20
N ASN C 74 27.73 14.57 -13.11
CA ASN C 74 28.94 15.10 -12.47
C ASN C 74 29.78 15.88 -13.47
N GLY C 75 29.12 16.49 -14.46
CA GLY C 75 29.79 17.31 -15.46
C GLY C 75 30.04 16.62 -16.79
N ASN C 76 29.82 15.31 -16.87
CA ASN C 76 30.14 14.55 -18.08
C ASN C 76 28.86 14.31 -18.86
N PHE C 77 28.87 14.72 -20.12
CA PHE C 77 27.68 14.60 -20.96
C PHE C 77 27.48 13.16 -21.39
N ILE C 78 26.25 12.68 -21.25
CA ILE C 78 25.82 11.39 -21.78
C ILE C 78 24.80 11.65 -22.87
N LYS C 79 25.00 11.07 -24.04
CA LYS C 79 24.07 11.25 -25.15
C LYS C 79 22.80 10.44 -24.92
N VAL C 80 21.66 11.04 -25.24
CA VAL C 80 20.35 10.40 -25.12
C VAL C 80 19.67 10.44 -26.48
N SER C 81 19.18 9.29 -26.93
CA SER C 81 18.40 9.16 -28.15
C SER C 81 17.12 8.41 -27.85
N ALA C 82 16.20 8.39 -28.82
CA ALA C 82 14.88 7.82 -28.61
C ALA C 82 14.45 6.99 -29.83
N GLU C 83 15.26 5.99 -30.17
CA GLU C 83 15.01 5.11 -31.31
C GLU C 83 14.33 3.83 -30.84
N ARG C 84 13.12 3.57 -31.34
CA ARG C 84 12.41 2.36 -30.95
C ARG C 84 13.04 1.10 -31.54
N ASP C 85 13.73 1.23 -32.68
CA ASP C 85 14.32 0.08 -33.36
C ASP C 85 15.82 0.06 -33.12
N PRO C 86 16.37 -0.99 -32.52
CA PRO C 86 17.83 -1.04 -32.32
C PRO C 86 18.65 -0.88 -33.59
N GLU C 87 18.11 -1.24 -34.75
CA GLU C 87 18.87 -1.08 -35.99
C GLU C 87 19.12 0.39 -36.30
N ASN C 88 18.36 1.30 -35.69
CA ASN C 88 18.50 2.74 -35.91
C ASN C 88 19.37 3.42 -34.86
N ILE C 89 19.86 2.70 -33.86
CA ILE C 89 20.74 3.26 -32.85
C ILE C 89 22.17 3.14 -33.35
N ASP C 90 22.81 4.28 -33.60
CA ASP C 90 24.20 4.32 -34.08
C ASP C 90 25.15 4.27 -32.88
N TRP C 91 25.19 3.11 -32.23
CA TRP C 91 26.05 2.93 -31.06
C TRP C 91 27.50 3.29 -31.37
N ALA C 92 27.95 3.07 -32.61
CA ALA C 92 29.35 3.22 -32.95
C ALA C 92 29.83 4.67 -32.88
N THR C 93 28.94 5.63 -33.10
CA THR C 93 29.39 7.03 -33.11
C THR C 93 29.71 7.54 -31.71
N ASP C 94 29.28 6.84 -30.67
CA ASP C 94 29.73 7.12 -29.31
C ASP C 94 30.70 6.07 -28.80
N GLY C 95 31.29 5.30 -29.70
CA GLY C 95 32.29 4.31 -29.35
C GLY C 95 31.79 3.16 -28.50
N VAL C 96 30.48 2.93 -28.48
CA VAL C 96 29.91 1.90 -27.60
C VAL C 96 30.31 0.53 -28.09
N GLU C 97 30.94 -0.25 -27.21
CA GLU C 97 31.37 -1.62 -27.47
C GLU C 97 30.33 -2.65 -27.04
N ILE C 98 29.77 -2.49 -25.85
CA ILE C 98 28.82 -3.42 -25.28
C ILE C 98 27.55 -2.67 -24.93
N VAL C 99 26.40 -3.24 -25.29
CA VAL C 99 25.10 -2.65 -25.00
C VAL C 99 24.45 -3.45 -23.88
N LEU C 100 23.88 -2.75 -22.91
CA LEU C 100 22.99 -3.36 -21.91
C LEU C 100 21.57 -3.29 -22.46
N GLU C 101 21.02 -4.43 -22.86
CA GLU C 101 19.70 -4.49 -23.47
C GLU C 101 18.68 -4.68 -22.34
N ALA C 102 18.09 -3.58 -21.90
CA ALA C 102 17.28 -3.56 -20.69
C ALA C 102 15.88 -3.00 -20.95
N THR C 103 15.35 -3.16 -22.18
CA THR C 103 14.02 -2.67 -22.47
C THR C 103 12.93 -3.67 -22.13
N GLY C 104 13.25 -4.95 -22.10
CA GLY C 104 12.26 -5.99 -21.97
C GLY C 104 11.63 -6.43 -23.28
N PHE C 105 12.02 -5.82 -24.41
CA PHE C 105 11.39 -6.08 -25.69
C PHE C 105 12.32 -6.72 -26.71
N PHE C 106 13.58 -6.96 -26.37
CA PHE C 106 14.53 -7.56 -27.32
C PHE C 106 15.33 -8.65 -26.64
N ALA C 107 14.67 -9.44 -25.80
CA ALA C 107 15.34 -10.41 -24.93
C ALA C 107 15.36 -11.80 -25.56
N LYS C 108 15.89 -11.86 -26.78
CA LYS C 108 16.24 -13.13 -27.39
C LYS C 108 17.40 -12.87 -28.35
N LYS C 109 18.04 -13.96 -28.79
CA LYS C 109 19.31 -13.86 -29.51
C LYS C 109 19.17 -12.97 -30.76
N GLU C 110 18.25 -13.35 -31.66
CA GLU C 110 18.12 -12.60 -32.90
C GLU C 110 17.68 -11.16 -32.65
N ALA C 111 16.83 -10.94 -31.64
CA ALA C 111 16.39 -9.59 -31.33
C ALA C 111 17.53 -8.74 -30.82
N ALA C 112 18.34 -9.28 -29.91
CA ALA C 112 19.47 -8.53 -29.39
C ALA C 112 20.51 -8.26 -30.47
N GLU C 113 20.64 -9.15 -31.46
CA GLU C 113 21.61 -8.96 -32.53
C GLU C 113 21.26 -7.79 -33.44
N LYS C 114 20.07 -7.18 -33.27
CA LYS C 114 19.76 -5.97 -34.01
C LYS C 114 20.71 -4.84 -33.62
N HIS C 115 21.29 -4.90 -32.42
CA HIS C 115 22.24 -3.89 -31.96
C HIS C 115 23.56 -3.94 -32.70
N LEU C 116 23.89 -5.07 -33.32
CA LEU C 116 25.21 -5.30 -33.89
C LEU C 116 25.25 -5.02 -35.39
N HIS C 117 24.56 -3.97 -35.83
CA HIS C 117 24.62 -3.57 -37.23
C HIS C 117 25.93 -2.83 -37.51
N ALA C 118 26.08 -2.37 -38.75
CA ALA C 118 27.36 -1.80 -39.19
C ALA C 118 27.75 -0.57 -38.39
N ASN C 119 26.78 0.21 -37.91
CA ASN C 119 27.03 1.36 -37.06
C ASN C 119 26.63 1.10 -35.61
N GLY C 120 26.51 -0.16 -35.22
CA GLY C 120 26.06 -0.53 -33.90
C GLY C 120 27.22 -0.91 -32.99
N ALA C 121 26.89 -1.71 -31.98
CA ALA C 121 27.87 -2.15 -31.00
C ALA C 121 28.50 -3.47 -31.45
N LYS C 122 29.32 -4.07 -30.59
CA LYS C 122 29.93 -5.36 -30.89
C LYS C 122 29.41 -6.50 -30.03
N LYS C 123 28.93 -6.20 -28.82
CA LYS C 123 28.35 -7.21 -27.94
C LYS C 123 27.14 -6.62 -27.22
N VAL C 124 26.27 -7.51 -26.76
CA VAL C 124 25.09 -7.09 -26.00
C VAL C 124 24.89 -8.04 -24.83
N VAL C 125 24.53 -7.47 -23.68
CA VAL C 125 24.15 -8.24 -22.50
C VAL C 125 22.67 -8.00 -22.27
N ILE C 126 21.88 -9.07 -22.39
CA ILE C 126 20.44 -8.99 -22.14
C ILE C 126 20.23 -9.02 -20.63
N THR C 127 19.51 -8.02 -20.10
CA THR C 127 19.28 -7.95 -18.66
C THR C 127 18.07 -8.78 -18.26
N ALA C 128 17.96 -9.99 -18.78
CA ALA C 128 16.79 -10.85 -18.60
C ALA C 128 17.13 -12.21 -19.16
N PRO C 129 16.33 -13.25 -18.89
CA PRO C 129 16.50 -14.50 -19.63
C PRO C 129 16.43 -14.22 -21.12
N GLY C 130 17.32 -14.84 -21.87
CA GLY C 130 17.40 -14.56 -23.30
C GLY C 130 17.22 -15.77 -24.20
N GLY C 131 16.54 -16.80 -23.70
CA GLY C 131 16.35 -18.02 -24.44
C GLY C 131 17.44 -19.03 -24.14
N ASN C 132 17.21 -20.26 -24.62
CA ASN C 132 18.06 -21.38 -24.27
C ASN C 132 19.27 -21.52 -25.20
N ASP C 133 19.48 -20.58 -26.12
CA ASP C 133 20.60 -20.62 -27.04
C ASP C 133 21.58 -19.48 -26.85
N VAL C 134 21.52 -18.77 -25.73
CA VAL C 134 22.52 -17.78 -25.37
C VAL C 134 23.08 -18.13 -24.00
N LYS C 135 24.39 -17.92 -23.82
CA LYS C 135 25.01 -18.18 -22.53
C LYS C 135 24.35 -17.32 -21.46
N THR C 136 23.99 -17.94 -20.34
CA THR C 136 23.22 -17.32 -19.28
C THR C 136 24.05 -17.37 -18.01
N VAL C 137 24.37 -16.21 -17.45
CA VAL C 137 25.43 -16.07 -16.46
C VAL C 137 24.88 -15.50 -15.16
N VAL C 138 25.09 -16.25 -14.07
CA VAL C 138 24.94 -15.75 -12.71
C VAL C 138 26.35 -15.57 -12.15
N PHE C 139 26.75 -14.32 -11.91
CA PHE C 139 28.12 -14.08 -11.47
C PHE C 139 28.41 -14.81 -10.17
N ASN C 140 29.63 -15.35 -10.08
CA ASN C 140 30.13 -16.18 -8.98
C ASN C 140 29.42 -17.53 -8.86
N THR C 141 28.53 -17.87 -9.78
CA THR C 141 28.08 -19.24 -9.92
C THR C 141 28.60 -19.90 -11.18
N ASN C 142 28.51 -19.21 -12.34
CA ASN C 142 28.95 -19.82 -13.59
C ASN C 142 29.53 -18.82 -14.57
N HIS C 143 30.08 -17.69 -14.10
CA HIS C 143 30.66 -16.76 -15.06
C HIS C 143 31.92 -17.30 -15.71
N ASP C 144 32.45 -18.44 -15.25
CA ASP C 144 33.57 -19.07 -15.92
C ASP C 144 33.21 -19.68 -17.27
N ILE C 145 31.94 -19.68 -17.69
CA ILE C 145 31.61 -20.21 -19.02
C ILE C 145 31.88 -19.20 -20.12
N LEU C 146 32.10 -17.93 -19.79
CA LEU C 146 32.40 -16.92 -20.79
C LEU C 146 33.86 -17.01 -21.22
N ASP C 147 34.08 -16.84 -22.53
CA ASP C 147 35.43 -16.70 -23.05
C ASP C 147 35.73 -15.34 -23.65
N GLY C 148 34.73 -14.47 -23.78
CA GLY C 148 34.93 -13.13 -24.31
C GLY C 148 34.66 -12.98 -25.80
N THR C 149 34.48 -14.08 -26.53
CA THR C 149 34.14 -13.98 -27.94
C THR C 149 32.63 -13.89 -28.18
N GLU C 150 31.82 -14.13 -27.15
CA GLU C 150 30.38 -14.12 -27.32
C GLU C 150 29.91 -12.75 -27.80
N THR C 151 28.85 -12.75 -28.61
CA THR C 151 28.27 -11.49 -29.06
C THR C 151 26.97 -11.15 -28.33
N VAL C 152 26.23 -12.15 -27.85
CA VAL C 152 25.04 -11.94 -27.01
C VAL C 152 25.12 -12.90 -25.84
N ILE C 153 25.01 -12.36 -24.62
CA ILE C 153 24.87 -13.16 -23.42
C ILE C 153 23.70 -12.60 -22.62
N SER C 154 23.30 -13.36 -21.60
CA SER C 154 22.18 -13.01 -20.74
C SER C 154 22.63 -13.01 -19.30
N GLY C 155 22.19 -12.00 -18.55
CA GLY C 155 22.41 -11.96 -17.13
C GLY C 155 21.34 -12.67 -16.31
N ALA C 156 20.51 -13.48 -16.97
CA ALA C 156 19.44 -14.24 -16.33
C ALA C 156 18.40 -13.32 -15.70
N SER C 157 17.54 -13.87 -14.84
CA SER C 157 16.54 -13.07 -14.13
C SER C 157 17.00 -12.80 -12.71
N CYS C 158 16.27 -11.91 -12.04
CA CYS C 158 16.47 -11.69 -10.61
C CYS C 158 16.30 -12.98 -9.83
N THR C 159 15.23 -13.73 -10.13
CA THR C 159 14.98 -14.97 -9.40
C THR C 159 16.09 -15.99 -9.63
N THR C 160 16.62 -16.06 -10.86
CA THR C 160 17.70 -17.00 -11.13
C THR C 160 18.95 -16.64 -10.32
N ASN C 161 19.29 -15.36 -10.25
CA ASN C 161 20.45 -14.96 -9.48
C ASN C 161 20.26 -15.22 -7.99
N CYS C 162 19.01 -15.20 -7.52
CA CYS C 162 18.73 -15.58 -6.14
C CYS C 162 18.85 -17.08 -5.96
N LEU C 163 18.18 -17.83 -6.84
CA LEU C 163 18.04 -19.28 -6.66
C LEU C 163 19.36 -20.00 -6.87
N ALA C 164 20.14 -19.60 -7.88
CA ALA C 164 21.25 -20.42 -8.34
C ALA C 164 22.30 -20.69 -7.26
N PRO C 165 22.87 -19.70 -6.56
CA PRO C 165 23.89 -20.06 -5.57
C PRO C 165 23.35 -20.92 -4.45
N MET C 166 22.09 -20.68 -4.03
CA MET C 166 21.49 -21.51 -3.00
C MET C 166 21.32 -22.95 -3.49
N ALA C 167 20.76 -23.11 -4.70
CA ALA C 167 20.54 -24.46 -5.23
C ALA C 167 21.86 -25.18 -5.49
N LYS C 168 22.87 -24.45 -5.97
CA LYS C 168 24.17 -25.07 -6.24
C LYS C 168 24.82 -25.57 -4.96
N ALA C 169 24.81 -24.75 -3.91
CA ALA C 169 25.44 -25.15 -2.66
C ALA C 169 24.72 -26.34 -2.03
N LEU C 170 23.39 -26.32 -2.07
CA LEU C 170 22.63 -27.44 -1.53
C LEU C 170 22.87 -28.70 -2.34
N HIS C 171 22.88 -28.57 -3.67
CA HIS C 171 23.09 -29.74 -4.53
C HIS C 171 24.49 -30.30 -4.35
N ASP C 172 25.51 -29.44 -4.33
CA ASP C 172 26.88 -29.92 -4.18
C ASP C 172 27.05 -30.68 -2.86
N ALA C 173 26.37 -30.24 -1.81
CA ALA C 173 26.59 -30.81 -0.49
C ALA C 173 25.77 -32.09 -0.27
N PHE C 174 24.54 -32.12 -0.77
CA PHE C 174 23.59 -33.17 -0.42
C PHE C 174 22.91 -33.83 -1.61
N GLY C 175 22.96 -33.25 -2.80
CA GLY C 175 22.34 -33.83 -3.98
C GLY C 175 20.84 -33.60 -4.08
N ILE C 176 20.43 -32.60 -4.86
CA ILE C 176 19.01 -32.33 -5.08
C ILE C 176 18.46 -33.38 -6.03
N GLN C 177 17.34 -34.00 -5.64
CA GLN C 177 16.65 -34.94 -6.52
C GLN C 177 15.57 -34.26 -7.35
N LYS C 178 14.75 -33.42 -6.70
CA LYS C 178 13.62 -32.75 -7.32
C LYS C 178 13.23 -31.59 -6.42
N GLY C 179 12.60 -30.57 -6.98
CA GLY C 179 12.29 -29.39 -6.19
C GLY C 179 11.20 -28.55 -6.79
N LEU C 180 10.49 -27.82 -5.91
CA LEU C 180 9.52 -26.81 -6.30
C LEU C 180 9.85 -25.50 -5.61
N MET C 181 9.71 -24.40 -6.33
CA MET C 181 10.10 -23.08 -5.86
C MET C 181 8.90 -22.15 -5.88
N THR C 182 8.76 -21.34 -4.84
CA THR C 182 7.85 -20.20 -4.85
C THR C 182 8.64 -18.95 -4.53
N THR C 183 8.54 -17.95 -5.39
CA THR C 183 9.12 -16.65 -5.06
C THR C 183 7.96 -15.70 -4.72
N ILE C 184 8.03 -15.11 -3.55
CA ILE C 184 7.13 -14.03 -3.15
C ILE C 184 7.85 -12.75 -3.54
N HIS C 185 7.35 -12.08 -4.56
CA HIS C 185 8.13 -11.14 -5.36
C HIS C 185 7.43 -9.78 -5.42
N ALA C 186 8.21 -8.71 -5.32
CA ALA C 186 7.67 -7.37 -5.46
C ALA C 186 6.94 -7.23 -6.80
N TYR C 187 5.97 -6.32 -6.85
CA TYR C 187 5.38 -6.05 -8.16
C TYR C 187 6.39 -5.31 -9.02
N THR C 188 6.23 -5.43 -10.34
CA THR C 188 7.15 -4.79 -11.28
C THR C 188 6.37 -3.98 -12.32
N GLY C 189 7.13 -3.31 -13.20
CA GLY C 189 6.55 -2.39 -14.18
C GLY C 189 5.69 -3.06 -15.23
N ASP C 190 5.75 -4.39 -15.34
CA ASP C 190 4.92 -5.10 -16.30
C ASP C 190 3.54 -5.44 -15.77
N GLN C 191 3.27 -5.18 -14.50
CA GLN C 191 1.91 -5.30 -13.98
C GLN C 191 1.21 -3.96 -14.10
N MET C 192 -0.12 -4.02 -14.16
CA MET C 192 -0.93 -2.83 -14.30
C MET C 192 -1.10 -2.14 -12.94
N ILE C 193 -1.07 -0.81 -12.95
CA ILE C 193 -1.24 -0.08 -11.70
C ILE C 193 -2.67 -0.26 -11.19
N LEU C 194 -3.64 -0.34 -12.09
CA LEU C 194 -5.02 -0.66 -11.76
C LEU C 194 -5.54 -1.65 -12.80
N ASP C 195 -6.58 -2.40 -12.43
CA ASP C 195 -7.20 -3.39 -13.31
C ASP C 195 -7.37 -2.85 -14.72
N GLY C 196 -6.73 -3.48 -15.70
CA GLY C 196 -6.91 -3.06 -17.07
C GLY C 196 -6.25 -4.02 -18.04
N PRO C 197 -6.50 -3.86 -19.34
CA PRO C 197 -5.99 -4.83 -20.32
C PRO C 197 -4.47 -4.89 -20.29
N HIS C 198 -3.96 -6.11 -20.15
CA HIS C 198 -2.52 -6.34 -20.12
C HIS C 198 -2.05 -6.67 -21.54
N ARG C 199 -1.05 -5.92 -22.02
CA ARG C 199 -0.65 -6.06 -23.41
C ARG C 199 -0.12 -7.45 -23.72
N GLY C 200 0.51 -8.10 -22.74
CA GLY C 200 0.96 -9.47 -22.89
C GLY C 200 -0.10 -10.53 -22.77
N GLY C 201 -1.35 -10.17 -22.49
CA GLY C 201 -2.42 -11.14 -22.42
C GLY C 201 -2.55 -11.89 -21.11
N ASP C 202 -1.82 -11.45 -20.09
CA ASP C 202 -1.80 -12.12 -18.79
C ASP C 202 -2.95 -11.59 -17.94
N LEU C 203 -3.92 -12.47 -17.64
CA LEU C 203 -5.11 -12.07 -16.90
C LEU C 203 -4.82 -11.73 -15.45
N ARG C 204 -3.66 -12.10 -14.94
CA ARG C 204 -3.28 -11.77 -13.57
C ARG C 204 -2.39 -10.53 -13.50
N ARG C 205 -1.48 -10.35 -14.45
CA ARG C 205 -0.75 -9.07 -14.51
C ARG C 205 -1.67 -7.92 -14.92
N ALA C 206 -2.87 -8.23 -15.43
CA ALA C 206 -3.87 -7.20 -15.70
C ALA C 206 -4.39 -6.55 -14.42
N ARG C 207 -4.21 -7.19 -13.26
CA ARG C 207 -4.84 -6.72 -12.04
C ARG C 207 -3.94 -5.73 -11.31
N ALA C 208 -4.57 -4.85 -10.53
CA ALA C 208 -3.86 -3.81 -9.79
C ALA C 208 -2.72 -4.42 -8.97
N GLY C 209 -1.47 -4.08 -9.34
CA GLY C 209 -0.32 -4.78 -8.77
C GLY C 209 -0.02 -4.44 -7.33
N ALA C 210 -0.38 -3.23 -6.90
CA ALA C 210 -0.09 -2.82 -5.53
C ALA C 210 -1.27 -3.04 -4.60
N ALA C 211 -2.28 -3.78 -5.04
CA ALA C 211 -3.49 -4.01 -4.26
C ALA C 211 -3.88 -5.49 -4.21
N ASN C 212 -2.99 -6.40 -4.62
CA ASN C 212 -3.36 -7.81 -4.75
C ASN C 212 -2.16 -8.71 -4.49
N ILE C 213 -2.45 -9.90 -3.97
CA ILE C 213 -1.57 -11.05 -4.15
C ILE C 213 -1.87 -11.66 -5.52
N VAL C 214 -0.86 -11.71 -6.39
CA VAL C 214 -1.06 -12.05 -7.80
C VAL C 214 -0.21 -13.26 -8.17
N PRO C 215 -0.78 -14.45 -8.33
CA PRO C 215 0.02 -15.58 -8.83
C PRO C 215 0.52 -15.30 -10.24
N ASN C 216 1.68 -15.87 -10.55
CA ASN C 216 2.21 -15.72 -11.89
C ASN C 216 3.22 -16.82 -12.16
N SER C 217 3.39 -17.14 -13.43
CA SER C 217 4.41 -18.11 -13.80
C SER C 217 5.80 -17.46 -13.75
N THR C 218 6.81 -18.31 -13.62
CA THR C 218 8.20 -17.88 -13.75
C THR C 218 9.02 -19.09 -14.20
N GLY C 219 9.94 -18.84 -15.12
CA GLY C 219 10.72 -19.92 -15.68
C GLY C 219 12.02 -20.20 -14.97
N ALA C 220 12.33 -19.49 -13.88
CA ALA C 220 13.64 -19.58 -13.26
C ALA C 220 13.99 -21.02 -12.89
N ALA C 221 13.05 -21.73 -12.27
CA ALA C 221 13.34 -23.07 -11.79
C ALA C 221 13.49 -24.05 -12.95
N LYS C 222 12.56 -24.00 -13.90
CA LYS C 222 12.63 -24.95 -15.02
C LYS C 222 13.86 -24.72 -15.89
N ALA C 223 14.33 -23.48 -15.97
CA ALA C 223 15.43 -23.10 -16.85
C ALA C 223 16.78 -23.08 -16.14
N ILE C 224 16.85 -23.56 -14.90
CA ILE C 224 18.07 -23.48 -14.10
C ILE C 224 19.23 -24.21 -14.77
N GLY C 225 18.93 -25.18 -15.64
CA GLY C 225 19.99 -25.94 -16.31
C GLY C 225 20.94 -25.10 -17.14
N LEU C 226 20.52 -23.90 -17.53
CA LEU C 226 21.42 -23.00 -18.24
C LEU C 226 22.55 -22.50 -17.35
N VAL C 227 22.34 -22.51 -16.04
CA VAL C 227 23.33 -22.05 -15.08
C VAL C 227 23.93 -23.22 -14.31
N ILE C 228 23.09 -24.17 -13.89
CA ILE C 228 23.54 -25.38 -13.19
C ILE C 228 23.07 -26.58 -14.01
N PRO C 229 23.91 -27.09 -14.92
CA PRO C 229 23.43 -28.14 -15.85
C PRO C 229 22.90 -29.38 -15.15
N GLU C 230 23.48 -29.77 -14.01
CA GLU C 230 23.02 -30.98 -13.33
C GLU C 230 21.61 -30.87 -12.78
N LEU C 231 21.07 -29.66 -12.67
CA LEU C 231 19.71 -29.47 -12.18
C LEU C 231 18.70 -29.24 -13.31
N ASN C 232 19.13 -29.39 -14.57
CA ASN C 232 18.16 -29.40 -15.66
C ASN C 232 17.14 -30.50 -15.43
N GLY C 233 15.86 -30.18 -15.66
CA GLY C 233 14.81 -31.17 -15.51
C GLY C 233 14.49 -31.59 -14.09
N LYS C 234 14.99 -30.87 -13.08
CA LYS C 234 14.78 -31.26 -11.69
C LYS C 234 13.89 -30.31 -10.90
N LEU C 235 13.69 -29.08 -11.38
CA LEU C 235 12.97 -28.08 -10.61
C LEU C 235 11.86 -27.45 -11.44
N ASP C 236 10.85 -26.95 -10.74
CA ASP C 236 9.82 -26.10 -11.33
C ASP C 236 9.36 -25.15 -10.25
N GLY C 237 8.48 -24.23 -10.61
CA GLY C 237 7.99 -23.32 -9.59
C GLY C 237 7.12 -22.23 -10.18
N ALA C 238 6.84 -21.24 -9.33
CA ALA C 238 5.91 -20.17 -9.66
C ALA C 238 6.20 -18.99 -8.73
N ALA C 239 5.41 -17.92 -8.91
CA ALA C 239 5.57 -16.69 -8.16
C ALA C 239 4.25 -16.25 -7.56
N GLN C 240 4.35 -15.51 -6.47
CA GLN C 240 3.25 -14.71 -5.93
C GLN C 240 3.76 -13.27 -5.87
N ARG C 241 3.24 -12.41 -6.74
CA ARG C 241 3.57 -11.00 -6.73
C ARG C 241 2.74 -10.31 -5.66
N VAL C 242 3.38 -9.48 -4.83
CA VAL C 242 2.69 -8.90 -3.66
C VAL C 242 3.02 -7.41 -3.59
N PRO C 243 2.22 -6.64 -2.83
CA PRO C 243 2.39 -5.17 -2.87
C PRO C 243 3.55 -4.60 -2.05
N VAL C 244 4.78 -4.88 -2.45
CA VAL C 244 5.91 -4.01 -2.10
C VAL C 244 6.56 -3.58 -3.41
N PRO C 245 7.07 -2.34 -3.51
CA PRO C 245 7.57 -1.85 -4.81
C PRO C 245 8.93 -2.38 -5.22
N THR C 246 9.69 -2.97 -4.29
CA THR C 246 10.85 -3.79 -4.61
C THR C 246 11.20 -4.62 -3.38
N GLY C 247 11.94 -5.70 -3.62
CA GLY C 247 12.30 -6.64 -2.57
C GLY C 247 11.52 -7.93 -2.70
N SER C 248 12.21 -9.08 -2.68
CA SER C 248 11.57 -10.36 -2.97
C SER C 248 12.26 -11.47 -2.18
N VAL C 249 11.67 -12.66 -2.20
CA VAL C 249 12.21 -13.79 -1.45
C VAL C 249 11.87 -15.07 -2.20
N THR C 250 12.82 -16.01 -2.20
CA THR C 250 12.67 -17.28 -2.91
C THR C 250 12.67 -18.43 -1.91
N GLU C 251 11.60 -19.23 -1.92
CA GLU C 251 11.53 -20.47 -1.16
C GLU C 251 11.72 -21.67 -2.08
N LEU C 252 12.52 -22.63 -1.64
CA LEU C 252 12.78 -23.84 -2.42
C LEU C 252 12.56 -25.05 -1.53
N VAL C 253 11.70 -25.97 -1.98
CA VAL C 253 11.42 -27.21 -1.28
C VAL C 253 11.91 -28.37 -2.14
N VAL C 254 12.76 -29.22 -1.57
CA VAL C 254 13.41 -30.30 -2.31
C VAL C 254 13.34 -31.59 -1.52
N THR C 255 13.60 -32.69 -2.24
CA THR C 255 14.11 -33.91 -1.61
C THR C 255 15.57 -34.07 -2.01
N LEU C 256 16.34 -34.67 -1.11
CA LEU C 256 17.79 -34.79 -1.25
C LEU C 256 18.21 -36.24 -1.20
N ASP C 257 19.41 -36.50 -1.72
CA ASP C 257 19.99 -37.83 -1.65
C ASP C 257 20.37 -38.22 -0.23
N LYS C 258 20.63 -37.25 0.65
CA LYS C 258 21.08 -37.50 2.00
C LYS C 258 20.13 -36.84 2.99
N ASN C 259 19.85 -37.52 4.10
CA ASN C 259 19.13 -36.88 5.18
C ASN C 259 20.02 -35.86 5.87
N VAL C 260 19.43 -34.73 6.29
CA VAL C 260 20.17 -33.61 6.82
C VAL C 260 19.45 -33.03 8.02
N SER C 261 20.17 -32.20 8.78
CA SER C 261 19.59 -31.37 9.82
C SER C 261 19.54 -29.93 9.35
N VAL C 262 18.71 -29.14 10.04
CA VAL C 262 18.67 -27.69 9.78
C VAL C 262 20.06 -27.08 9.95
N ASP C 263 20.78 -27.50 10.99
CA ASP C 263 22.12 -26.93 11.21
C ASP C 263 23.08 -27.30 10.09
N GLU C 264 23.00 -28.54 9.58
CA GLU C 264 23.85 -28.96 8.47
C GLU C 264 23.57 -28.14 7.22
N ILE C 265 22.30 -27.85 6.95
CA ILE C 265 21.95 -27.04 5.78
C ILE C 265 22.52 -25.64 5.93
N ASN C 266 22.26 -25.02 7.08
CA ASN C 266 22.71 -23.65 7.27
C ASN C 266 24.22 -23.56 7.19
N SER C 267 24.93 -24.55 7.73
CA SER C 267 26.39 -24.57 7.65
C SER C 267 26.86 -24.67 6.20
N ALA C 268 26.19 -25.50 5.40
CA ALA C 268 26.59 -25.63 3.99
C ALA C 268 26.40 -24.31 3.25
N MET C 269 25.34 -23.57 3.57
CA MET C 269 25.12 -22.28 2.92
C MET C 269 26.15 -21.25 3.34
N LYS C 270 26.46 -21.19 4.64
CA LYS C 270 27.45 -20.22 5.11
C LYS C 270 28.82 -20.52 4.51
N ALA C 271 29.15 -21.80 4.33
CA ALA C 271 30.45 -22.14 3.77
C ALA C 271 30.58 -21.69 2.32
N ALA C 272 29.45 -21.56 1.63
CA ALA C 272 29.43 -21.13 0.24
C ALA C 272 29.28 -19.62 0.07
N SER C 273 29.21 -18.87 1.18
CA SER C 273 28.93 -17.44 1.08
C SER C 273 30.11 -16.69 0.48
N ASN C 274 29.79 -15.64 -0.28
CA ASN C 274 30.80 -14.79 -0.91
C ASN C 274 30.16 -13.43 -1.20
N ASP C 275 30.77 -12.66 -2.10
CA ASP C 275 30.23 -11.34 -2.43
C ASP C 275 28.86 -11.42 -3.09
N SER C 276 28.57 -12.53 -3.79
CA SER C 276 27.28 -12.67 -4.45
C SER C 276 26.25 -13.36 -3.56
N PHE C 277 26.67 -14.31 -2.74
CA PHE C 277 25.78 -15.14 -1.93
C PHE C 277 26.02 -14.81 -0.46
N GLY C 278 25.12 -14.02 0.14
CA GLY C 278 25.23 -13.65 1.53
C GLY C 278 24.58 -14.65 2.47
N TYR C 279 24.87 -14.49 3.76
CA TYR C 279 24.34 -15.37 4.81
C TYR C 279 23.88 -14.53 5.98
N THR C 280 22.65 -14.78 6.47
CA THR C 280 22.21 -14.10 7.68
C THR C 280 21.42 -15.05 8.58
N GLU C 281 21.54 -14.78 9.89
CA GLU C 281 20.72 -15.41 10.91
C GLU C 281 19.81 -14.42 11.62
N ASP C 282 19.74 -13.18 11.14
CA ASP C 282 18.87 -12.16 11.74
C ASP C 282 17.48 -12.25 11.12
N PRO C 283 16.41 -12.09 11.91
CA PRO C 283 15.04 -12.23 11.37
C PRO C 283 14.59 -10.98 10.63
N ILE C 284 15.15 -10.78 9.44
CA ILE C 284 14.91 -9.57 8.65
C ILE C 284 13.60 -9.68 7.89
N VAL C 285 13.17 -8.56 7.30
CA VAL C 285 12.01 -8.51 6.41
C VAL C 285 12.44 -7.85 5.10
N SER C 286 11.49 -7.74 4.16
CA SER C 286 11.87 -7.42 2.79
C SER C 286 12.55 -6.04 2.69
N SER C 287 12.10 -5.05 3.46
CA SER C 287 12.71 -3.73 3.33
C SER C 287 14.19 -3.74 3.71
N ASP C 288 14.63 -4.73 4.49
CA ASP C 288 16.01 -4.79 4.93
C ASP C 288 16.96 -5.21 3.81
N ILE C 289 16.45 -5.77 2.71
CA ILE C 289 17.34 -6.11 1.62
C ILE C 289 17.24 -5.16 0.45
N VAL C 290 16.46 -4.08 0.57
CA VAL C 290 16.39 -3.10 -0.52
C VAL C 290 17.74 -2.41 -0.63
N GLY C 291 18.29 -2.38 -1.84
CA GLY C 291 19.57 -1.74 -2.10
C GLY C 291 20.79 -2.59 -1.81
N VAL C 292 20.63 -3.83 -1.38
CA VAL C 292 21.76 -4.70 -1.02
C VAL C 292 22.44 -5.18 -2.29
N SER C 293 23.74 -5.47 -2.20
CA SER C 293 24.51 -5.86 -3.38
C SER C 293 24.78 -7.36 -3.48
N TYR C 294 24.33 -8.16 -2.52
CA TYR C 294 24.30 -9.61 -2.74
C TYR C 294 23.30 -9.92 -3.83
N GLY C 295 23.63 -10.88 -4.70
CA GLY C 295 22.62 -11.40 -5.60
C GLY C 295 21.61 -12.29 -4.90
N SER C 296 21.95 -12.79 -3.72
CA SER C 296 21.15 -13.75 -2.99
C SER C 296 21.62 -13.70 -1.54
N LEU C 297 20.67 -13.63 -0.61
CA LEU C 297 20.98 -13.56 0.83
C LEU C 297 20.25 -14.69 1.54
N PHE C 298 20.98 -15.77 1.83
CA PHE C 298 20.38 -16.92 2.48
C PHE C 298 19.94 -16.56 3.89
N ASP C 299 18.73 -16.96 4.26
CA ASP C 299 18.14 -16.67 5.55
C ASP C 299 18.05 -17.97 6.34
N ALA C 300 19.00 -18.17 7.24
CA ALA C 300 19.05 -19.38 8.06
C ALA C 300 17.84 -19.52 8.97
N THR C 301 17.14 -18.41 9.29
CA THR C 301 15.99 -18.49 10.19
C THR C 301 14.78 -19.18 9.56
N GLN C 302 14.75 -19.34 8.24
CA GLN C 302 13.56 -19.92 7.60
C GLN C 302 13.79 -21.34 7.13
N THR C 303 14.96 -21.92 7.40
CA THR C 303 15.23 -23.30 7.01
C THR C 303 14.34 -24.27 7.77
N LYS C 304 13.82 -25.29 7.05
CA LYS C 304 12.96 -26.29 7.66
C LYS C 304 13.27 -27.67 7.10
N VAL C 305 13.12 -28.68 7.94
CA VAL C 305 13.21 -30.08 7.55
C VAL C 305 11.98 -30.79 8.08
N MET C 306 11.19 -31.40 7.20
CA MET C 306 10.03 -32.20 7.58
C MET C 306 10.29 -33.66 7.24
N GLU C 307 10.39 -34.50 8.27
CA GLU C 307 10.78 -35.90 8.10
C GLU C 307 9.64 -36.83 8.54
N VAL C 308 9.32 -37.81 7.69
CA VAL C 308 8.36 -38.85 8.00
C VAL C 308 8.90 -40.14 7.40
N ASP C 309 8.95 -41.20 8.20
CA ASP C 309 9.34 -42.52 7.71
C ASP C 309 10.73 -42.51 7.09
N GLY C 310 11.63 -41.70 7.64
CA GLY C 310 13.00 -41.66 7.18
C GLY C 310 13.25 -40.86 5.93
N SER C 311 12.24 -40.23 5.36
CA SER C 311 12.38 -39.36 4.19
C SER C 311 12.03 -37.93 4.57
N GLN C 312 12.69 -36.98 3.92
CA GLN C 312 12.59 -35.57 4.30
C GLN C 312 12.17 -34.69 3.15
N LEU C 313 11.38 -33.66 3.47
CA LEU C 313 11.25 -32.45 2.66
C LEU C 313 12.13 -31.38 3.28
N VAL C 314 12.91 -30.70 2.46
CA VAL C 314 13.85 -29.68 2.92
C VAL C 314 13.47 -28.35 2.29
N LYS C 315 13.38 -27.32 3.13
CA LYS C 315 13.04 -25.97 2.69
C LYS C 315 14.19 -25.01 2.96
N VAL C 316 14.63 -24.31 1.93
CA VAL C 316 15.66 -23.28 2.04
C VAL C 316 15.14 -22.00 1.41
N VAL C 317 15.51 -20.86 2.00
CA VAL C 317 14.96 -19.59 1.55
C VAL C 317 16.06 -18.54 1.48
N SER C 318 15.96 -17.67 0.47
CA SER C 318 16.96 -16.64 0.24
C SER C 318 16.28 -15.37 -0.23
N TRP C 319 16.74 -14.24 0.29
CA TRP C 319 16.23 -12.92 -0.05
C TRP C 319 16.96 -12.36 -1.28
N TYR C 320 16.28 -11.45 -1.98
CA TYR C 320 16.94 -10.67 -3.03
C TYR C 320 16.16 -9.40 -3.28
N ASP C 321 16.89 -8.29 -3.42
CA ASP C 321 16.29 -7.11 -4.02
C ASP C 321 16.26 -7.33 -5.52
N ASN C 322 15.09 -7.69 -6.06
CA ASN C 322 14.99 -7.94 -7.49
C ASN C 322 15.53 -6.78 -8.30
N GLU C 323 15.55 -5.57 -7.74
CA GLU C 323 16.22 -4.46 -8.39
C GLU C 323 17.72 -4.52 -8.13
N MET C 324 18.20 -4.13 -6.93
CA MET C 324 19.64 -3.89 -6.79
C MET C 324 20.46 -5.18 -6.71
N SER C 325 19.90 -6.25 -6.15
CA SER C 325 20.60 -7.53 -6.13
C SER C 325 20.89 -8.00 -7.54
N TYR C 326 19.87 -8.00 -8.39
CA TYR C 326 20.07 -8.38 -9.78
C TYR C 326 21.03 -7.43 -10.47
N THR C 327 20.88 -6.12 -10.22
CA THR C 327 21.71 -5.13 -10.89
C THR C 327 23.18 -5.27 -10.47
N ALA C 328 23.44 -5.54 -9.20
CA ALA C 328 24.81 -5.76 -8.77
C ALA C 328 25.41 -6.97 -9.48
N GLN C 329 24.62 -8.04 -9.62
CA GLN C 329 25.07 -9.22 -10.36
C GLN C 329 25.30 -8.90 -11.83
N LEU C 330 24.38 -8.13 -12.42
CA LEU C 330 24.49 -7.78 -13.84
C LEU C 330 25.75 -6.97 -14.11
N VAL C 331 26.04 -6.00 -13.24
CA VAL C 331 27.21 -5.15 -13.48
C VAL C 331 28.50 -5.92 -13.17
N ARG C 332 28.46 -6.85 -12.21
CA ARG C 332 29.63 -7.72 -12.00
C ARG C 332 29.94 -8.50 -13.27
N THR C 333 28.90 -9.05 -13.90
CA THR C 333 29.09 -9.77 -15.16
C THR C 333 29.53 -8.83 -16.28
N LEU C 334 28.90 -7.66 -16.38
CA LEU C 334 29.31 -6.70 -17.40
C LEU C 334 30.78 -6.33 -17.25
N GLU C 335 31.21 -6.08 -16.01
CA GLU C 335 32.59 -5.66 -15.76
C GLU C 335 33.57 -6.76 -16.16
N TYR C 336 33.28 -7.99 -15.77
CA TYR C 336 34.16 -9.11 -16.12
C TYR C 336 34.15 -9.38 -17.61
N PHE C 337 32.96 -9.43 -18.21
CA PHE C 337 32.82 -9.61 -19.65
C PHE C 337 33.63 -8.58 -20.41
N ALA C 338 33.61 -7.32 -19.95
CA ALA C 338 34.36 -6.27 -20.63
C ALA C 338 35.85 -6.54 -20.59
N LYS C 339 36.35 -7.11 -19.49
CA LYS C 339 37.78 -7.31 -19.34
C LYS C 339 38.31 -8.46 -20.19
N ILE C 340 37.49 -9.48 -20.44
CA ILE C 340 37.90 -10.60 -21.29
C ILE C 340 37.36 -10.47 -22.71
N ALA C 341 36.68 -9.36 -23.03
CA ALA C 341 36.08 -9.21 -24.35
C ALA C 341 37.13 -9.22 -25.44
N LYS C 342 36.84 -9.92 -26.53
CA LYS C 342 37.78 -10.03 -27.64
C LYS C 342 37.03 -10.13 -28.96
N HIS D 2 -37.72 -8.81 -17.80
CA HIS D 2 -37.18 -7.81 -18.71
C HIS D 2 -38.06 -7.65 -19.96
N HIS D 3 -39.37 -7.79 -19.76
CA HIS D 3 -40.36 -7.30 -20.73
C HIS D 3 -40.86 -5.96 -20.19
N HIS D 4 -40.53 -4.89 -20.89
CA HIS D 4 -40.91 -3.55 -20.47
C HIS D 4 -41.31 -2.74 -21.69
N HIS D 5 -41.83 -1.55 -21.43
CA HIS D 5 -42.32 -0.65 -22.47
C HIS D 5 -41.48 0.61 -22.58
N HIS D 6 -40.32 0.67 -21.93
CA HIS D 6 -39.41 1.80 -22.06
C HIS D 6 -38.72 1.68 -23.42
N MET D 7 -38.75 2.76 -24.20
CA MET D 7 -37.95 2.84 -25.41
C MET D 7 -36.48 2.59 -25.06
N VAL D 8 -35.75 1.96 -25.99
CA VAL D 8 -34.36 1.58 -25.75
C VAL D 8 -33.48 2.27 -26.78
N VAL D 9 -32.45 2.96 -26.31
CA VAL D 9 -31.40 3.49 -27.16
C VAL D 9 -30.18 2.60 -27.01
N LYS D 10 -29.58 2.21 -28.14
CA LYS D 10 -28.42 1.32 -28.10
C LYS D 10 -27.12 2.12 -27.96
N VAL D 11 -26.25 1.65 -27.07
CA VAL D 11 -25.02 2.36 -26.71
C VAL D 11 -23.81 1.49 -27.03
N GLY D 12 -22.73 2.14 -27.45
CA GLY D 12 -21.44 1.50 -27.59
C GLY D 12 -20.46 2.09 -26.61
N ILE D 13 -19.50 1.29 -26.18
CA ILE D 13 -18.46 1.75 -25.27
C ILE D 13 -17.13 1.65 -25.99
N ASN D 14 -16.45 2.78 -26.14
CA ASN D 14 -15.09 2.80 -26.67
C ASN D 14 -14.17 2.96 -25.48
N GLY D 15 -13.42 1.91 -25.18
CA GLY D 15 -12.55 1.93 -24.03
C GLY D 15 -13.22 1.28 -22.84
N PHE D 16 -13.05 -0.04 -22.75
CA PHE D 16 -13.65 -0.87 -21.69
C PHE D 16 -12.71 -0.90 -20.48
N GLY D 17 -12.40 0.29 -19.98
CA GLY D 17 -11.49 0.49 -18.85
C GLY D 17 -12.23 0.63 -17.54
N ARG D 18 -11.62 1.35 -16.59
CA ARG D 18 -12.29 1.51 -15.30
C ARG D 18 -13.66 2.17 -15.48
N ILE D 19 -13.70 3.32 -16.16
CA ILE D 19 -14.99 3.99 -16.35
C ILE D 19 -15.87 3.21 -17.32
N GLY D 20 -15.29 2.68 -18.40
CA GLY D 20 -16.09 1.93 -19.36
C GLY D 20 -16.75 0.72 -18.74
N ARG D 21 -16.00 -0.06 -17.95
CA ARG D 21 -16.58 -1.26 -17.34
C ARG D 21 -17.58 -0.92 -16.24
N LEU D 22 -17.29 0.09 -15.42
CA LEU D 22 -18.25 0.45 -14.39
C LEU D 22 -19.51 1.07 -15.01
N ALA D 23 -19.36 1.83 -16.11
CA ALA D 23 -20.54 2.30 -16.83
C ALA D 23 -21.38 1.13 -17.33
N PHE D 24 -20.74 0.12 -17.91
CA PHE D 24 -21.46 -1.07 -18.31
C PHE D 24 -22.22 -1.69 -17.14
N ARG D 25 -21.57 -1.75 -15.97
CA ARG D 25 -22.21 -2.34 -14.80
C ARG D 25 -23.46 -1.57 -14.39
N ARG D 26 -23.39 -0.23 -14.38
CA ARG D 26 -24.56 0.56 -13.98
C ARG D 26 -25.66 0.48 -15.02
N ILE D 27 -25.32 0.40 -16.30
CA ILE D 27 -26.32 0.34 -17.36
C ILE D 27 -27.15 -0.94 -17.26
N GLN D 28 -26.60 -2.00 -16.66
CA GLN D 28 -27.37 -3.22 -16.42
C GLN D 28 -28.65 -2.93 -15.65
N ASN D 29 -28.64 -1.91 -14.80
CA ASN D 29 -29.75 -1.64 -13.90
C ASN D 29 -30.65 -0.52 -14.40
N ILE D 30 -30.47 -0.07 -15.63
CA ILE D 30 -31.42 0.86 -16.24
C ILE D 30 -31.93 0.26 -17.54
N GLU D 31 -33.15 0.64 -17.91
CA GLU D 31 -33.79 -0.02 -19.03
C GLU D 31 -33.81 0.81 -20.31
N GLY D 32 -33.67 2.13 -20.23
CA GLY D 32 -33.76 2.94 -21.43
C GLY D 32 -32.54 2.86 -22.33
N VAL D 33 -31.49 2.16 -21.91
CA VAL D 33 -30.23 2.09 -22.63
C VAL D 33 -29.69 0.67 -22.56
N GLU D 34 -29.14 0.19 -23.68
CA GLU D 34 -28.52 -1.13 -23.74
C GLU D 34 -27.20 -1.05 -24.50
N VAL D 35 -26.16 -1.65 -23.94
CA VAL D 35 -24.87 -1.75 -24.62
C VAL D 35 -24.89 -2.93 -25.57
N THR D 36 -24.61 -2.67 -26.84
CA THR D 36 -24.60 -3.73 -27.85
C THR D 36 -23.24 -3.91 -28.50
N ARG D 37 -22.25 -3.11 -28.13
CA ARG D 37 -20.94 -3.16 -28.79
C ARG D 37 -19.89 -2.56 -27.88
N ILE D 38 -18.76 -3.26 -27.75
CA ILE D 38 -17.63 -2.78 -26.97
C ILE D 38 -16.42 -2.75 -27.89
N ASN D 39 -15.69 -1.65 -27.88
CA ASN D 39 -14.44 -1.55 -28.63
C ASN D 39 -13.32 -1.25 -27.66
N ASP D 40 -12.23 -1.98 -27.79
CA ASP D 40 -11.02 -1.73 -26.99
C ASP D 40 -9.82 -2.08 -27.84
N LEU D 41 -8.74 -2.59 -27.22
CA LEU D 41 -7.54 -2.95 -27.96
C LEU D 41 -7.12 -4.39 -27.70
N THR D 42 -8.02 -5.22 -27.17
CA THR D 42 -7.61 -6.54 -26.69
C THR D 42 -8.65 -7.57 -27.10
N ASP D 43 -8.47 -8.79 -26.62
CA ASP D 43 -9.28 -9.94 -26.94
C ASP D 43 -10.48 -10.04 -26.00
N PRO D 44 -11.53 -10.75 -26.41
CA PRO D 44 -12.73 -10.85 -25.55
C PRO D 44 -12.49 -11.49 -24.21
N ASN D 45 -11.59 -12.47 -24.10
N ASN D 45 -11.60 -12.50 -24.13
CA ASN D 45 -11.42 -13.08 -22.78
CA ASN D 45 -11.28 -13.13 -22.85
C ASN D 45 -10.80 -12.11 -21.78
C ASN D 45 -10.84 -12.10 -21.82
N MET D 46 -9.93 -11.21 -22.23
CA MET D 46 -9.39 -10.20 -21.32
C MET D 46 -10.48 -9.27 -20.82
N LEU D 47 -11.34 -8.79 -21.73
CA LEU D 47 -12.42 -7.91 -21.31
C LEU D 47 -13.44 -8.63 -20.44
N ALA D 48 -13.79 -9.87 -20.79
CA ALA D 48 -14.75 -10.60 -19.97
C ALA D 48 -14.21 -10.83 -18.57
N HIS D 49 -12.94 -11.19 -18.47
CA HIS D 49 -12.35 -11.43 -17.17
C HIS D 49 -12.34 -10.16 -16.32
N LEU D 50 -12.04 -9.02 -16.94
CA LEU D 50 -11.96 -7.77 -16.20
C LEU D 50 -13.34 -7.25 -15.82
N LEU D 51 -14.38 -7.63 -16.58
CA LEU D 51 -15.73 -7.32 -16.13
C LEU D 51 -16.11 -8.19 -14.95
N LYS D 52 -15.75 -9.47 -14.98
CA LYS D 52 -16.18 -10.40 -13.94
C LYS D 52 -15.53 -10.10 -12.60
N TYR D 53 -14.23 -9.78 -12.61
CA TYR D 53 -13.45 -9.61 -11.41
C TYR D 53 -12.89 -8.20 -11.37
N ASP D 54 -13.11 -7.52 -10.23
CA ASP D 54 -12.80 -6.10 -10.11
C ASP D 54 -12.22 -5.84 -8.72
N THR D 55 -10.95 -5.42 -8.69
CA THR D 55 -10.22 -5.30 -7.43
C THR D 55 -10.94 -4.40 -6.44
N THR D 56 -11.37 -3.22 -6.89
CA THR D 56 -11.96 -2.21 -6.00
C THR D 56 -13.48 -2.23 -5.97
N GLN D 57 -14.15 -2.71 -7.02
CA GLN D 57 -15.61 -2.61 -7.09
C GLN D 57 -16.31 -3.96 -6.97
N GLY D 58 -15.57 -5.05 -6.80
CA GLY D 58 -16.16 -6.32 -6.45
C GLY D 58 -16.62 -7.13 -7.66
N ARG D 59 -17.05 -8.36 -7.37
CA ARG D 59 -17.50 -9.29 -8.40
C ARG D 59 -18.67 -8.73 -9.20
N PHE D 60 -18.67 -9.01 -10.49
CA PHE D 60 -19.78 -8.61 -11.33
C PHE D 60 -21.07 -9.31 -10.89
N ASP D 61 -22.18 -8.57 -10.94
CA ASP D 61 -23.49 -9.08 -10.52
C ASP D 61 -24.17 -9.74 -11.72
N GLY D 62 -23.83 -11.00 -11.94
CA GLY D 62 -24.36 -11.73 -13.06
C GLY D 62 -23.32 -12.71 -13.58
N THR D 63 -23.62 -13.31 -14.72
CA THR D 63 -22.71 -14.25 -15.36
C THR D 63 -22.05 -13.60 -16.57
N VAL D 64 -20.79 -13.94 -16.78
CA VAL D 64 -20.01 -13.47 -17.92
C VAL D 64 -19.31 -14.68 -18.53
N GLU D 65 -19.53 -14.91 -19.82
CA GLU D 65 -18.93 -16.06 -20.48
C GLU D 65 -18.39 -15.61 -21.83
N VAL D 66 -17.11 -15.89 -22.08
CA VAL D 66 -16.50 -15.51 -23.34
C VAL D 66 -17.10 -16.33 -24.47
N LYS D 67 -17.23 -15.71 -25.65
CA LYS D 67 -17.70 -16.36 -26.86
C LYS D 67 -16.82 -15.91 -28.03
N GLU D 68 -17.09 -16.47 -29.21
CA GLU D 68 -16.39 -16.03 -30.41
C GLU D 68 -16.78 -14.58 -30.71
N GLY D 69 -15.78 -13.69 -30.70
CA GLY D 69 -16.01 -12.30 -31.07
C GLY D 69 -16.67 -11.44 -30.01
N GLY D 70 -16.76 -11.91 -28.78
CA GLY D 70 -17.40 -11.13 -27.74
C GLY D 70 -17.61 -11.98 -26.51
N PHE D 71 -18.58 -11.58 -25.69
CA PHE D 71 -18.93 -12.38 -24.52
C PHE D 71 -20.40 -12.18 -24.19
N GLU D 72 -20.97 -13.16 -23.48
CA GLU D 72 -22.36 -13.12 -23.05
C GLU D 72 -22.44 -12.62 -21.61
N VAL D 73 -23.32 -11.65 -21.38
CA VAL D 73 -23.64 -11.17 -20.05
C VAL D 73 -25.05 -11.66 -19.73
N ASN D 74 -25.15 -12.56 -18.74
CA ASN D 74 -26.43 -13.21 -18.44
C ASN D 74 -27.05 -13.83 -19.69
N GLY D 75 -26.19 -14.40 -20.54
CA GLY D 75 -26.65 -15.07 -21.74
C GLY D 75 -26.89 -14.18 -22.94
N ASN D 76 -26.68 -12.87 -22.80
CA ASN D 76 -26.86 -11.93 -23.91
C ASN D 76 -25.51 -11.58 -24.49
N PHE D 77 -25.33 -11.86 -25.79
CA PHE D 77 -24.05 -11.65 -26.45
C PHE D 77 -23.82 -10.19 -26.72
N ILE D 78 -22.61 -9.71 -26.41
CA ILE D 78 -22.17 -8.36 -26.73
C ILE D 78 -20.93 -8.47 -27.60
N LYS D 79 -20.96 -7.82 -28.76
CA LYS D 79 -19.85 -7.87 -29.68
C LYS D 79 -18.67 -7.07 -29.15
N VAL D 80 -17.47 -7.62 -29.30
CA VAL D 80 -16.23 -6.96 -28.93
C VAL D 80 -15.39 -6.80 -30.19
N SER D 81 -14.92 -5.58 -30.45
CA SER D 81 -13.94 -5.34 -31.50
C SER D 81 -12.69 -4.72 -30.89
N ALA D 82 -11.65 -4.57 -31.72
CA ALA D 82 -10.36 -4.07 -31.25
C ALA D 82 -9.79 -3.10 -32.29
N GLU D 83 -10.54 -2.04 -32.57
CA GLU D 83 -10.15 -1.04 -33.57
C GLU D 83 -9.53 0.17 -32.90
N ARG D 84 -8.27 0.45 -33.26
CA ARG D 84 -7.53 1.58 -32.68
C ARG D 84 -8.10 2.92 -33.11
N ASP D 85 -8.68 3.00 -34.32
CA ASP D 85 -9.18 4.26 -34.86
C ASP D 85 -10.70 4.26 -34.83
N PRO D 86 -11.35 5.22 -34.18
CA PRO D 86 -12.82 5.27 -34.19
C PRO D 86 -13.41 5.26 -35.59
N GLU D 87 -12.69 5.75 -36.59
CA GLU D 87 -13.22 5.76 -37.95
C GLU D 87 -13.44 4.35 -38.48
N ASN D 88 -12.80 3.35 -37.89
CA ASN D 88 -12.93 1.98 -38.34
C ASN D 88 -13.90 1.16 -37.50
N ILE D 89 -14.55 1.76 -36.51
CA ILE D 89 -15.56 1.08 -35.70
C ILE D 89 -16.90 1.22 -36.40
N ASP D 90 -17.43 0.12 -36.91
CA ASP D 90 -18.74 0.15 -37.58
C ASP D 90 -19.84 0.04 -36.52
N TRP D 91 -19.98 1.11 -35.73
CA TRP D 91 -21.01 1.16 -34.69
C TRP D 91 -22.37 0.81 -35.25
N ALA D 92 -22.68 1.30 -36.46
CA ALA D 92 -24.02 1.18 -37.01
C ALA D 92 -24.41 -0.27 -37.25
N THR D 93 -23.43 -1.15 -37.45
CA THR D 93 -23.73 -2.56 -37.64
C THR D 93 -24.49 -3.14 -36.44
N ASP D 94 -24.17 -2.67 -35.24
CA ASP D 94 -24.81 -3.14 -34.03
C ASP D 94 -25.88 -2.18 -33.53
N GLY D 95 -26.39 -1.32 -34.40
CA GLY D 95 -27.44 -0.39 -34.07
C GLY D 95 -27.08 0.69 -33.06
N VAL D 96 -25.79 0.87 -32.76
CA VAL D 96 -25.38 1.82 -31.74
C VAL D 96 -25.68 3.23 -32.21
N GLU D 97 -26.32 4.02 -31.35
CA GLU D 97 -26.58 5.42 -31.67
C GLU D 97 -25.81 6.39 -30.79
N ILE D 98 -25.47 6.02 -29.55
CA ILE D 98 -24.68 6.89 -28.68
C ILE D 98 -23.47 6.12 -28.19
N VAL D 99 -22.30 6.73 -28.30
CA VAL D 99 -21.04 6.09 -27.91
C VAL D 99 -20.53 6.75 -26.64
N LEU D 100 -20.11 5.93 -25.67
CA LEU D 100 -19.36 6.37 -24.51
C LEU D 100 -17.89 6.35 -24.88
N GLU D 101 -17.27 7.53 -24.98
CA GLU D 101 -15.87 7.67 -25.38
C GLU D 101 -15.03 7.68 -24.11
N ALA D 102 -14.54 6.50 -23.73
CA ALA D 102 -13.91 6.29 -22.43
C ALA D 102 -12.48 5.76 -22.56
N THR D 103 -11.81 6.01 -23.69
CA THR D 103 -10.42 5.58 -23.85
C THR D 103 -9.44 6.55 -23.22
N GLY D 104 -9.81 7.81 -23.05
CA GLY D 104 -8.86 8.84 -22.68
C GLY D 104 -8.05 9.39 -23.83
N PHE D 105 -8.25 8.89 -25.06
CA PHE D 105 -7.44 9.32 -26.20
C PHE D 105 -8.20 10.15 -27.21
N PHE D 106 -9.49 10.42 -27.00
CA PHE D 106 -10.29 11.17 -27.97
C PHE D 106 -11.18 12.19 -27.26
N ALA D 107 -10.64 12.84 -26.23
CA ALA D 107 -11.40 13.72 -25.36
C ALA D 107 -11.42 15.16 -25.88
N LYS D 108 -11.71 15.33 -27.16
CA LYS D 108 -11.93 16.65 -27.73
C LYS D 108 -12.96 16.52 -28.84
N LYS D 109 -13.54 17.67 -29.21
CA LYS D 109 -14.68 17.68 -30.13
C LYS D 109 -14.35 16.96 -31.44
N GLU D 110 -13.28 17.39 -32.11
CA GLU D 110 -12.93 16.80 -33.39
C GLU D 110 -12.60 15.32 -33.25
N ALA D 111 -11.94 14.95 -32.15
CA ALA D 111 -11.57 13.55 -31.94
C ALA D 111 -12.81 12.68 -31.75
N ALA D 112 -13.72 13.11 -30.88
CA ALA D 112 -14.94 12.35 -30.64
C ALA D 112 -15.79 12.24 -31.91
N GLU D 113 -15.74 13.25 -32.79
CA GLU D 113 -16.52 13.21 -34.02
C GLU D 113 -16.06 12.11 -34.97
N LYS D 114 -14.89 11.51 -34.75
CA LYS D 114 -14.47 10.39 -35.58
C LYS D 114 -15.46 9.24 -35.52
N HIS D 115 -16.18 9.12 -34.40
CA HIS D 115 -17.18 8.07 -34.25
C HIS D 115 -18.39 8.28 -35.15
N LEU D 116 -18.60 9.50 -35.67
CA LEU D 116 -19.85 9.86 -36.33
C LEU D 116 -19.77 9.73 -37.84
N HIS D 117 -19.01 8.76 -38.33
CA HIS D 117 -18.92 8.53 -39.76
C HIS D 117 -20.18 7.81 -40.25
N ALA D 118 -20.20 7.51 -41.55
CA ALA D 118 -21.42 7.04 -42.20
C ALA D 118 -21.88 5.68 -41.69
N ASN D 119 -20.95 4.85 -41.20
CA ASN D 119 -21.29 3.57 -40.57
C ASN D 119 -21.05 3.62 -39.07
N GLY D 120 -20.98 4.81 -38.49
CA GLY D 120 -20.71 5.00 -37.08
C GLY D 120 -21.96 5.29 -36.29
N ALA D 121 -21.79 6.07 -35.23
CA ALA D 121 -22.87 6.39 -34.31
C ALA D 121 -23.46 7.76 -34.64
N LYS D 122 -24.31 8.26 -33.76
CA LYS D 122 -24.97 9.54 -33.94
C LYS D 122 -24.55 10.60 -32.94
N LYS D 123 -24.24 10.21 -31.70
CA LYS D 123 -23.78 11.13 -30.66
C LYS D 123 -22.69 10.44 -29.85
N VAL D 124 -21.86 11.27 -29.20
CA VAL D 124 -20.77 10.80 -28.33
C VAL D 124 -20.86 11.53 -27.00
N VAL D 125 -20.66 10.78 -25.91
CA VAL D 125 -20.50 11.33 -24.58
C VAL D 125 -19.05 11.05 -24.18
N ILE D 126 -18.24 12.10 -24.04
CA ILE D 126 -16.88 11.97 -23.57
C ILE D 126 -16.90 11.80 -22.06
N THR D 127 -16.25 10.75 -21.58
CA THR D 127 -16.18 10.49 -20.13
C THR D 127 -15.04 11.26 -19.47
N ALA D 128 -14.86 12.52 -19.84
CA ALA D 128 -13.77 13.34 -19.36
C ALA D 128 -14.04 14.78 -19.80
N PRO D 129 -13.33 15.77 -19.25
CA PRO D 129 -13.34 17.11 -19.87
C PRO D 129 -13.05 16.99 -21.35
N GLY D 130 -13.83 17.69 -22.17
CA GLY D 130 -13.72 17.56 -23.61
C GLY D 130 -13.42 18.85 -24.35
N GLY D 131 -12.90 19.84 -23.65
CA GLY D 131 -12.58 21.12 -24.26
C GLY D 131 -13.65 22.16 -24.01
N ASN D 132 -13.32 23.40 -24.39
CA ASN D 132 -14.18 24.55 -24.12
C ASN D 132 -15.39 24.62 -25.05
N ASP D 133 -15.42 23.86 -26.15
CA ASP D 133 -16.45 24.03 -27.16
C ASP D 133 -17.44 22.87 -27.21
N VAL D 134 -17.52 22.06 -26.15
CA VAL D 134 -18.55 21.03 -26.04
C VAL D 134 -19.29 21.24 -24.72
N LYS D 135 -20.61 21.01 -24.74
CA LYS D 135 -21.39 21.13 -23.52
C LYS D 135 -20.89 20.14 -22.48
N THR D 136 -20.70 20.63 -21.26
CA THR D 136 -20.08 19.88 -20.18
C THR D 136 -21.08 19.78 -19.04
N VAL D 137 -21.49 18.56 -18.71
CA VAL D 137 -22.68 18.32 -17.91
C VAL D 137 -22.30 17.61 -16.62
N VAL D 138 -22.67 18.21 -15.49
CA VAL D 138 -22.72 17.55 -14.20
C VAL D 138 -24.18 17.29 -13.88
N PHE D 139 -24.58 16.02 -13.85
CA PHE D 139 -26.00 15.73 -13.66
C PHE D 139 -26.49 16.31 -12.35
N ASN D 140 -27.70 16.87 -12.40
CA ASN D 140 -28.39 17.55 -11.30
C ASN D 140 -27.74 18.86 -10.91
N THR D 141 -26.72 19.31 -11.65
CA THR D 141 -26.25 20.68 -11.55
C THR D 141 -26.59 21.50 -12.79
N ASN D 142 -26.35 20.94 -13.99
CA ASN D 142 -26.64 21.71 -15.19
C ASN D 142 -27.05 20.84 -16.38
N HIS D 143 -27.65 19.67 -16.14
CA HIS D 143 -28.02 18.88 -17.32
C HIS D 143 -29.17 19.51 -18.10
N ASP D 144 -29.78 20.59 -17.60
CA ASP D 144 -30.80 21.29 -18.36
C ASP D 144 -30.24 22.05 -19.55
N ILE D 145 -28.91 22.17 -19.69
CA ILE D 145 -28.36 22.84 -20.86
C ILE D 145 -28.47 21.99 -22.11
N LEU D 146 -28.76 20.70 -21.97
CA LEU D 146 -28.91 19.81 -23.11
C LEU D 146 -30.29 19.95 -23.73
N ASP D 147 -30.35 19.93 -25.05
CA ASP D 147 -31.62 19.92 -25.75
C ASP D 147 -31.82 18.67 -26.61
N GLY D 148 -30.83 17.77 -26.66
CA GLY D 148 -30.95 16.54 -27.40
C GLY D 148 -30.43 16.57 -28.81
N THR D 149 -30.17 17.77 -29.36
CA THR D 149 -29.62 17.89 -30.71
C THR D 149 -28.09 17.76 -30.74
N GLU D 150 -27.42 17.74 -29.58
CA GLU D 150 -25.97 17.74 -29.56
C GLU D 150 -25.41 16.45 -30.18
N THR D 151 -24.25 16.58 -30.82
CA THR D 151 -23.52 15.42 -31.33
C THR D 151 -22.41 14.95 -30.41
N VAL D 152 -21.76 15.87 -29.69
CA VAL D 152 -20.73 15.51 -28.73
C VAL D 152 -20.93 16.32 -27.46
N ILE D 153 -20.94 15.65 -26.32
CA ILE D 153 -21.01 16.31 -25.02
C ILE D 153 -19.96 15.67 -24.12
N SER D 154 -19.74 16.30 -22.97
CA SER D 154 -18.77 15.85 -21.98
C SER D 154 -19.46 15.64 -20.64
N GLY D 155 -19.09 14.56 -19.96
CA GLY D 155 -19.52 14.33 -18.59
C GLY D 155 -18.62 14.94 -17.55
N ALA D 156 -17.72 15.84 -17.98
CA ALA D 156 -16.72 16.48 -17.12
C ALA D 156 -15.81 15.44 -16.47
N SER D 157 -15.07 15.86 -15.44
CA SER D 157 -14.19 14.97 -14.69
C SER D 157 -14.85 14.52 -13.39
N CYS D 158 -14.19 13.55 -12.74
CA CYS D 158 -14.64 13.15 -11.40
C CYS D 158 -14.61 14.33 -10.46
N THR D 159 -13.48 15.06 -10.45
CA THR D 159 -13.35 16.19 -9.53
C THR D 159 -14.40 17.26 -9.82
N THR D 160 -14.72 17.48 -11.09
CA THR D 160 -15.74 18.47 -11.40
C THR D 160 -17.10 18.05 -10.86
N ASN D 161 -17.43 16.75 -10.96
CA ASN D 161 -18.71 16.29 -10.44
C ASN D 161 -18.76 16.36 -8.92
N CYS D 162 -17.61 16.23 -8.26
CA CYS D 162 -17.55 16.45 -6.82
C CYS D 162 -17.70 17.93 -6.49
N LEU D 163 -16.89 18.76 -7.13
CA LEU D 163 -16.81 20.17 -6.78
C LEU D 163 -18.09 20.93 -7.13
N ALA D 164 -18.68 20.63 -8.28
CA ALA D 164 -19.72 21.51 -8.83
C ALA D 164 -20.91 21.68 -7.89
N PRO D 165 -21.55 20.63 -7.38
CA PRO D 165 -22.72 20.88 -6.52
C PRO D 165 -22.36 21.58 -5.22
N MET D 166 -21.19 21.29 -4.65
CA MET D 166 -20.76 21.97 -3.44
C MET D 166 -20.53 23.45 -3.71
N ALA D 167 -19.77 23.77 -4.76
CA ALA D 167 -19.49 25.17 -5.08
C ALA D 167 -20.77 25.92 -5.47
N LYS D 168 -21.67 25.27 -6.20
CA LYS D 168 -22.91 25.92 -6.59
C LYS D 168 -23.76 26.27 -5.38
N ALA D 169 -23.96 25.30 -4.48
CA ALA D 169 -24.74 25.53 -3.27
C ALA D 169 -24.13 26.66 -2.42
N LEU D 170 -22.81 26.63 -2.23
CA LEU D 170 -22.16 27.68 -1.46
C LEU D 170 -22.32 29.05 -2.14
N HIS D 171 -22.13 29.10 -3.46
CA HIS D 171 -22.21 30.36 -4.18
C HIS D 171 -23.63 30.93 -4.15
N ASP D 172 -24.63 30.09 -4.37
CA ASP D 172 -26.01 30.57 -4.35
C ASP D 172 -26.37 31.15 -2.98
N ALA D 173 -25.92 30.50 -1.90
CA ALA D 173 -26.27 30.94 -0.56
C ALA D 173 -25.51 32.20 -0.15
N PHE D 174 -24.20 32.28 -0.44
CA PHE D 174 -23.35 33.29 0.18
C PHE D 174 -22.48 34.07 -0.78
N GLY D 175 -22.36 33.67 -2.04
CA GLY D 175 -21.54 34.41 -2.99
C GLY D 175 -20.06 34.14 -2.87
N ILE D 176 -19.54 33.24 -3.70
CA ILE D 176 -18.10 32.97 -3.71
C ILE D 176 -17.39 34.10 -4.45
N GLN D 177 -16.37 34.66 -3.80
CA GLN D 177 -15.57 35.71 -4.43
C GLN D 177 -14.38 35.12 -5.20
N LYS D 178 -13.70 34.17 -4.61
CA LYS D 178 -12.52 33.53 -5.17
C LYS D 178 -12.27 32.27 -4.34
N GLY D 179 -11.53 31.32 -4.91
CA GLY D 179 -11.27 30.10 -4.18
C GLY D 179 -10.09 29.32 -4.70
N LEU D 180 -9.53 28.49 -3.82
CA LEU D 180 -8.49 27.53 -4.19
C LEU D 180 -8.93 26.14 -3.74
N MET D 181 -8.70 25.15 -4.61
CA MET D 181 -9.12 23.78 -4.36
C MET D 181 -7.92 22.84 -4.33
N THR D 182 -7.92 21.91 -3.37
CA THR D 182 -7.01 20.77 -3.40
C THR D 182 -7.84 19.49 -3.35
N THR D 183 -7.62 18.60 -4.32
CA THR D 183 -8.22 17.28 -4.22
C THR D 183 -7.13 16.28 -3.85
N ILE D 184 -7.36 15.54 -2.77
CA ILE D 184 -6.54 14.42 -2.38
C ILE D 184 -7.17 13.20 -3.02
N HIS D 185 -6.51 12.66 -4.04
CA HIS D 185 -7.14 11.85 -5.06
C HIS D 185 -6.43 10.49 -5.18
N ALA D 186 -7.22 9.44 -5.34
CA ALA D 186 -6.67 8.11 -5.58
C ALA D 186 -5.75 8.14 -6.78
N TYR D 187 -4.77 7.22 -6.81
CA TYR D 187 -4.01 7.11 -8.05
C TYR D 187 -4.89 6.50 -9.13
N THR D 188 -4.52 6.77 -10.39
CA THR D 188 -5.29 6.28 -11.53
C THR D 188 -4.35 5.58 -12.50
N GLY D 189 -4.94 5.03 -13.57
CA GLY D 189 -4.19 4.26 -14.55
C GLY D 189 -3.20 5.07 -15.36
N ASP D 190 -3.28 6.40 -15.31
CA ASP D 190 -2.32 7.24 -16.03
C ASP D 190 -1.02 7.44 -15.27
N GLN D 191 -0.96 7.04 -14.00
CA GLN D 191 0.29 7.09 -13.26
C GLN D 191 1.05 5.78 -13.46
N MET D 192 2.37 5.84 -13.32
CA MET D 192 3.19 4.65 -13.49
C MET D 192 3.14 3.78 -12.24
N ILE D 193 3.12 2.44 -12.42
CA ILE D 193 3.13 1.57 -11.25
C ILE D 193 4.47 1.66 -10.53
N LEU D 194 5.56 1.85 -11.27
CA LEU D 194 6.88 2.10 -10.70
C LEU D 194 7.52 3.22 -11.50
N ASP D 195 8.48 3.91 -10.87
CA ASP D 195 9.22 4.99 -11.53
C ASP D 195 9.59 4.63 -12.96
N GLY D 196 9.09 5.39 -13.92
CA GLY D 196 9.43 5.15 -15.31
C GLY D 196 8.92 6.23 -16.23
N PRO D 197 9.41 6.25 -17.47
CA PRO D 197 9.01 7.30 -18.42
C PRO D 197 7.50 7.40 -18.58
N HIS D 198 6.97 8.58 -18.32
CA HIS D 198 5.54 8.84 -18.50
C HIS D 198 5.31 9.34 -19.92
N ARG D 199 4.42 8.66 -20.66
CA ARG D 199 4.22 8.98 -22.07
C ARG D 199 3.71 10.41 -22.25
N GLY D 200 2.93 10.91 -21.30
CA GLY D 200 2.46 12.28 -21.35
C GLY D 200 3.48 13.33 -20.97
N GLY D 201 4.68 12.93 -20.55
CA GLY D 201 5.71 13.89 -20.20
C GLY D 201 5.61 14.44 -18.79
N ASP D 202 4.73 13.90 -17.96
CA ASP D 202 4.53 14.39 -16.59
C ASP D 202 5.57 13.75 -15.66
N LEU D 203 6.50 14.57 -15.15
CA LEU D 203 7.57 14.07 -14.31
C LEU D 203 7.09 13.55 -12.96
N ARG D 204 5.87 13.90 -12.55
CA ARG D 204 5.32 13.38 -11.30
C ARG D 204 4.42 12.18 -11.51
N ARG D 205 3.64 12.15 -12.60
CA ARG D 205 2.95 10.91 -12.92
C ARG D 205 3.91 9.81 -13.35
N ALA D 206 5.17 10.15 -13.65
CA ALA D 206 6.20 9.15 -13.91
C ALA D 206 6.56 8.34 -12.67
N ARG D 207 6.21 8.80 -11.48
CA ARG D 207 6.67 8.15 -10.26
C ARG D 207 5.70 7.08 -9.81
N ALA D 208 6.21 6.13 -9.00
CA ALA D 208 5.43 5.00 -8.52
C ALA D 208 4.17 5.47 -7.81
N GLY D 209 2.99 5.21 -8.40
CA GLY D 209 1.78 5.85 -7.93
C GLY D 209 1.27 5.35 -6.59
N ALA D 210 1.55 4.09 -6.26
CA ALA D 210 1.08 3.52 -5.01
C ALA D 210 2.12 3.59 -3.90
N ALA D 211 3.17 4.39 -4.09
CA ALA D 211 4.25 4.49 -3.11
C ALA D 211 4.63 5.95 -2.81
N ASN D 212 3.82 6.91 -3.25
CA ASN D 212 4.17 8.32 -3.15
C ASN D 212 2.93 9.17 -2.97
N ILE D 213 3.12 10.29 -2.27
CA ILE D 213 2.24 11.45 -2.42
C ILE D 213 2.76 12.24 -3.62
N VAL D 214 1.90 12.45 -4.61
CA VAL D 214 2.28 12.96 -5.93
C VAL D 214 1.47 14.20 -6.28
N PRO D 215 2.06 15.40 -6.22
CA PRO D 215 1.33 16.60 -6.68
C PRO D 215 1.02 16.50 -8.17
N ASN D 216 -0.04 17.17 -8.58
CA ASN D 216 -0.37 17.15 -10.00
C ASN D 216 -1.36 18.27 -10.31
N SER D 217 -1.34 18.74 -11.56
CA SER D 217 -2.31 19.73 -12.02
C SER D 217 -3.70 19.10 -12.17
N THR D 218 -4.70 19.97 -12.17
CA THR D 218 -6.05 19.59 -12.53
C THR D 218 -6.80 20.85 -12.95
N GLY D 219 -7.63 20.71 -13.98
CA GLY D 219 -8.32 21.87 -14.51
C GLY D 219 -9.70 22.09 -13.94
N ALA D 220 -10.12 21.28 -12.97
CA ALA D 220 -11.51 21.30 -12.54
C ALA D 220 -11.93 22.69 -12.05
N ALA D 221 -11.10 23.32 -11.23
CA ALA D 221 -11.49 24.61 -10.66
C ALA D 221 -11.48 25.72 -11.72
N LYS D 222 -10.42 25.79 -12.52
CA LYS D 222 -10.33 26.85 -13.52
C LYS D 222 -11.43 26.73 -14.56
N ALA D 223 -11.83 25.50 -14.90
CA ALA D 223 -12.82 25.26 -15.95
C ALA D 223 -14.25 25.20 -15.43
N ILE D 224 -14.48 25.51 -14.15
CA ILE D 224 -15.80 25.37 -13.55
C ILE D 224 -16.85 26.21 -14.27
N GLY D 225 -16.44 27.24 -15.02
CA GLY D 225 -17.39 28.08 -15.72
C GLY D 225 -18.19 27.35 -16.80
N LEU D 226 -17.67 26.24 -17.30
CA LEU D 226 -18.45 25.43 -18.23
C LEU D 226 -19.68 24.81 -17.57
N VAL D 227 -19.65 24.67 -16.25
CA VAL D 227 -20.75 24.09 -15.49
C VAL D 227 -21.51 25.14 -14.68
N ILE D 228 -20.78 26.06 -14.05
CA ILE D 228 -21.36 27.16 -13.28
C ILE D 228 -20.81 28.47 -13.83
N PRO D 229 -21.51 29.11 -14.77
CA PRO D 229 -20.94 30.27 -15.44
C PRO D 229 -20.56 31.40 -14.51
N GLU D 230 -21.30 31.61 -13.41
CA GLU D 230 -20.99 32.69 -12.47
C GLU D 230 -19.64 32.51 -11.79
N LEU D 231 -19.07 31.30 -11.82
CA LEU D 231 -17.79 31.05 -11.17
C LEU D 231 -16.63 31.02 -12.14
N ASN D 232 -16.86 31.34 -13.42
CA ASN D 232 -15.77 31.49 -14.37
C ASN D 232 -14.78 32.53 -13.84
N GLY D 233 -13.49 32.19 -13.89
CA GLY D 233 -12.44 33.10 -13.48
C GLY D 233 -12.29 33.30 -11.98
N LYS D 234 -12.92 32.48 -11.15
CA LYS D 234 -12.87 32.70 -9.71
C LYS D 234 -12.11 31.64 -8.94
N LEU D 235 -11.90 30.47 -9.51
CA LEU D 235 -11.32 29.34 -8.79
C LEU D 235 -10.09 28.81 -9.51
N ASP D 236 -9.18 28.24 -8.73
CA ASP D 236 -8.06 27.47 -9.24
C ASP D 236 -7.76 26.37 -8.24
N GLY D 237 -6.85 25.47 -8.60
CA GLY D 237 -6.50 24.42 -7.68
C GLY D 237 -5.50 23.44 -8.25
N ALA D 238 -5.34 22.32 -7.54
CA ALA D 238 -4.37 21.29 -7.88
C ALA D 238 -4.75 20.01 -7.13
N ALA D 239 -3.97 18.96 -7.35
CA ALA D 239 -4.22 17.65 -6.77
C ALA D 239 -3.00 17.13 -6.02
N GLN D 240 -3.27 16.27 -5.03
CA GLN D 240 -2.30 15.37 -4.42
C GLN D 240 -2.79 13.95 -4.64
N ARG D 241 -2.14 13.22 -5.55
CA ARG D 241 -2.45 11.82 -5.76
C ARG D 241 -1.78 10.98 -4.69
N VAL D 242 -2.53 10.07 -4.07
CA VAL D 242 -2.03 9.34 -2.90
C VAL D 242 -2.35 7.86 -3.03
N PRO D 243 -1.67 6.99 -2.25
CA PRO D 243 -1.80 5.53 -2.49
C PRO D 243 -3.06 4.86 -1.94
N VAL D 244 -4.22 5.20 -2.51
CA VAL D 244 -5.40 4.35 -2.44
C VAL D 244 -5.83 4.08 -3.89
N PRO D 245 -6.30 2.87 -4.22
CA PRO D 245 -6.60 2.55 -5.63
C PRO D 245 -7.90 3.15 -6.15
N THR D 246 -8.78 3.60 -5.27
CA THR D 246 -9.90 4.46 -5.66
C THR D 246 -10.41 5.15 -4.39
N GLY D 247 -11.13 6.25 -4.60
CA GLY D 247 -11.61 7.08 -3.51
C GLY D 247 -10.84 8.38 -3.37
N SER D 248 -11.55 9.50 -3.34
CA SER D 248 -10.91 10.82 -3.36
C SER D 248 -11.72 11.79 -2.52
N VAL D 249 -11.15 12.98 -2.32
CA VAL D 249 -11.80 14.02 -1.53
C VAL D 249 -11.35 15.38 -2.04
N THR D 250 -12.29 16.34 -2.07
CA THR D 250 -12.05 17.68 -2.58
C THR D 250 -12.20 18.69 -1.44
N GLU D 251 -11.15 19.47 -1.20
CA GLU D 251 -11.19 20.61 -0.28
C GLU D 251 -11.26 21.90 -1.08
N LEU D 252 -12.15 22.81 -0.68
CA LEU D 252 -12.29 24.11 -1.31
C LEU D 252 -12.19 25.19 -0.25
N VAL D 253 -11.28 26.13 -0.42
CA VAL D 253 -11.13 27.29 0.46
C VAL D 253 -11.49 28.55 -0.33
N VAL D 254 -12.40 29.35 0.22
CA VAL D 254 -12.94 30.53 -0.48
C VAL D 254 -13.03 31.70 0.49
N THR D 255 -13.23 32.89 -0.09
CA THR D 255 -13.81 34.02 0.63
C THR D 255 -15.20 34.28 0.03
N LEU D 256 -16.10 34.76 0.87
CA LEU D 256 -17.50 34.91 0.50
C LEU D 256 -17.97 36.36 0.66
N ASP D 257 -19.05 36.69 -0.06
CA ASP D 257 -19.67 37.99 0.09
C ASP D 257 -20.26 38.21 1.47
N LYS D 258 -20.55 37.13 2.20
CA LYS D 258 -21.19 37.20 3.50
C LYS D 258 -20.37 36.44 4.53
N ASN D 259 -20.41 36.91 5.77
CA ASN D 259 -19.84 36.18 6.89
C ASN D 259 -20.79 35.07 7.32
N VAL D 260 -20.23 33.90 7.59
CA VAL D 260 -21.03 32.71 7.84
C VAL D 260 -20.50 31.98 9.06
N SER D 261 -21.33 31.10 9.60
CA SER D 261 -20.92 30.16 10.63
C SER D 261 -20.80 28.76 10.00
N VAL D 262 -20.09 27.89 10.71
CA VAL D 262 -19.99 26.50 10.27
C VAL D 262 -21.37 25.88 10.12
N ASP D 263 -22.26 26.13 11.09
CA ASP D 263 -23.60 25.55 11.03
C ASP D 263 -24.39 26.08 9.84
N GLU D 264 -24.25 27.38 9.53
CA GLU D 264 -24.93 27.94 8.38
C GLU D 264 -24.43 27.31 7.08
N ILE D 265 -23.11 27.09 6.96
CA ILE D 265 -22.56 26.43 5.79
C ILE D 265 -23.12 25.02 5.66
N ASN D 266 -23.04 24.24 6.74
CA ASN D 266 -23.52 22.86 6.70
C ASN D 266 -25.01 22.81 6.39
N SER D 267 -25.78 23.76 6.91
CA SER D 267 -27.21 23.80 6.63
C SER D 267 -27.47 24.05 5.15
N ALA D 268 -26.69 24.94 4.54
CA ALA D 268 -26.89 25.25 3.13
C ALA D 268 -26.56 24.04 2.27
N MET D 269 -25.55 23.26 2.65
CA MET D 269 -25.22 22.06 1.89
C MET D 269 -26.31 21.00 2.02
N LYS D 270 -26.82 20.78 3.25
CA LYS D 270 -27.86 19.78 3.44
C LYS D 270 -29.14 20.15 2.69
N ALA D 271 -29.47 21.45 2.66
CA ALA D 271 -30.67 21.88 1.94
C ALA D 271 -30.57 21.59 0.46
N ALA D 272 -29.35 21.50 -0.08
CA ALA D 272 -29.12 21.27 -1.49
C ALA D 272 -28.91 19.81 -1.83
N SER D 273 -28.99 18.91 -0.85
CA SER D 273 -28.70 17.50 -1.11
C SER D 273 -29.80 16.87 -1.98
N ASN D 274 -29.39 15.88 -2.78
CA ASN D 274 -30.27 15.15 -3.68
C ASN D 274 -29.55 13.85 -4.06
N ASP D 275 -30.03 13.19 -5.12
CA ASP D 275 -29.41 11.91 -5.53
C ASP D 275 -27.96 12.09 -5.93
N SER D 276 -27.59 13.27 -6.43
CA SER D 276 -26.21 13.50 -6.86
C SER D 276 -25.34 14.06 -5.76
N PHE D 277 -25.89 14.88 -4.87
CA PHE D 277 -25.12 15.59 -3.84
C PHE D 277 -25.58 15.09 -2.47
N GLY D 278 -24.78 14.23 -1.83
CA GLY D 278 -25.13 13.71 -0.52
C GLY D 278 -24.60 14.56 0.63
N TYR D 279 -25.07 14.23 1.83
CA TYR D 279 -24.72 14.95 3.05
C TYR D 279 -24.43 13.95 4.16
N THR D 280 -23.29 14.09 4.84
CA THR D 280 -23.02 13.26 6.01
C THR D 280 -22.43 14.08 7.14
N GLU D 281 -22.72 13.66 8.37
CA GLU D 281 -22.07 14.15 9.57
C GLU D 281 -21.29 13.05 10.27
N ASP D 282 -21.11 11.91 9.61
CA ASP D 282 -20.33 10.82 10.20
C ASP D 282 -18.85 10.98 9.84
N PRO D 283 -17.94 10.67 10.76
CA PRO D 283 -16.50 10.85 10.47
C PRO D 283 -15.93 9.69 9.66
N ILE D 284 -16.28 9.67 8.37
CA ILE D 284 -15.93 8.56 7.48
C ILE D 284 -14.51 8.76 6.93
N VAL D 285 -14.01 7.73 6.26
CA VAL D 285 -12.72 7.75 5.56
C VAL D 285 -12.95 7.25 4.14
N SER D 286 -11.89 7.27 3.32
CA SER D 286 -12.10 7.10 1.87
C SER D 286 -12.72 5.75 1.51
N SER D 287 -12.36 4.68 2.21
CA SER D 287 -12.93 3.39 1.81
C SER D 287 -14.46 3.37 1.98
N ASP D 288 -15.00 4.27 2.80
CA ASP D 288 -16.45 4.28 3.04
C ASP D 288 -17.23 4.83 1.85
N ILE D 289 -16.57 5.53 0.92
CA ILE D 289 -17.28 6.02 -0.26
C ILE D 289 -17.00 5.19 -1.50
N VAL D 290 -16.18 4.14 -1.41
CA VAL D 290 -15.93 3.32 -2.59
C VAL D 290 -17.23 2.67 -3.00
N GLY D 291 -17.61 2.83 -4.26
CA GLY D 291 -18.84 2.26 -4.78
C GLY D 291 -20.09 3.09 -4.58
N VAL D 292 -19.96 4.27 -3.95
CA VAL D 292 -21.11 5.13 -3.70
C VAL D 292 -21.64 5.69 -5.02
N SER D 293 -22.94 5.98 -5.04
CA SER D 293 -23.59 6.48 -6.24
C SER D 293 -23.83 7.99 -6.22
N TYR D 294 -23.51 8.67 -5.11
CA TYR D 294 -23.47 10.13 -5.13
C TYR D 294 -22.33 10.59 -6.02
N GLY D 295 -22.55 11.67 -6.77
CA GLY D 295 -21.44 12.31 -7.43
C GLY D 295 -20.54 13.06 -6.48
N SER D 296 -21.07 13.41 -5.30
CA SER D 296 -20.41 14.29 -4.34
C SER D 296 -21.07 14.05 -3.00
N LEU D 297 -20.28 13.80 -1.96
CA LEU D 297 -20.79 13.56 -0.62
C LEU D 297 -20.19 14.61 0.33
N PHE D 298 -20.97 15.64 0.62
CA PHE D 298 -20.46 16.70 1.50
C PHE D 298 -20.23 16.17 2.90
N ASP D 299 -19.10 16.54 3.48
CA ASP D 299 -18.72 16.07 4.82
C ASP D 299 -18.74 17.26 5.77
N ALA D 300 -19.81 17.36 6.55
CA ALA D 300 -19.98 18.46 7.49
C ALA D 300 -18.95 18.45 8.61
N THR D 301 -18.28 17.31 8.85
CA THR D 301 -17.30 17.26 9.94
C THR D 301 -15.99 17.98 9.59
N GLN D 302 -15.77 18.33 8.33
CA GLN D 302 -14.53 18.95 7.90
C GLN D 302 -14.67 20.44 7.60
N THR D 303 -15.88 21.01 7.77
CA THR D 303 -16.08 22.43 7.53
C THR D 303 -15.33 23.29 8.54
N LYS D 304 -14.73 24.38 8.04
CA LYS D 304 -13.96 25.29 8.88
C LYS D 304 -14.18 26.72 8.43
N VAL D 305 -14.18 27.64 9.40
CA VAL D 305 -14.19 29.07 9.16
C VAL D 305 -13.05 29.68 9.98
N MET D 306 -12.15 30.39 9.32
CA MET D 306 -11.08 31.12 9.98
C MET D 306 -11.33 32.60 9.79
N GLU D 307 -11.61 33.31 10.88
CA GLU D 307 -11.98 34.72 10.83
C GLU D 307 -10.92 35.57 11.52
N VAL D 308 -10.47 36.62 10.84
CA VAL D 308 -9.51 37.57 11.40
C VAL D 308 -9.91 38.97 10.95
N ASP D 309 -10.08 39.87 11.92
CA ASP D 309 -10.40 41.27 11.64
C ASP D 309 -11.65 41.40 10.76
N GLY D 310 -12.65 40.55 11.02
CA GLY D 310 -13.92 40.65 10.36
C GLY D 310 -14.02 39.99 8.99
N SER D 311 -12.94 39.38 8.49
CA SER D 311 -12.94 38.69 7.21
C SER D 311 -12.63 37.22 7.43
N GLN D 312 -13.25 36.36 6.62
CA GLN D 312 -13.21 34.92 6.84
C GLN D 312 -12.62 34.17 5.66
N LEU D 313 -11.86 33.12 5.95
CA LEU D 313 -11.60 32.04 5.01
C LEU D 313 -12.53 30.90 5.35
N VAL D 314 -13.16 30.31 4.34
CA VAL D 314 -14.16 29.27 4.53
C VAL D 314 -13.69 28.02 3.80
N LYS D 315 -13.72 26.87 4.49
CA LYS D 315 -13.30 25.59 3.93
C LYS D 315 -14.46 24.62 3.90
N VAL D 316 -14.74 24.03 2.73
CA VAL D 316 -15.77 23.03 2.58
C VAL D 316 -15.17 21.84 1.86
N VAL D 317 -15.64 20.64 2.22
CA VAL D 317 -15.00 19.39 1.83
C VAL D 317 -16.06 18.38 1.43
N SER D 318 -15.84 17.69 0.31
CA SER D 318 -16.78 16.71 -0.20
C SER D 318 -16.04 15.49 -0.70
N TRP D 319 -16.55 14.31 -0.36
CA TRP D 319 -15.99 13.05 -0.82
C TRP D 319 -16.50 12.67 -2.20
N TYR D 320 -15.72 11.82 -2.88
CA TYR D 320 -16.20 11.22 -4.12
C TYR D 320 -15.37 9.98 -4.44
N ASP D 321 -16.05 8.91 -4.86
CA ASP D 321 -15.35 7.79 -5.48
C ASP D 321 -15.08 8.18 -6.92
N ASN D 322 -13.84 8.55 -7.23
CA ASN D 322 -13.55 9.00 -8.60
C ASN D 322 -13.97 7.96 -9.64
N GLU D 323 -14.13 6.70 -9.22
CA GLU D 323 -14.67 5.67 -10.10
C GLU D 323 -16.20 5.68 -10.06
N MET D 324 -16.81 5.14 -9.01
CA MET D 324 -18.27 4.94 -9.07
C MET D 324 -19.08 6.23 -8.92
N SER D 325 -18.59 7.22 -8.16
CA SER D 325 -19.28 8.51 -8.10
C SER D 325 -19.40 9.12 -9.48
N TYR D 326 -18.28 9.21 -10.19
CA TYR D 326 -18.30 9.77 -11.52
C TYR D 326 -19.15 8.93 -12.46
N THR D 327 -19.03 7.61 -12.37
CA THR D 327 -19.75 6.72 -13.27
C THR D 327 -21.26 6.83 -13.06
N ALA D 328 -21.69 6.95 -11.80
CA ALA D 328 -23.12 7.14 -11.53
C ALA D 328 -23.62 8.43 -12.18
N GLN D 329 -22.85 9.52 -12.04
CA GLN D 329 -23.19 10.76 -12.71
C GLN D 329 -23.19 10.61 -14.22
N LEU D 330 -22.15 9.95 -14.74
CA LEU D 330 -22.03 9.77 -16.19
C LEU D 330 -23.22 9.01 -16.77
N VAL D 331 -23.67 7.95 -16.08
CA VAL D 331 -24.79 7.17 -16.59
C VAL D 331 -26.12 7.90 -16.38
N ARG D 332 -26.25 8.67 -15.30
CA ARG D 332 -27.43 9.53 -15.19
C ARG D 332 -27.53 10.47 -16.38
N THR D 333 -26.40 11.09 -16.73
CA THR D 333 -26.38 11.97 -17.89
C THR D 333 -26.63 11.21 -19.17
N LEU D 334 -26.01 10.04 -19.33
CA LEU D 334 -26.25 9.23 -20.53
C LEU D 334 -27.71 8.84 -20.66
N GLU D 335 -28.31 8.41 -19.55
CA GLU D 335 -29.73 8.03 -19.55
C GLU D 335 -30.61 9.21 -19.92
N TYR D 336 -30.36 10.37 -19.32
CA TYR D 336 -31.15 11.55 -19.63
C TYR D 336 -30.92 12.00 -21.08
N PHE D 337 -29.66 12.00 -21.52
CA PHE D 337 -29.33 12.38 -22.89
C PHE D 337 -30.05 11.48 -23.91
N ALA D 338 -30.07 10.17 -23.65
CA ALA D 338 -30.70 9.24 -24.57
C ALA D 338 -32.20 9.47 -24.66
N LYS D 339 -32.82 9.84 -23.54
CA LYS D 339 -34.25 10.12 -23.53
C LYS D 339 -34.61 11.27 -24.45
N ILE D 340 -33.82 12.35 -24.44
CA ILE D 340 -34.16 13.55 -25.18
C ILE D 340 -33.44 13.65 -26.52
N ALA D 341 -32.58 12.67 -26.83
CA ALA D 341 -31.78 12.71 -28.05
C ALA D 341 -32.66 12.74 -29.29
N LYS D 342 -32.21 13.49 -30.31
CA LYS D 342 -32.90 13.54 -31.59
C LYS D 342 -32.01 14.07 -32.70
PA NAD E . 6.15 5.17 18.61
O1A NAD E . 6.92 4.69 17.40
O2A NAD E . 4.94 4.34 18.91
O5B NAD E . 7.16 5.19 19.90
C5B NAD E . 6.63 5.35 21.20
C4B NAD E . 7.55 4.44 22.11
O4B NAD E . 7.25 4.68 23.37
C3B NAD E . 7.28 2.95 21.85
O3B NAD E . 8.47 2.30 21.61
C2B NAD E . 6.58 2.51 23.18
O2B NAD E . 6.85 1.07 23.45
C1B NAD E . 7.15 3.27 24.08
N9A NAD E . 6.36 3.55 25.28
C8A NAD E . 5.02 3.67 25.29
N7A NAD E . 4.62 3.95 26.55
C5A NAD E . 5.74 4.00 27.32
C6A NAD E . 5.94 4.24 28.66
N6A NAD E . 4.90 4.51 29.66
N1A NAD E . 7.18 4.23 29.16
C2A NAD E . 8.24 3.99 28.35
N3A NAD E . 8.05 3.74 27.02
C4A NAD E . 6.80 3.75 26.54
O3 NAD E . 5.65 6.68 18.40
PN NAD E . 6.45 7.87 17.63
O1N NAD E . 5.95 7.97 16.21
O2N NAD E . 7.95 7.72 17.74
O5D NAD E . 5.97 9.19 18.42
C5D NAD E . 6.50 9.43 19.68
C4D NAD E . 6.33 10.88 19.95
O4D NAD E . 6.90 11.63 19.02
C3D NAD E . 4.73 11.29 19.90
O3D NAD E . 4.58 12.25 21.00
C2D NAD E . 4.52 11.76 18.74
O2D NAD E . 3.37 12.71 18.67
C1D NAD E . 5.87 12.54 18.41
N1N NAD E . 6.16 12.75 17.10
C2N NAD E . 6.00 11.76 16.17
C3N NAD E . 6.33 12.02 14.84
C7N NAD E . 6.16 10.92 13.76
O7N NAD E . 6.19 9.74 14.00
N7N NAD E . 5.96 11.42 12.42
C4N NAD E . 6.79 13.26 14.44
C5N NAD E . 6.96 14.25 15.39
C6N NAD E . 6.65 13.97 16.72
S SO4 F . 1.37 11.10 15.97
O1 SO4 F . 1.29 9.64 16.03
O2 SO4 F . 1.26 11.65 17.32
O3 SO4 F . 2.65 11.49 15.40
O4 SO4 F . 0.26 11.60 15.16
PA NAD G . -8.73 -7.48 16.71
O1A NAD G . -7.56 -6.73 17.27
O2A NAD G . -9.31 -6.82 15.50
O5B NAD G . -9.91 -7.62 17.84
C5B NAD G . -9.60 -7.95 19.16
C4B NAD G . -10.69 -7.18 19.99
O4B NAD G . -10.55 -7.58 21.23
C3B NAD G . -10.41 -5.67 19.94
O3B NAD G . -11.54 -4.95 19.59
C2B NAD G . -9.91 -5.40 21.40
O2B NAD G . -10.22 -4.00 21.80
C1B NAD G . -10.58 -6.26 22.11
N9A NAD G . -9.97 -6.70 23.37
C8A NAD G . -8.65 -6.87 23.54
N7A NAD G . -8.45 -7.29 24.81
C5A NAD G . -9.66 -7.40 25.40
C6A NAD G . -10.07 -7.78 26.66
N6A NAD G . -9.17 -8.20 27.74
N1A NAD G . -11.36 -7.78 26.97
C2A NAD G . -12.30 -7.41 26.07
N3A NAD G . -11.91 -7.04 24.83
C4A NAD G . -10.60 -7.04 24.51
O3 NAD G . -8.18 -8.95 16.34
PN NAD G . -8.84 -10.03 15.33
O1N NAD G . -10.33 -9.81 15.23
O2N NAD G . -8.10 -9.97 14.02
O5D NAD G . -8.49 -11.45 16.01
C5D NAD G . -9.25 -11.88 17.09
C4D NAD G . -9.03 -13.35 17.23
O4D NAD G . -9.44 -13.97 16.13
C3D NAD G . -7.41 -13.71 17.38
O3D NAD G . -7.39 -14.85 18.31
C2D NAD G . -7.02 -14.01 16.21
O2D NAD G . -5.86 -14.95 16.16
C1D NAD G . -8.30 -14.75 15.58
N1N NAD G . -8.37 -14.78 14.22
C2N NAD G . -8.10 -13.68 13.46
C3N NAD G . -8.23 -13.77 12.07
C7N NAD G . -7.91 -12.56 11.16
O7N NAD G . -8.01 -11.43 11.51
N7N NAD G . -7.46 -12.94 9.82
C4N NAD G . -8.61 -14.93 11.47
C5N NAD G . -8.90 -16.04 12.23
C6N NAD G . -8.78 -15.93 13.61
S SO4 H . -3.56 -13.08 14.07
O1 SO4 H . -2.30 -13.53 13.48
O2 SO4 H . -3.78 -13.74 15.34
O3 SO4 H . -3.49 -11.64 14.26
O4 SO4 H . -4.67 -13.38 13.17
S SO4 I . 10.46 -39.09 -1.75
O1 SO4 I . 11.79 -39.64 -1.98
O2 SO4 I . 10.49 -38.23 -0.57
O3 SO4 I . 10.04 -38.33 -2.94
O4 SO4 I . 9.51 -40.17 -1.55
PA NAD J . 11.13 -0.70 -17.12
O1A NAD J . 11.31 0.01 -15.81
O2A NAD J . 9.74 -0.55 -17.71
O5B NAD J . 12.24 -0.08 -18.17
C5B NAD J . 12.20 -0.50 -19.51
C4B NAD J . 12.71 0.73 -20.32
O4B NAD J . 12.77 0.41 -21.59
C3B NAD J . 11.69 1.86 -20.19
O3B NAD J . 12.29 3.03 -19.79
C2B NAD J . 11.10 1.99 -21.64
O2B NAD J . 10.73 3.42 -21.91
C1B NAD J . 12.09 1.64 -22.37
N9A NAD J . 11.74 1.08 -23.67
C8A NAD J . 10.65 0.33 -23.91
N7A NAD J . 10.68 -0.01 -25.22
C5A NAD J . 11.80 0.49 -25.76
C6A NAD J . 12.33 0.45 -27.04
N6A NAD J . 11.74 -0.24 -28.18
N1A NAD J . 13.48 1.05 -27.30
C2A NAD J . 14.14 1.73 -26.34
N3A NAD J . 13.62 1.79 -25.08
C4A NAD J . 12.46 1.16 -24.81
O3 NAD J . 11.41 -2.29 -16.97
PN NAD J . 12.51 -2.96 -15.96
O1N NAD J . 11.83 -3.35 -14.67
O2N NAD J . 13.72 -2.06 -15.77
O5D NAD J . 13.01 -4.31 -16.71
C5D NAD J . 13.75 -4.23 -17.87
C4D NAD J . 14.33 -5.58 -18.09
O4D NAD J . 15.00 -5.96 -17.03
C3D NAD J . 13.11 -6.69 -18.30
O3D NAD J . 13.57 -7.61 -19.36
C2D NAD J . 12.97 -7.25 -17.19
O2D NAD J . 12.45 -8.65 -17.31
C1D NAD J . 14.45 -7.30 -16.60
N1N NAD J . 14.53 -7.41 -15.25
C2N NAD J . 13.76 -6.65 -14.43
C3N NAD J . 13.92 -6.80 -13.04
C7N NAD J . 13.07 -5.97 -12.05
O7N NAD J . 12.61 -4.91 -12.33
N7N NAD J . 12.87 -6.56 -10.73
C4N NAD J . 14.82 -7.68 -12.52
C5N NAD J . 15.59 -8.44 -13.35
C6N NAD J . 15.44 -8.29 -14.73
S SO4 K . 9.34 -8.85 -15.15
O1 SO4 K . 9.69 -10.26 -15.30
O2 SO4 K . 10.38 -8.14 -14.42
O3 SO4 K . 9.20 -8.28 -16.50
O4 SO4 K . 8.08 -8.74 -14.43
PA NAD L . -8.33 3.00 -18.35
O1A NAD L . -6.90 2.88 -18.78
O2A NAD L . -8.68 2.10 -17.21
O5B NAD L . -9.31 2.59 -19.63
C5B NAD L . -9.03 3.11 -20.91
C4B NAD L . -9.43 1.95 -21.90
O4B NAD L . -9.36 2.38 -23.14
C3B NAD L . -8.43 0.80 -21.78
O3B NAD L . -9.11 -0.38 -21.57
C2B NAD L . -7.64 0.84 -23.14
O2B NAD L . -7.15 -0.52 -23.53
C1B NAD L . -8.53 1.28 -23.97
N9A NAD L . -8.01 2.00 -25.13
C8A NAD L . -6.90 2.75 -25.11
N7A NAD L . -6.75 3.28 -26.35
C5A NAD L . -7.76 2.85 -27.12
C6A NAD L . -8.11 3.07 -28.45
N6A NAD L . -7.37 3.90 -29.41
N1A NAD L . -9.20 2.51 -28.96
C2A NAD L . -9.99 1.72 -28.18
N3A NAD L . -9.65 1.49 -26.88
C4A NAD L . -8.55 2.06 -26.36
O3 NAD L . -8.63 4.55 -17.99
PN NAD L . -9.92 5.11 -17.18
O1N NAD L . -9.49 5.34 -15.75
O2N NAD L . -11.10 4.17 -17.30
O5D NAD L . -10.26 6.55 -17.81
C5D NAD L . -10.91 6.62 -19.03
C4D NAD L . -11.39 8.01 -19.17
O4D NAD L . -12.25 8.32 -18.23
C3D NAD L . -10.14 9.10 -19.09
O3D NAD L . -10.48 10.13 -20.10
C2D NAD L . -10.14 9.52 -17.90
O2D NAD L . -9.59 10.91 -17.76
C1D NAD L . -11.71 9.53 -17.52
N1N NAD L . -11.99 9.44 -16.19
C2N NAD L . -11.32 8.58 -15.37
C3N NAD L . -11.69 8.55 -14.02
C7N NAD L . -10.97 7.61 -13.01
O7N NAD L . -10.41 6.61 -13.33
N7N NAD L . -11.04 8.03 -11.63
C4N NAD L . -12.66 9.36 -13.53
C5N NAD L . -13.35 10.20 -14.37
C6N NAD L . -12.98 10.23 -15.71
S SO4 M . -6.90 10.33 -15.20
O1 SO4 M . -6.21 9.05 -15.25
O2 SO4 M . -6.19 11.24 -14.30
O3 SO4 M . -6.97 10.92 -16.52
O4 SO4 M . -8.25 10.12 -14.68
S SO4 N . -10.21 39.22 1.58
O1 SO4 N . -10.41 38.30 2.71
O2 SO4 N . -9.20 40.20 1.95
O3 SO4 N . -11.47 39.90 1.30
O4 SO4 N . -9.77 38.48 0.40
#